data_9HRP
#
_entry.id   9HRP
#
_cell.length_a   92.494
_cell.length_b   76.228
_cell.length_c   99.926
_cell.angle_alpha   90.00
_cell.angle_beta   95.06
_cell.angle_gamma   90.00
#
_symmetry.space_group_name_H-M   'P 1 21 1'
#
loop_
_entity.id
_entity.type
_entity.pdbx_description
1 polymer 'Periplasmic substrate-binding transport protein'
2 non-polymer 'FE (III) ION'
3 water water
#
_entity_poly.entity_id   1
_entity_poly.type   'polypeptide(L)'
_entity_poly.pdbx_seq_one_letter_code
;SENITDMAGRSVVIPAKVERILLGEGRLFYAVSLLEGQKPFDRIVGWQGDFRKLDTQTYAVYKAKFPQVDNIPLIGNTTA
DSISPEKVLTLNPDIAIFGLSGHGPGKNSELVKQLEKAGVPVVFVDFRTSPLKNTLPSMRVLGKVLHREQQANDYIKFYE
DNVRKVTEITSKIPADKKPSVFIELRAGAMEECCGTAGKGNMGDFIDQAGGNNMAKNLLPGALGTVNLEKVLSTNPDIYI
ASGGKAPDNNAPGVSLGAQVTKEQAQSSLQTILDRKGINTLSAVKNGRSYGIWHNFYNSPYNVLAIQSFAKWFYPQQFAD
LDPNNTMNSLYSQFLAIEPTGTYWVDSTK
;
_entity_poly.pdbx_strand_id   A,B,C,D
#
# COMPACT_ATOMS: atom_id res chain seq x y z
N ILE A 4 -17.78 37.38 -3.74
CA ILE A 4 -18.26 36.19 -2.98
C ILE A 4 -19.75 36.32 -2.67
N THR A 5 -20.48 35.19 -2.81
CA THR A 5 -21.77 35.01 -2.17
C THR A 5 -21.63 33.85 -1.18
N ASP A 6 -21.90 34.10 0.10
CA ASP A 6 -21.67 33.10 1.14
C ASP A 6 -22.90 32.19 1.29
N MET A 7 -22.83 31.26 2.24
CA MET A 7 -23.84 30.22 2.37
C MET A 7 -25.10 30.76 3.05
N ALA A 8 -25.06 32.01 3.50
CA ALA A 8 -26.27 32.70 3.98
C ALA A 8 -26.78 33.67 2.92
N GLY A 9 -26.24 33.60 1.71
CA GLY A 9 -26.72 34.42 0.61
C GLY A 9 -26.17 35.86 0.64
N ARG A 10 -25.33 36.16 1.64
CA ARG A 10 -24.78 37.50 1.82
C ARG A 10 -23.64 37.73 0.84
N SER A 11 -23.57 38.96 0.30
CA SER A 11 -22.47 39.40 -0.54
C SER A 11 -21.36 39.97 0.36
N VAL A 12 -20.10 39.61 0.07
CA VAL A 12 -18.96 39.98 0.92
C VAL A 12 -17.75 40.32 0.05
N VAL A 13 -16.87 41.16 0.60
CA VAL A 13 -15.75 41.72 -0.15
C VAL A 13 -14.45 41.03 0.26
N ILE A 14 -13.74 40.49 -0.74
CA ILE A 14 -12.48 39.80 -0.49
C ILE A 14 -11.48 40.80 0.08
N PRO A 15 -11.02 40.61 1.34
CA PRO A 15 -10.00 41.47 1.90
C PRO A 15 -8.80 41.64 0.98
N ALA A 16 -8.01 42.69 1.22
CA ALA A 16 -6.81 42.93 0.44
C ALA A 16 -5.75 41.91 0.85
N LYS A 17 -5.52 41.80 2.17
CA LYS A 17 -4.61 40.82 2.74
C LYS A 17 -5.37 40.03 3.81
N VAL A 18 -4.88 38.83 4.12
CA VAL A 18 -5.42 38.01 5.20
C VAL A 18 -4.25 37.31 5.89
N GLU A 19 -3.89 37.77 7.10
CA GLU A 19 -2.87 37.13 7.91
C GLU A 19 -3.44 36.74 9.27
N ARG A 20 -4.68 37.19 9.53
CA ARG A 20 -5.33 37.02 10.82
CA ARG A 20 -5.32 37.01 10.82
C ARG A 20 -6.77 36.56 10.60
N ILE A 21 -7.03 35.28 10.87
CA ILE A 21 -8.32 34.67 10.63
C ILE A 21 -8.95 34.30 11.97
N LEU A 22 -10.23 34.64 12.09
CA LEU A 22 -10.98 34.25 13.27
C LEU A 22 -11.93 33.12 12.89
N LEU A 23 -11.87 32.02 13.66
CA LEU A 23 -12.74 30.87 13.46
C LEU A 23 -13.83 30.87 14.54
N GLY A 24 -15.04 31.23 14.11
CA GLY A 24 -16.16 31.37 15.01
C GLY A 24 -16.69 30.03 15.50
N GLU A 25 -16.45 28.99 14.69
CA GLU A 25 -16.77 27.59 15.03
C GLU A 25 -15.43 26.87 14.89
N GLY A 26 -14.94 26.23 15.94
CA GLY A 26 -13.60 25.68 15.96
C GLY A 26 -13.36 24.60 14.88
N ARG A 27 -14.38 23.82 14.57
CA ARG A 27 -14.20 22.68 13.69
C ARG A 27 -14.11 23.19 12.25
N LEU A 28 -14.28 24.50 12.03
CA LEU A 28 -14.04 25.04 10.71
C LEU A 28 -12.55 24.98 10.41
N PHE A 29 -11.75 24.66 11.44
CA PHE A 29 -10.34 24.39 11.22
C PHE A 29 -10.16 23.32 10.12
N TYR A 30 -10.99 22.26 10.14
CA TYR A 30 -10.86 21.17 9.18
C TYR A 30 -10.87 21.75 7.75
N ALA A 31 -11.76 22.68 7.43
CA ALA A 31 -11.81 23.23 6.09
C ALA A 31 -10.57 24.07 5.80
N VAL A 32 -10.13 24.80 6.83
CA VAL A 32 -9.03 25.72 6.68
C VAL A 32 -7.75 24.90 6.52
N SER A 33 -7.66 23.78 7.25
CA SER A 33 -6.48 22.93 7.18
C SER A 33 -6.18 22.54 5.73
N LEU A 34 -7.23 22.40 4.93
CA LEU A 34 -7.02 21.93 3.54
C LEU A 34 -6.38 23.03 2.70
N LEU A 35 -6.34 24.25 3.22
CA LEU A 35 -5.83 25.39 2.42
C LEU A 35 -4.52 25.92 2.98
N GLU A 36 -4.07 25.45 4.14
CA GLU A 36 -2.92 26.06 4.77
C GLU A 36 -1.64 25.23 4.61
N GLY A 37 -1.69 24.16 3.83
CA GLY A 37 -0.50 23.36 3.53
C GLY A 37 0.25 22.98 4.80
N GLN A 38 1.57 23.25 4.83
CA GLN A 38 2.44 22.81 5.92
C GLN A 38 2.41 23.77 7.10
N LYS A 39 1.77 24.94 6.92
CA LYS A 39 1.68 25.99 7.93
C LYS A 39 0.23 26.15 8.40
N PRO A 40 -0.34 25.14 9.11
CA PRO A 40 -1.77 25.10 9.40
C PRO A 40 -2.32 26.24 10.26
N PHE A 41 -1.60 26.57 11.34
CA PHE A 41 -2.07 27.49 12.37
C PHE A 41 -1.55 28.92 12.16
N ASP A 42 -0.81 29.16 11.07
CA ASP A 42 -0.01 30.36 10.96
C ASP A 42 -0.90 31.61 10.98
N ARG A 43 -2.08 31.55 10.35
CA ARG A 43 -2.94 32.71 10.18
C ARG A 43 -4.17 32.68 11.09
N ILE A 44 -4.13 31.91 12.17
CA ILE A 44 -5.30 31.73 13.01
C ILE A 44 -5.06 32.42 14.35
N VAL A 45 -5.74 33.56 14.53
CA VAL A 45 -5.49 34.48 15.64
C VAL A 45 -6.38 34.14 16.83
N GLY A 46 -7.51 33.48 16.55
CA GLY A 46 -8.32 32.89 17.60
C GLY A 46 -9.38 31.99 17.02
N TRP A 47 -9.89 31.09 17.87
CA TRP A 47 -10.93 30.15 17.49
C TRP A 47 -11.83 29.81 18.68
N GLN A 48 -13.10 29.51 18.37
CA GLN A 48 -13.99 28.84 19.30
C GLN A 48 -13.39 27.47 19.65
N GLY A 49 -13.64 27.00 20.88
CA GLY A 49 -12.88 25.88 21.42
C GLY A 49 -13.47 24.50 21.12
N ASP A 50 -14.36 24.38 20.11
CA ASP A 50 -14.95 23.06 19.85
C ASP A 50 -13.92 22.12 19.24
N PHE A 51 -13.00 22.64 18.41
CA PHE A 51 -11.94 21.78 17.86
C PHE A 51 -11.06 21.26 19.00
N ARG A 52 -10.63 22.14 19.90
CA ARG A 52 -9.71 21.74 20.96
C ARG A 52 -10.40 20.89 22.02
N LYS A 53 -11.68 21.15 22.31
CA LYS A 53 -12.34 20.49 23.44
C LYS A 53 -13.10 19.22 23.01
N LEU A 54 -13.61 19.17 21.77
CA LEU A 54 -14.41 18.05 21.33
C LEU A 54 -13.65 17.07 20.43
N ASP A 55 -12.60 17.51 19.74
CA ASP A 55 -11.77 16.62 18.94
C ASP A 55 -10.37 16.58 19.57
N THR A 56 -10.30 16.10 20.82
CA THR A 56 -9.06 16.13 21.58
C THR A 56 -8.01 15.31 20.82
N GLN A 57 -8.46 14.29 20.09
CA GLN A 57 -7.57 13.35 19.44
C GLN A 57 -6.83 14.00 18.27
N THR A 58 -7.56 14.58 17.32
CA THR A 58 -6.92 15.23 16.19
C THR A 58 -6.03 16.35 16.73
N TYR A 59 -6.52 17.03 17.77
CA TYR A 59 -5.82 18.17 18.35
C TYR A 59 -4.48 17.70 18.93
N ALA A 60 -4.51 16.64 19.72
CA ALA A 60 -3.32 16.14 20.40
C ALA A 60 -2.24 15.75 19.39
N VAL A 61 -2.67 15.27 18.21
CA VAL A 61 -1.75 14.91 17.14
C VAL A 61 -1.13 16.18 16.55
N TYR A 62 -1.94 17.23 16.42
CA TYR A 62 -1.45 18.50 15.92
C TYR A 62 -0.51 19.19 16.92
N LYS A 63 -0.78 19.01 18.23
CA LYS A 63 0.04 19.63 19.27
C LYS A 63 1.48 19.09 19.23
N ALA A 64 1.62 17.78 19.09
CA ALA A 64 2.93 17.13 19.16
C ALA A 64 3.85 17.60 18.03
N LYS A 65 3.27 18.08 16.91
CA LYS A 65 4.08 18.62 15.83
C LYS A 65 4.09 20.15 15.90
N PHE A 66 3.10 20.75 16.56
CA PHE A 66 2.97 22.21 16.62
C PHE A 66 2.53 22.63 18.02
N PRO A 67 3.44 22.78 19.02
CA PRO A 67 3.02 22.99 20.40
C PRO A 67 2.43 24.37 20.66
N GLN A 68 2.59 25.26 19.67
CA GLN A 68 2.11 26.63 19.72
C GLN A 68 0.59 26.70 19.80
N VAL A 69 -0.06 25.65 19.32
CA VAL A 69 -1.50 25.62 19.12
C VAL A 69 -2.23 25.89 20.45
N ASP A 70 -1.64 25.47 21.58
CA ASP A 70 -2.23 25.70 22.90
C ASP A 70 -2.35 27.19 23.25
N ASN A 71 -1.64 28.07 22.52
CA ASN A 71 -1.59 29.49 22.82
C ASN A 71 -2.49 30.27 21.88
N ILE A 72 -3.17 29.60 20.95
CA ILE A 72 -4.20 30.28 20.18
C ILE A 72 -5.30 30.65 21.17
N PRO A 73 -5.76 31.92 21.18
CA PRO A 73 -6.84 32.31 22.07
C PRO A 73 -8.15 31.60 21.73
N LEU A 74 -8.89 31.28 22.79
CA LEU A 74 -10.22 30.69 22.59
C LEU A 74 -11.23 31.83 22.60
N ILE A 75 -12.07 31.91 21.56
CA ILE A 75 -13.15 32.93 21.55
C ILE A 75 -14.20 32.44 22.54
N ILE A 83 -12.06 34.65 26.52
CA ILE A 83 -11.66 35.98 25.98
C ILE A 83 -12.91 36.76 25.56
N SER A 84 -13.11 37.95 26.12
CA SER A 84 -14.30 38.75 25.85
C SER A 84 -14.40 39.05 24.36
N PRO A 85 -15.60 39.32 23.81
CA PRO A 85 -15.69 39.79 22.42
C PRO A 85 -14.79 40.99 22.17
N GLU A 86 -14.72 41.87 23.16
CA GLU A 86 -13.97 43.12 23.07
C GLU A 86 -12.48 42.79 22.88
N LYS A 87 -11.95 41.90 23.74
CA LYS A 87 -10.57 41.46 23.63
C LYS A 87 -10.29 40.87 22.24
N VAL A 88 -11.26 40.17 21.62
CA VAL A 88 -10.99 39.46 20.38
C VAL A 88 -10.82 40.51 19.29
N LEU A 89 -11.50 41.66 19.44
CA LEU A 89 -11.35 42.76 18.49
C LEU A 89 -9.92 43.31 18.53
N THR A 90 -9.21 43.16 19.67
CA THR A 90 -7.83 43.62 19.77
C THR A 90 -6.93 42.75 18.89
N LEU A 91 -7.36 41.50 18.60
CA LEU A 91 -6.57 40.58 17.79
C LEU A 91 -6.55 41.05 16.33
N ASN A 92 -7.36 42.07 16.02
CA ASN A 92 -7.33 42.75 14.74
C ASN A 92 -7.50 41.74 13.62
N PRO A 93 -8.62 40.99 13.57
CA PRO A 93 -8.83 40.00 12.53
C PRO A 93 -9.08 40.61 11.17
N ASP A 94 -8.52 40.01 10.12
CA ASP A 94 -8.78 40.45 8.76
C ASP A 94 -10.12 39.91 8.29
N ILE A 95 -10.55 38.76 8.87
CA ILE A 95 -11.75 38.05 8.45
C ILE A 95 -12.19 37.09 9.54
N ALA A 96 -13.52 36.89 9.62
CA ALA A 96 -14.10 35.90 10.51
C ALA A 96 -15.01 34.96 9.73
N ILE A 97 -14.78 33.65 9.92
CA ILE A 97 -15.59 32.59 9.33
C ILE A 97 -16.47 31.98 10.41
N PHE A 98 -17.77 31.82 10.07
CA PHE A 98 -18.74 31.21 10.96
C PHE A 98 -19.52 30.12 10.22
N GLY A 99 -20.13 29.22 11.01
CA GLY A 99 -21.06 28.25 10.47
C GLY A 99 -22.41 28.91 10.25
N LEU A 100 -23.25 28.33 9.40
CA LEU A 100 -24.68 28.62 9.45
C LEU A 100 -25.17 28.26 10.88
N LYS A 107 -26.06 32.62 19.59
CA LYS A 107 -24.95 32.52 20.58
C LYS A 107 -23.77 33.36 20.10
N ASN A 108 -23.47 33.30 18.79
CA ASN A 108 -22.47 34.15 18.18
C ASN A 108 -23.10 35.33 17.44
N SER A 109 -24.29 35.75 17.86
CA SER A 109 -24.96 36.88 17.23
C SER A 109 -24.31 38.17 17.72
N GLU A 110 -23.87 38.21 18.99
CA GLU A 110 -23.23 39.40 19.53
C GLU A 110 -21.85 39.58 18.89
N LEU A 111 -21.04 38.52 18.91
CA LEU A 111 -19.69 38.59 18.37
C LEU A 111 -19.75 39.02 16.89
N VAL A 112 -20.78 38.59 16.18
CA VAL A 112 -20.88 38.90 14.75
C VAL A 112 -21.19 40.38 14.59
N LYS A 113 -22.06 40.94 15.45
CA LYS A 113 -22.50 42.33 15.33
C LYS A 113 -21.30 43.26 15.57
N GLN A 114 -20.51 42.96 16.63
CA GLN A 114 -19.33 43.74 16.97
C GLN A 114 -18.32 43.74 15.81
N LEU A 115 -18.00 42.55 15.30
CA LEU A 115 -17.06 42.42 14.19
C LEU A 115 -17.49 43.28 13.00
N GLU A 116 -18.79 43.32 12.71
CA GLU A 116 -19.29 44.05 11.55
C GLU A 116 -19.17 45.55 11.78
N LYS A 117 -19.35 45.99 13.05
CA LYS A 117 -19.22 47.39 13.39
C LYS A 117 -17.75 47.78 13.48
N ALA A 118 -16.86 46.79 13.52
CA ALA A 118 -15.42 46.98 13.45
C ALA A 118 -14.91 46.97 12.01
N GLY A 119 -15.82 46.90 11.02
CA GLY A 119 -15.45 46.84 9.62
C GLY A 119 -14.73 45.53 9.25
N VAL A 120 -14.93 44.46 10.04
CA VAL A 120 -14.39 43.13 9.77
C VAL A 120 -15.36 42.36 8.88
N PRO A 121 -14.88 41.68 7.81
CA PRO A 121 -15.77 40.88 6.98
C PRO A 121 -16.06 39.52 7.62
N VAL A 122 -17.34 39.13 7.56
CA VAL A 122 -17.81 37.90 8.17
C VAL A 122 -18.32 37.00 7.03
N VAL A 123 -17.85 35.74 7.02
CA VAL A 123 -18.30 34.77 6.03
C VAL A 123 -18.98 33.60 6.74
N PHE A 124 -20.20 33.29 6.30
CA PHE A 124 -20.90 32.09 6.74
C PHE A 124 -20.73 30.98 5.70
N VAL A 125 -20.16 29.84 6.15
CA VAL A 125 -20.05 28.61 5.36
C VAL A 125 -20.88 27.52 6.03
N ASP A 126 -21.04 26.37 5.35
CA ASP A 126 -21.86 25.24 5.87
C ASP A 126 -21.38 23.86 5.42
N PHE A 127 -21.24 22.95 6.38
CA PHE A 127 -20.90 21.53 6.08
C PHE A 127 -21.77 20.65 6.98
N ARG A 128 -22.78 21.21 7.64
CA ARG A 128 -23.57 20.46 8.65
C ARG A 128 -25.05 20.31 8.27
N THR A 129 -25.73 21.39 7.91
CA THR A 129 -27.19 21.32 7.64
C THR A 129 -27.42 20.76 6.26
N SER A 130 -26.77 21.32 5.25
CA SER A 130 -26.97 20.88 3.85
C SER A 130 -25.61 20.58 3.20
N PRO A 131 -24.94 19.49 3.61
CA PRO A 131 -23.56 19.18 3.11
C PRO A 131 -23.51 18.98 1.60
N LEU A 132 -24.51 18.35 1.01
CA LEU A 132 -24.49 18.07 -0.42
C LEU A 132 -24.48 19.39 -1.19
N LYS A 133 -25.44 20.26 -0.86
CA LYS A 133 -25.56 21.56 -1.52
C LYS A 133 -24.29 22.40 -1.29
N ASN A 134 -23.75 22.38 -0.05
CA ASN A 134 -22.91 23.47 0.41
C ASN A 134 -21.45 23.10 0.63
N THR A 135 -21.07 21.82 0.64
CA THR A 135 -19.70 21.50 1.05
C THR A 135 -18.72 22.18 0.09
N LEU A 136 -18.98 22.09 -1.21
CA LEU A 136 -18.01 22.54 -2.18
C LEU A 136 -18.12 24.05 -2.35
N PRO A 137 -19.31 24.63 -2.57
CA PRO A 137 -19.47 26.07 -2.50
C PRO A 137 -18.77 26.68 -1.28
N SER A 138 -18.88 26.03 -0.12
CA SER A 138 -18.20 26.49 1.07
C SER A 138 -16.69 26.54 0.82
N MET A 139 -16.12 25.49 0.21
CA MET A 139 -14.68 25.47 -0.05
C MET A 139 -14.30 26.51 -1.12
N ARG A 140 -15.14 26.70 -2.14
CA ARG A 140 -14.89 27.64 -3.21
C ARG A 140 -14.78 29.05 -2.62
N VAL A 141 -15.69 29.36 -1.67
CA VAL A 141 -15.75 30.65 -1.03
C VAL A 141 -14.50 30.85 -0.16
N LEU A 142 -14.24 29.93 0.76
CA LEU A 142 -13.04 30.02 1.56
C LEU A 142 -11.79 30.16 0.68
N GLY A 143 -11.82 29.57 -0.53
CA GLY A 143 -10.68 29.68 -1.44
C GLY A 143 -10.40 31.14 -1.77
N LYS A 144 -11.46 31.86 -2.13
CA LYS A 144 -11.33 33.23 -2.56
C LYS A 144 -10.99 34.15 -1.38
N VAL A 145 -11.82 34.08 -0.33
CA VAL A 145 -11.73 35.06 0.74
C VAL A 145 -10.48 34.83 1.59
N LEU A 146 -9.79 33.68 1.48
CA LEU A 146 -8.57 33.47 2.26
C LEU A 146 -7.33 33.38 1.37
N HIS A 147 -7.47 33.75 0.09
CA HIS A 147 -6.37 33.84 -0.86
C HIS A 147 -5.67 32.48 -0.98
N ARG A 148 -6.47 31.46 -1.27
CA ARG A 148 -5.94 30.08 -1.38
C ARG A 148 -6.81 29.37 -2.42
N GLU A 149 -7.15 30.05 -3.51
CA GLU A 149 -8.06 29.51 -4.55
C GLU A 149 -7.54 28.19 -5.16
N GLN A 150 -6.23 28.05 -5.33
CA GLN A 150 -5.70 26.83 -5.99
C GLN A 150 -5.91 25.63 -5.06
N GLN A 151 -5.50 25.77 -3.80
CA GLN A 151 -5.60 24.62 -2.87
C GLN A 151 -7.08 24.23 -2.77
N ALA A 152 -7.96 25.21 -2.83
CA ALA A 152 -9.41 24.93 -2.76
C ALA A 152 -9.83 24.22 -4.03
N ASN A 153 -9.48 24.78 -5.20
CA ASN A 153 -9.87 24.17 -6.49
C ASN A 153 -9.29 22.75 -6.57
N ASP A 154 -8.11 22.56 -6.01
CA ASP A 154 -7.49 21.22 -5.96
C ASP A 154 -8.34 20.28 -5.11
N TYR A 155 -8.64 20.67 -3.88
CA TYR A 155 -9.43 19.79 -2.97
C TYR A 155 -10.76 19.54 -3.62
N ILE A 156 -11.31 20.57 -4.25
CA ILE A 156 -12.61 20.37 -4.86
C ILE A 156 -12.57 19.25 -5.91
N LYS A 157 -11.59 19.30 -6.83
CA LYS A 157 -11.45 18.29 -7.87
C LYS A 157 -11.22 16.93 -7.21
N PHE A 158 -10.36 16.89 -6.18
CA PHE A 158 -10.11 15.65 -5.46
C PHE A 158 -11.37 15.11 -4.79
N TYR A 159 -12.20 16.00 -4.22
CA TYR A 159 -13.45 15.61 -3.59
C TYR A 159 -14.41 15.09 -4.66
N GLU A 160 -14.59 15.87 -5.74
CA GLU A 160 -15.52 15.52 -6.79
C GLU A 160 -15.21 14.12 -7.34
N ASP A 161 -13.93 13.84 -7.60
CA ASP A 161 -13.50 12.60 -8.22
C ASP A 161 -13.79 11.44 -7.26
N ASN A 162 -13.55 11.65 -5.97
CA ASN A 162 -13.73 10.59 -4.99
C ASN A 162 -15.21 10.36 -4.70
N VAL A 163 -16.05 11.38 -4.96
CA VAL A 163 -17.49 11.24 -4.82
C VAL A 163 -18.11 10.64 -6.09
N ARG A 164 -17.55 10.94 -7.26
CA ARG A 164 -18.05 10.41 -8.51
C ARG A 164 -17.87 8.88 -8.54
N LYS A 165 -16.80 8.38 -7.90
CA LYS A 165 -16.57 6.94 -7.83
C LYS A 165 -17.80 6.25 -7.25
N VAL A 166 -18.56 7.00 -6.44
CA VAL A 166 -19.75 6.49 -5.79
C VAL A 166 -21.00 6.84 -6.57
N THR A 167 -21.19 8.11 -6.88
CA THR A 167 -22.43 8.55 -7.52
C THR A 167 -22.58 7.94 -8.91
N GLU A 168 -21.49 7.60 -9.60
CA GLU A 168 -21.59 6.99 -10.94
C GLU A 168 -22.41 5.69 -10.88
N ILE A 169 -22.32 4.99 -9.74
CA ILE A 169 -23.04 3.73 -9.56
C ILE A 169 -24.39 3.98 -8.89
N THR A 170 -24.40 4.72 -7.76
CA THR A 170 -25.58 4.85 -6.93
C THR A 170 -26.65 5.75 -7.54
N SER A 171 -26.26 6.68 -8.41
CA SER A 171 -27.23 7.60 -9.01
C SER A 171 -28.26 6.86 -9.86
N LYS A 172 -27.92 5.66 -10.35
CA LYS A 172 -28.73 4.96 -11.34
C LYS A 172 -29.61 3.89 -10.67
N ILE A 173 -29.47 3.72 -9.36
CA ILE A 173 -30.14 2.64 -8.63
C ILE A 173 -31.56 3.06 -8.29
N PRO A 174 -32.60 2.25 -8.60
CA PRO A 174 -33.97 2.59 -8.23
C PRO A 174 -34.25 2.46 -6.74
N ALA A 175 -35.27 3.17 -6.27
CA ALA A 175 -35.52 3.30 -4.84
C ALA A 175 -35.79 1.95 -4.18
N ASP A 176 -36.46 1.05 -4.89
CA ASP A 176 -36.86 -0.24 -4.35
C ASP A 176 -35.68 -1.22 -4.25
N LYS A 177 -34.53 -0.89 -4.85
CA LYS A 177 -33.35 -1.73 -4.78
C LYS A 177 -32.42 -1.27 -3.66
N LYS A 178 -32.73 -0.11 -3.05
CA LYS A 178 -31.82 0.55 -2.11
C LYS A 178 -32.04 0.03 -0.69
N PRO A 179 -30.97 -0.19 0.09
CA PRO A 179 -31.11 -0.65 1.47
C PRO A 179 -31.60 0.43 2.42
N SER A 180 -32.43 0.03 3.37
CA SER A 180 -32.91 0.94 4.39
C SER A 180 -31.81 1.09 5.45
N VAL A 181 -31.63 2.33 5.93
CA VAL A 181 -30.53 2.70 6.81
C VAL A 181 -31.08 3.56 7.94
N PHE A 182 -30.58 3.35 9.15
CA PHE A 182 -30.85 4.24 10.29
C PHE A 182 -29.48 4.63 10.85
N ILE A 183 -29.19 5.92 10.96
CA ILE A 183 -27.95 6.34 11.58
C ILE A 183 -28.26 7.00 12.90
N GLU A 184 -27.68 6.42 13.96
CA GLU A 184 -27.80 6.96 15.32
C GLU A 184 -26.57 7.81 15.60
N LEU A 185 -26.74 9.12 15.60
CA LEU A 185 -25.67 10.06 15.86
C LEU A 185 -25.35 10.07 17.34
N ARG A 186 -24.06 10.03 17.66
CA ARG A 186 -23.60 10.08 19.04
C ARG A 186 -24.31 8.99 19.84
N ALA A 187 -24.43 7.81 19.23
CA ALA A 187 -25.08 6.69 19.90
C ALA A 187 -24.47 6.54 21.30
N GLY A 188 -25.30 6.35 22.31
CA GLY A 188 -24.81 5.95 23.61
C GLY A 188 -25.45 6.71 24.77
N ALA A 189 -25.81 5.91 25.79
CA ALA A 189 -26.73 6.27 26.87
C ALA A 189 -28.14 6.38 26.28
N MET A 190 -28.95 5.34 26.45
CA MET A 190 -30.16 5.23 25.63
C MET A 190 -31.44 5.44 26.45
N GLU A 191 -31.32 6.07 27.64
CA GLU A 191 -32.46 6.72 28.27
C GLU A 191 -32.99 7.78 27.32
N GLU A 192 -32.08 8.23 26.44
CA GLU A 192 -32.39 9.28 25.44
C GLU A 192 -31.92 8.78 24.08
N CYS A 193 -32.70 7.92 23.43
CA CYS A 193 -32.14 7.27 22.23
C CYS A 193 -32.72 7.63 20.87
N CYS A 194 -31.87 7.46 19.85
CA CYS A 194 -32.25 7.58 18.42
C CYS A 194 -32.15 9.03 17.95
N GLY A 195 -31.04 9.69 18.29
CA GLY A 195 -30.73 10.99 17.71
C GLY A 195 -30.22 10.66 16.31
N THR A 196 -30.67 11.37 15.29
CA THR A 196 -30.34 10.96 13.92
C THR A 196 -30.33 12.14 12.97
N ALA A 197 -30.27 11.84 11.67
CA ALA A 197 -30.30 12.92 10.71
C ALA A 197 -31.42 12.64 9.73
N GLY A 198 -32.06 13.69 9.25
CA GLY A 198 -33.24 13.60 8.43
C GLY A 198 -32.91 14.11 7.05
N LYS A 199 -33.52 15.23 6.64
CA LYS A 199 -33.32 15.79 5.32
C LYS A 199 -32.12 16.72 5.37
N GLY A 200 -30.93 16.16 5.56
CA GLY A 200 -29.71 16.94 5.68
C GLY A 200 -28.68 16.23 6.55
N ASN A 201 -27.62 16.95 6.92
CA ASN A 201 -26.52 16.36 7.70
C ASN A 201 -26.06 15.06 7.05
N MET A 202 -25.93 14.01 7.85
CA MET A 202 -25.40 12.75 7.34
C MET A 202 -26.44 12.05 6.45
N GLY A 203 -27.67 12.51 6.46
CA GLY A 203 -28.67 11.96 5.57
C GLY A 203 -28.32 12.24 4.12
N ASP A 204 -27.64 13.36 3.87
CA ASP A 204 -27.17 13.67 2.53
C ASP A 204 -26.18 12.60 2.10
N PHE A 205 -25.39 12.07 3.04
CA PHE A 205 -24.39 11.06 2.71
C PHE A 205 -25.12 9.76 2.37
N ILE A 206 -26.06 9.36 3.23
CA ILE A 206 -26.90 8.20 2.97
C ILE A 206 -27.52 8.34 1.58
N ASP A 207 -28.07 9.52 1.28
CA ASP A 207 -28.68 9.74 -0.03
C ASP A 207 -27.67 9.47 -1.14
N GLN A 208 -26.49 10.08 -1.06
CA GLN A 208 -25.51 9.99 -2.14
C GLN A 208 -24.95 8.57 -2.26
N ALA A 209 -24.80 7.85 -1.14
CA ALA A 209 -24.23 6.49 -1.15
C ALA A 209 -25.28 5.47 -1.58
N GLY A 210 -26.45 5.94 -2.03
CA GLY A 210 -27.49 5.07 -2.56
C GLY A 210 -28.30 4.37 -1.47
N GLY A 211 -28.31 4.93 -0.26
CA GLY A 211 -29.13 4.41 0.82
C GLY A 211 -30.51 5.04 0.85
N ASN A 212 -31.39 4.42 1.66
CA ASN A 212 -32.71 4.93 1.97
C ASN A 212 -32.77 5.16 3.47
N ASN A 213 -32.59 6.44 3.85
CA ASN A 213 -32.53 6.87 5.23
C ASN A 213 -33.93 6.81 5.83
N MET A 214 -34.14 5.95 6.83
CA MET A 214 -35.48 5.70 7.33
C MET A 214 -36.03 6.96 8.01
N ALA A 215 -35.14 7.87 8.44
CA ALA A 215 -35.52 9.04 9.22
C ALA A 215 -35.77 10.25 8.33
N LYS A 216 -35.49 10.13 7.02
CA LYS A 216 -35.64 11.24 6.11
C LYS A 216 -37.08 11.79 6.15
N ASN A 217 -38.09 10.92 6.28
CA ASN A 217 -39.47 11.38 6.25
C ASN A 217 -40.08 11.45 7.65
N LEU A 218 -39.29 11.20 8.69
CA LEU A 218 -39.80 11.30 10.05
C LEU A 218 -39.49 12.70 10.62
N LEU A 219 -38.55 13.42 9.99
CA LEU A 219 -37.99 14.63 10.56
C LEU A 219 -38.19 15.80 9.59
N PRO A 220 -38.55 16.99 10.11
CA PRO A 220 -38.57 18.20 9.30
C PRO A 220 -37.19 18.80 9.04
N GLY A 221 -36.26 18.56 9.98
CA GLY A 221 -34.96 19.21 9.99
C GLY A 221 -33.85 18.27 9.55
N ALA A 222 -32.64 18.84 9.47
CA ALA A 222 -31.42 18.11 9.15
C ALA A 222 -31.07 17.15 10.29
N LEU A 223 -31.30 17.64 11.50
CA LEU A 223 -30.98 16.82 12.68
C LEU A 223 -32.26 16.70 13.50
N GLY A 224 -32.27 15.74 14.42
CA GLY A 224 -33.47 15.47 15.22
C GLY A 224 -33.36 14.14 15.91
N THR A 225 -34.39 13.76 16.66
CA THR A 225 -34.38 12.48 17.39
C THR A 225 -35.58 11.67 17.00
N VAL A 226 -35.50 10.35 17.12
CA VAL A 226 -36.60 9.43 16.75
C VAL A 226 -36.76 8.43 17.91
N ASN A 227 -37.96 7.89 18.10
CA ASN A 227 -38.23 7.00 19.20
C ASN A 227 -37.60 5.64 18.86
N LEU A 228 -37.06 4.93 19.85
CA LEU A 228 -36.44 3.61 19.61
C LEU A 228 -37.46 2.68 18.96
N GLU A 229 -38.71 2.76 19.42
CA GLU A 229 -39.73 1.84 18.91
C GLU A 229 -39.88 2.04 17.40
N LYS A 230 -39.67 3.24 16.90
CA LYS A 230 -39.82 3.51 15.47
C LYS A 230 -38.68 2.85 14.70
N VAL A 231 -37.50 2.77 15.31
CA VAL A 231 -36.37 2.08 14.63
C VAL A 231 -36.59 0.57 14.67
N LEU A 232 -37.04 0.03 15.80
CA LEU A 232 -37.26 -1.41 15.90
C LEU A 232 -38.31 -1.87 14.89
N SER A 233 -39.35 -1.05 14.70
CA SER A 233 -40.47 -1.46 13.87
C SER A 233 -40.11 -1.38 12.38
N THR A 234 -39.38 -0.35 11.99
CA THR A 234 -38.91 -0.23 10.62
C THR A 234 -37.93 -1.37 10.33
N ASN A 235 -37.10 -1.67 11.34
CA ASN A 235 -36.13 -2.76 11.33
C ASN A 235 -35.25 -2.64 10.08
N PRO A 236 -34.43 -1.58 10.01
CA PRO A 236 -33.68 -1.26 8.80
C PRO A 236 -32.62 -2.29 8.45
N ASP A 237 -32.30 -2.36 7.15
CA ASP A 237 -31.32 -3.30 6.65
C ASP A 237 -29.95 -3.00 7.27
N ILE A 238 -29.65 -1.70 7.46
CA ILE A 238 -28.32 -1.24 7.87
C ILE A 238 -28.43 -0.31 9.07
N TYR A 239 -27.56 -0.53 10.07
CA TYR A 239 -27.48 0.32 11.25
C TYR A 239 -26.10 0.96 11.33
N ILE A 240 -26.07 2.28 11.54
CA ILE A 240 -24.82 3.01 11.69
C ILE A 240 -24.86 3.82 12.98
N ALA A 241 -23.80 3.73 13.79
CA ALA A 241 -23.67 4.56 14.97
C ALA A 241 -22.50 5.49 14.74
N SER A 242 -22.62 6.75 15.15
CA SER A 242 -21.52 7.69 15.05
C SER A 242 -20.99 7.96 16.44
N GLY A 243 -19.68 8.26 16.51
CA GLY A 243 -18.99 8.57 17.75
C GLY A 243 -17.62 9.18 17.45
N GLY A 244 -17.07 9.88 18.45
CA GLY A 244 -15.71 10.40 18.38
C GLY A 244 -15.03 10.37 19.76
N LYS A 245 -15.45 9.40 20.58
CA LYS A 245 -15.06 9.35 21.98
C LYS A 245 -13.64 8.81 22.07
N ALA A 246 -12.81 9.42 22.94
CA ALA A 246 -11.48 8.91 23.20
C ALA A 246 -11.58 7.54 23.85
N PRO A 247 -10.58 6.64 23.68
CA PRO A 247 -10.70 5.27 24.18
C PRO A 247 -10.75 5.19 25.71
N ASP A 248 -9.82 5.90 26.39
CA ASP A 248 -9.75 5.88 27.85
C ASP A 248 -10.72 6.92 28.39
N ASN A 249 -11.98 6.51 28.53
CA ASN A 249 -13.11 7.37 28.87
C ASN A 249 -14.33 6.48 29.01
N ASN A 250 -14.68 6.11 30.25
CA ASN A 250 -15.69 5.09 30.51
C ASN A 250 -17.10 5.62 30.21
N ALA A 251 -17.23 6.87 29.71
CA ALA A 251 -18.50 7.38 29.21
C ALA A 251 -19.01 6.49 28.08
N PRO A 252 -20.34 6.39 27.85
CA PRO A 252 -20.87 5.55 26.77
C PRO A 252 -20.71 6.20 25.40
N GLY A 253 -20.61 5.37 24.35
CA GLY A 253 -20.52 5.89 23.00
C GLY A 253 -19.48 5.14 22.18
N VAL A 254 -19.55 5.33 20.87
CA VAL A 254 -18.62 4.68 19.97
C VAL A 254 -17.32 5.48 20.01
N SER A 255 -16.21 4.75 20.05
CA SER A 255 -14.89 5.33 20.18
C SER A 255 -14.18 5.28 18.82
N LEU A 256 -13.99 6.45 18.22
CA LEU A 256 -13.33 6.57 16.92
C LEU A 256 -12.50 7.85 16.91
N GLY A 257 -11.53 7.92 15.99
CA GLY A 257 -10.69 9.09 15.83
C GLY A 257 -9.21 8.70 15.75
N ALA A 258 -8.35 9.74 15.74
CA ALA A 258 -6.94 9.62 15.41
C ALA A 258 -6.13 8.82 16.44
N GLN A 259 -6.66 8.60 17.65
CA GLN A 259 -5.94 7.83 18.65
C GLN A 259 -6.68 6.53 19.02
N VAL A 260 -7.56 6.05 18.13
CA VAL A 260 -8.29 4.82 18.39
C VAL A 260 -7.76 3.70 17.49
N THR A 261 -7.51 2.53 18.08
CA THR A 261 -7.09 1.35 17.33
C THR A 261 -8.31 0.57 16.88
N LYS A 262 -8.13 -0.25 15.83
CA LYS A 262 -9.15 -1.16 15.33
C LYS A 262 -9.83 -1.89 16.49
N GLU A 263 -9.03 -2.36 17.46
CA GLU A 263 -9.51 -3.25 18.50
C GLU A 263 -10.33 -2.45 19.51
N GLN A 264 -9.91 -1.21 19.78
CA GLN A 264 -10.66 -0.32 20.66
C GLN A 264 -12.00 0.04 20.03
N ALA A 265 -12.02 0.22 18.70
CA ALA A 265 -13.20 0.64 17.96
C ALA A 265 -14.28 -0.45 17.97
N GLN A 266 -13.90 -1.68 17.59
CA GLN A 266 -14.78 -2.83 17.62
C GLN A 266 -15.36 -3.06 19.01
N SER A 267 -14.50 -2.98 20.02
CA SER A 267 -14.90 -3.21 21.39
C SER A 267 -15.98 -2.21 21.82
N SER A 268 -15.77 -0.93 21.46
CA SER A 268 -16.70 0.14 21.85
C SER A 268 -17.98 0.04 21.03
N LEU A 269 -17.84 -0.28 19.73
CA LEU A 269 -18.99 -0.47 18.85
C LEU A 269 -19.88 -1.58 19.39
N GLN A 270 -19.24 -2.69 19.81
CA GLN A 270 -19.98 -3.84 20.30
C GLN A 270 -20.80 -3.47 21.53
N THR A 271 -20.24 -2.62 22.38
CA THR A 271 -20.93 -2.17 23.58
C THR A 271 -22.20 -1.44 23.17
N ILE A 272 -22.10 -0.62 22.11
CA ILE A 272 -23.24 0.13 21.62
C ILE A 272 -24.29 -0.81 21.05
N LEU A 273 -23.85 -1.85 20.33
CA LEU A 273 -24.75 -2.79 19.66
C LEU A 273 -25.45 -3.71 20.64
N ASP A 274 -24.95 -3.80 21.88
CA ASP A 274 -25.46 -4.73 22.87
C ASP A 274 -26.42 -4.07 23.85
N ARG A 275 -26.85 -2.83 23.58
CA ARG A 275 -27.82 -2.15 24.44
C ARG A 275 -29.19 -2.82 24.26
N LYS A 276 -30.01 -2.77 25.32
CA LYS A 276 -31.38 -3.29 25.23
C LYS A 276 -31.99 -2.77 23.92
N GLY A 277 -32.75 -3.64 23.25
CA GLY A 277 -33.55 -3.22 22.10
C GLY A 277 -32.75 -3.18 20.81
N ILE A 278 -31.61 -2.46 20.85
CA ILE A 278 -30.77 -2.28 19.68
C ILE A 278 -30.24 -3.64 19.22
N ASN A 279 -30.01 -4.55 20.18
CA ASN A 279 -29.38 -5.82 19.88
C ASN A 279 -30.36 -6.81 19.24
N THR A 280 -31.66 -6.46 19.20
CA THR A 280 -32.64 -7.32 18.55
C THR A 280 -32.77 -6.94 17.08
N LEU A 281 -32.22 -5.80 16.68
CA LEU A 281 -32.32 -5.34 15.30
C LEU A 281 -31.77 -6.42 14.36
N SER A 282 -32.52 -6.67 13.29
CA SER A 282 -32.04 -7.60 12.27
C SER A 282 -30.65 -7.16 11.81
N ALA A 283 -30.47 -5.88 11.53
CA ALA A 283 -29.22 -5.37 10.98
C ALA A 283 -28.08 -5.69 11.93
N VAL A 284 -28.35 -5.67 13.23
CA VAL A 284 -27.31 -6.02 14.20
C VAL A 284 -27.05 -7.52 14.14
N LYS A 285 -28.11 -8.33 14.08
CA LYS A 285 -27.98 -9.79 14.09
C LYS A 285 -27.30 -10.29 12.82
N ASN A 286 -27.60 -9.66 11.67
CA ASN A 286 -26.98 -10.00 10.38
C ASN A 286 -25.62 -9.35 10.17
N GLY A 287 -25.13 -8.58 11.16
CA GLY A 287 -23.84 -7.90 11.07
C GLY A 287 -23.76 -6.77 10.04
N ARG A 288 -24.90 -6.21 9.59
CA ARG A 288 -24.86 -5.02 8.78
C ARG A 288 -24.94 -3.81 9.71
N SER A 289 -23.93 -3.70 10.59
CA SER A 289 -23.90 -2.67 11.61
C SER A 289 -22.49 -2.10 11.72
N TYR A 290 -22.39 -0.76 11.76
CA TYR A 290 -21.16 -0.06 11.45
C TYR A 290 -20.98 1.13 12.38
N GLY A 291 -19.76 1.67 12.40
CA GLY A 291 -19.42 2.87 13.13
C GLY A 291 -18.76 3.89 12.21
N ILE A 292 -19.15 5.17 12.36
CA ILE A 292 -18.56 6.25 11.59
C ILE A 292 -18.18 7.36 12.56
N TRP A 293 -17.07 8.05 12.27
CA TRP A 293 -16.58 9.13 13.11
C TRP A 293 -17.58 10.28 13.05
N HIS A 294 -18.00 10.76 14.23
CA HIS A 294 -19.10 11.71 14.32
C HIS A 294 -18.78 13.02 13.59
N ASN A 295 -17.52 13.45 13.67
CA ASN A 295 -17.16 14.78 13.21
C ASN A 295 -17.26 14.92 11.70
N PHE A 296 -17.45 13.82 10.95
CA PHE A 296 -17.72 13.93 9.53
C PHE A 296 -19.04 14.62 9.28
N TYR A 297 -19.78 14.91 10.36
CA TYR A 297 -21.10 15.60 10.26
C TYR A 297 -20.91 17.11 10.07
N ASN A 298 -19.69 17.61 10.24
CA ASN A 298 -19.38 19.05 10.01
C ASN A 298 -17.95 19.17 9.47
N SER A 299 -17.68 18.61 8.30
CA SER A 299 -16.31 18.63 7.83
C SER A 299 -16.28 18.31 6.34
N PRO A 300 -15.43 19.02 5.55
CA PRO A 300 -15.36 18.75 4.12
C PRO A 300 -14.55 17.49 3.80
N TYR A 301 -13.99 16.87 4.85
CA TYR A 301 -13.46 15.53 4.76
C TYR A 301 -14.60 14.50 4.61
N ASN A 302 -15.86 14.95 4.49
CA ASN A 302 -17.00 14.07 4.61
C ASN A 302 -17.04 13.06 3.45
N VAL A 303 -16.25 13.32 2.41
CA VAL A 303 -16.17 12.40 1.29
C VAL A 303 -15.82 10.99 1.80
N LEU A 304 -15.05 10.91 2.87
CA LEU A 304 -14.65 9.63 3.44
C LEU A 304 -15.88 8.89 3.96
N ALA A 305 -16.80 9.61 4.61
CA ALA A 305 -18.02 9.00 5.10
C ALA A 305 -18.90 8.55 3.95
N ILE A 306 -19.02 9.37 2.91
CA ILE A 306 -19.85 9.00 1.78
C ILE A 306 -19.36 7.65 1.24
N GLN A 307 -18.03 7.53 1.11
CA GLN A 307 -17.39 6.35 0.56
C GLN A 307 -17.56 5.16 1.51
N SER A 308 -17.40 5.37 2.81
CA SER A 308 -17.66 4.31 3.77
C SER A 308 -19.11 3.82 3.65
N PHE A 309 -20.06 4.75 3.47
CA PHE A 309 -21.47 4.40 3.40
C PHE A 309 -21.75 3.57 2.15
N ALA A 310 -21.27 4.03 1.00
CA ALA A 310 -21.48 3.29 -0.25
C ALA A 310 -20.97 1.86 -0.10
N LYS A 311 -19.79 1.71 0.50
CA LYS A 311 -19.15 0.42 0.66
C LYS A 311 -19.97 -0.52 1.55
N TRP A 312 -20.68 0.06 2.52
CA TRP A 312 -21.51 -0.71 3.43
C TRP A 312 -22.82 -1.05 2.74
N PHE A 313 -23.32 -0.12 1.93
CA PHE A 313 -24.63 -0.26 1.33
C PHE A 313 -24.58 -1.31 0.24
N TYR A 314 -23.48 -1.34 -0.53
CA TYR A 314 -23.35 -2.27 -1.64
C TYR A 314 -21.96 -2.92 -1.64
N PRO A 315 -21.67 -3.86 -0.73
CA PRO A 315 -20.30 -4.30 -0.50
C PRO A 315 -19.54 -4.75 -1.74
N GLN A 316 -20.20 -5.43 -2.67
CA GLN A 316 -19.49 -6.01 -3.80
C GLN A 316 -19.18 -4.96 -4.87
N GLN A 317 -20.18 -4.12 -5.17
CA GLN A 317 -20.03 -3.06 -6.16
C GLN A 317 -18.89 -2.12 -5.77
N PHE A 318 -18.61 -2.01 -4.46
CA PHE A 318 -17.55 -1.13 -3.96
C PHE A 318 -16.47 -1.96 -3.25
N ALA A 319 -16.19 -3.15 -3.77
CA ALA A 319 -15.29 -4.08 -3.08
C ALA A 319 -13.86 -3.55 -3.09
N ASP A 320 -13.48 -2.89 -4.19
CA ASP A 320 -12.11 -2.41 -4.37
C ASP A 320 -11.94 -0.97 -3.89
N LEU A 321 -13.05 -0.27 -3.60
CA LEU A 321 -12.98 1.06 -3.01
C LEU A 321 -12.49 0.93 -1.58
N ASP A 322 -11.45 1.69 -1.22
CA ASP A 322 -10.94 1.71 0.18
C ASP A 322 -10.83 3.16 0.64
N PRO A 323 -11.73 3.63 1.53
CA PRO A 323 -11.66 5.01 2.09
C PRO A 323 -10.29 5.31 2.72
N ASN A 324 -9.61 4.29 3.26
CA ASN A 324 -8.25 4.50 3.84
C ASN A 324 -7.29 5.00 2.75
N ASN A 325 -7.42 4.52 1.53
CA ASN A 325 -6.60 5.07 0.43
C ASN A 325 -6.91 6.55 0.24
N THR A 326 -8.18 6.90 0.09
CA THR A 326 -8.61 8.30 -0.12
C THR A 326 -8.13 9.16 1.04
N MET A 327 -8.18 8.65 2.27
CA MET A 327 -7.75 9.41 3.46
C MET A 327 -6.23 9.66 3.36
N ASN A 328 -5.46 8.59 3.18
CA ASN A 328 -3.99 8.72 3.06
C ASN A 328 -3.67 9.72 1.94
N SER A 329 -4.40 9.67 0.84
CA SER A 329 -4.17 10.62 -0.27
C SER A 329 -4.52 12.05 0.17
N LEU A 330 -5.64 12.22 0.88
CA LEU A 330 -6.05 13.55 1.32
C LEU A 330 -4.98 14.14 2.25
N TYR A 331 -4.51 13.36 3.21
CA TYR A 331 -3.47 13.81 4.13
C TYR A 331 -2.18 14.12 3.37
N SER A 332 -1.75 13.20 2.51
CA SER A 332 -0.56 13.42 1.71
C SER A 332 -0.61 14.75 0.98
N GLN A 333 -1.74 15.03 0.33
CA GLN A 333 -1.81 16.10 -0.65
C GLN A 333 -2.10 17.47 -0.01
N PHE A 334 -2.72 17.50 1.18
CA PHE A 334 -3.28 18.74 1.70
C PHE A 334 -2.86 19.04 3.12
N LEU A 335 -2.56 18.02 3.93
CA LEU A 335 -2.36 18.21 5.34
C LEU A 335 -0.89 18.09 5.72
N ALA A 336 -0.64 18.34 7.00
CA ALA A 336 0.69 18.47 7.54
C ALA A 336 0.86 17.53 8.74
N ILE A 337 -0.03 16.56 8.90
CA ILE A 337 0.18 15.50 9.88
C ILE A 337 0.06 14.15 9.17
N GLU A 338 0.35 13.09 9.93
CA GLU A 338 0.19 11.74 9.43
C GLU A 338 -1.16 11.21 9.89
N PRO A 339 -1.93 10.52 9.01
CA PRO A 339 -3.15 9.84 9.45
C PRO A 339 -2.85 8.76 10.48
N THR A 340 -3.67 8.71 11.52
CA THR A 340 -3.58 7.66 12.52
C THR A 340 -5.00 7.33 12.95
N GLY A 341 -5.15 6.18 13.61
CA GLY A 341 -6.38 5.79 14.27
C GLY A 341 -7.39 5.13 13.33
N THR A 342 -8.64 5.13 13.79
CA THR A 342 -9.75 4.46 13.13
C THR A 342 -10.92 5.43 13.01
N TYR A 343 -11.34 5.72 11.78
CA TYR A 343 -12.46 6.61 11.53
C TYR A 343 -13.71 5.87 11.02
N TRP A 344 -13.65 4.53 10.91
CA TRP A 344 -14.82 3.73 10.59
C TRP A 344 -14.54 2.30 10.99
N VAL A 345 -15.58 1.51 11.26
CA VAL A 345 -15.39 0.18 11.78
C VAL A 345 -16.61 -0.69 11.47
N ASP A 346 -16.36 -2.00 11.34
CA ASP A 346 -17.38 -3.00 11.08
C ASP A 346 -17.49 -3.93 12.30
N SER A 347 -18.68 -4.53 12.48
CA SER A 347 -18.97 -5.44 13.59
C SER A 347 -17.77 -6.34 13.92
N ASN B 3 -38.92 -43.31 -25.64
CA ASN B 3 -37.66 -43.13 -26.42
C ASN B 3 -36.99 -41.80 -26.02
N ILE B 4 -36.21 -41.84 -24.92
CA ILE B 4 -35.49 -40.70 -24.38
C ILE B 4 -34.05 -40.77 -24.88
N THR B 5 -33.29 -39.68 -24.70
CA THR B 5 -31.83 -39.69 -24.83
C THR B 5 -31.24 -39.33 -23.47
N ASP B 6 -30.42 -40.23 -22.91
CA ASP B 6 -29.89 -40.05 -21.56
C ASP B 6 -28.62 -39.19 -21.59
N MET B 7 -28.04 -38.98 -20.41
CA MET B 7 -26.94 -38.04 -20.27
C MET B 7 -25.63 -38.64 -20.76
N ALA B 8 -25.64 -39.92 -21.16
CA ALA B 8 -24.50 -40.54 -21.83
C ALA B 8 -24.78 -40.66 -23.32
N GLY B 9 -25.84 -40.01 -23.82
CA GLY B 9 -26.14 -39.96 -25.24
C GLY B 9 -26.83 -41.23 -25.75
N ARG B 10 -27.10 -42.19 -24.85
CA ARG B 10 -27.73 -43.45 -25.21
C ARG B 10 -29.22 -43.25 -25.41
N SER B 11 -29.79 -43.94 -26.41
CA SER B 11 -31.22 -44.03 -26.61
C SER B 11 -31.79 -45.18 -25.78
N VAL B 12 -32.92 -44.94 -25.09
CA VAL B 12 -33.50 -45.90 -24.16
C VAL B 12 -35.03 -45.88 -24.27
N VAL B 13 -35.63 -47.04 -23.95
CA VAL B 13 -37.05 -47.26 -24.17
C VAL B 13 -37.79 -47.21 -22.84
N ILE B 14 -38.80 -46.34 -22.79
CA ILE B 14 -39.60 -46.14 -21.60
C ILE B 14 -40.31 -47.46 -21.29
N PRO B 15 -40.02 -48.11 -20.14
CA PRO B 15 -40.75 -49.31 -19.76
C PRO B 15 -42.26 -49.11 -19.80
N ALA B 16 -42.99 -50.22 -19.84
CA ALA B 16 -44.45 -50.16 -19.87
C ALA B 16 -44.92 -49.78 -18.47
N LYS B 17 -44.43 -50.51 -17.47
CA LYS B 17 -44.72 -50.24 -16.07
C LYS B 17 -43.39 -50.06 -15.34
N VAL B 18 -43.42 -49.34 -14.21
CA VAL B 18 -42.22 -49.20 -13.34
C VAL B 18 -42.76 -49.24 -11.91
N GLU B 19 -42.45 -50.30 -11.16
CA GLU B 19 -42.87 -50.43 -9.75
C GLU B 19 -41.63 -50.81 -8.98
N ARG B 20 -40.60 -51.18 -9.72
CA ARG B 20 -39.30 -51.58 -9.10
CA ARG B 20 -39.30 -51.58 -9.10
C ARG B 20 -38.04 -50.86 -9.68
N ILE B 21 -37.61 -49.85 -8.91
CA ILE B 21 -36.47 -49.03 -9.43
C ILE B 21 -35.18 -49.36 -8.71
N LEU B 22 -34.10 -49.49 -9.49
CA LEU B 22 -32.78 -49.73 -8.89
C LEU B 22 -31.97 -48.43 -8.98
N LEU B 23 -31.50 -47.98 -7.84
CA LEU B 23 -30.65 -46.79 -7.76
C LEU B 23 -29.18 -47.22 -7.62
N GLY B 24 -28.45 -47.06 -8.72
CA GLY B 24 -27.07 -47.48 -8.80
C GLY B 24 -26.15 -46.61 -7.97
N GLU B 25 -26.57 -45.35 -7.76
CA GLU B 25 -25.88 -44.42 -6.90
C GLU B 25 -26.94 -43.90 -5.95
N GLY B 26 -26.73 -44.10 -4.64
CA GLY B 26 -27.78 -43.89 -3.65
C GLY B 26 -28.32 -42.46 -3.61
N ARG B 27 -27.47 -41.48 -3.89
CA ARG B 27 -27.87 -40.10 -3.74
C ARG B 27 -28.76 -39.69 -4.91
N LEU B 28 -28.96 -40.59 -5.87
CA LEU B 28 -29.94 -40.33 -6.91
C LEU B 28 -31.35 -40.37 -6.31
N PHE B 29 -31.44 -40.82 -5.06
CA PHE B 29 -32.67 -40.73 -4.32
C PHE B 29 -33.20 -39.31 -4.34
N TYR B 30 -32.32 -38.31 -4.15
CA TYR B 30 -32.73 -36.92 -4.09
C TYR B 30 -33.56 -36.55 -5.33
N ALA B 31 -33.14 -36.97 -6.53
CA ALA B 31 -33.88 -36.65 -7.73
C ALA B 31 -35.21 -37.38 -7.76
N VAL B 32 -35.19 -38.62 -7.28
CA VAL B 32 -36.36 -39.48 -7.34
C VAL B 32 -37.35 -38.94 -6.31
N SER B 33 -36.85 -38.47 -5.16
CA SER B 33 -37.72 -37.96 -4.11
C SER B 33 -38.64 -36.88 -4.65
N LEU B 34 -38.17 -36.13 -5.66
CA LEU B 34 -38.94 -35.02 -6.19
C LEU B 34 -40.13 -35.53 -7.00
N LEU B 35 -40.11 -36.80 -7.37
CA LEU B 35 -41.16 -37.34 -8.24
C LEU B 35 -42.10 -38.28 -7.48
N GLU B 36 -41.73 -38.69 -6.27
CA GLU B 36 -42.51 -39.75 -5.65
C GLU B 36 -43.54 -39.23 -4.64
N GLY B 37 -43.68 -37.90 -4.54
CA GLY B 37 -44.69 -37.30 -3.67
C GLY B 37 -44.62 -37.87 -2.27
N GLN B 38 -45.77 -38.33 -1.75
CA GLN B 38 -45.90 -38.75 -0.36
C GLN B 38 -45.45 -40.19 -0.15
N LYS B 39 -45.19 -40.91 -1.25
CA LYS B 39 -44.78 -42.31 -1.24
C LYS B 39 -43.34 -42.42 -1.76
N PRO B 40 -42.33 -41.90 -1.02
CA PRO B 40 -40.97 -41.80 -1.52
C PRO B 40 -40.27 -43.11 -1.87
N PHE B 41 -40.41 -44.11 -0.99
CA PHE B 41 -39.66 -45.36 -1.09
C PHE B 41 -40.42 -46.49 -1.78
N ASP B 42 -41.63 -46.19 -2.26
CA ASP B 42 -42.58 -47.24 -2.60
C ASP B 42 -42.02 -48.10 -3.74
N ARG B 43 -41.34 -47.48 -4.70
CA ARG B 43 -40.90 -48.21 -5.92
C ARG B 43 -39.40 -48.46 -5.93
N ILE B 44 -38.74 -48.46 -4.76
CA ILE B 44 -37.30 -48.60 -4.72
C ILE B 44 -36.95 -49.98 -4.16
N VAL B 45 -36.55 -50.88 -5.07
CA VAL B 45 -36.24 -52.31 -4.74
C VAL B 45 -34.85 -52.44 -4.15
N GLY B 46 -33.93 -51.61 -4.59
CA GLY B 46 -32.62 -51.58 -3.98
C GLY B 46 -31.87 -50.33 -4.40
N TRP B 47 -30.88 -49.97 -3.58
CA TRP B 47 -30.04 -48.82 -3.82
C TRP B 47 -28.62 -49.05 -3.31
N GLN B 48 -27.67 -48.40 -3.98
CA GLN B 48 -26.32 -48.25 -3.46
C GLN B 48 -26.40 -47.45 -2.15
N GLY B 49 -25.48 -47.75 -1.23
CA GLY B 49 -25.62 -47.32 0.15
C GLY B 49 -25.04 -45.93 0.42
N ASP B 50 -24.77 -45.11 -0.60
CA ASP B 50 -24.18 -43.79 -0.33
C ASP B 50 -25.21 -42.87 0.33
N PHE B 51 -26.51 -42.98 -0.03
CA PHE B 51 -27.54 -42.19 0.63
C PHE B 51 -27.62 -42.58 2.10
N ARG B 52 -27.68 -43.87 2.41
CA ARG B 52 -27.86 -44.29 3.79
C ARG B 52 -26.58 -44.09 4.61
N LYS B 53 -25.39 -44.24 4.01
CA LYS B 53 -24.15 -44.26 4.79
C LYS B 53 -23.50 -42.88 4.85
N LEU B 54 -23.69 -42.02 3.82
CA LEU B 54 -23.02 -40.73 3.78
C LEU B 54 -23.96 -39.57 4.15
N ASP B 55 -25.28 -39.73 3.96
CA ASP B 55 -26.25 -38.72 4.38
C ASP B 55 -27.10 -39.31 5.50
N THR B 56 -26.45 -39.68 6.61
CA THR B 56 -27.12 -40.31 7.74
C THR B 56 -28.23 -39.40 8.26
N GLN B 57 -28.04 -38.10 8.11
CA GLN B 57 -28.96 -37.11 8.67
C GLN B 57 -30.29 -37.10 7.94
N THR B 58 -30.26 -36.91 6.61
CA THR B 58 -31.50 -36.90 5.85
C THR B 58 -32.17 -38.26 6.03
N TYR B 59 -31.35 -39.31 6.05
CA TYR B 59 -31.85 -40.68 6.16
C TYR B 59 -32.59 -40.87 7.48
N ALA B 60 -31.97 -40.45 8.58
CA ALA B 60 -32.55 -40.64 9.91
C ALA B 60 -33.90 -39.94 10.01
N VAL B 61 -34.05 -38.80 9.32
CA VAL B 61 -35.31 -38.07 9.30
C VAL B 61 -36.35 -38.87 8.52
N TYR B 62 -35.92 -39.49 7.42
CA TYR B 62 -36.81 -40.33 6.63
C TYR B 62 -37.20 -41.62 7.37
N LYS B 63 -36.30 -42.17 8.19
CA LYS B 63 -36.56 -43.40 8.92
C LYS B 63 -37.71 -43.21 9.92
N ALA B 64 -37.67 -42.11 10.66
CA ALA B 64 -38.61 -41.86 11.73
C ALA B 64 -40.04 -41.74 11.21
N LYS B 65 -40.20 -41.37 9.92
CA LYS B 65 -41.52 -41.33 9.31
C LYS B 65 -41.78 -42.59 8.48
N PHE B 66 -40.71 -43.28 8.07
CA PHE B 66 -40.83 -44.45 7.21
C PHE B 66 -39.83 -45.52 7.63
N PRO B 67 -40.14 -46.39 8.63
CA PRO B 67 -39.16 -47.31 9.17
C PRO B 67 -38.78 -48.44 8.21
N GLN B 68 -39.56 -48.57 7.14
CA GLN B 68 -39.37 -49.60 6.13
C GLN B 68 -38.03 -49.44 5.40
N VAL B 69 -37.51 -48.23 5.41
CA VAL B 69 -36.38 -47.82 4.58
C VAL B 69 -35.16 -48.68 4.92
N ASP B 70 -35.04 -49.11 6.18
CA ASP B 70 -33.92 -49.95 6.61
C ASP B 70 -33.91 -51.33 5.96
N ASN B 71 -35.03 -51.72 5.32
CA ASN B 71 -35.14 -53.05 4.71
C ASN B 71 -34.93 -52.98 3.20
N ILE B 72 -34.69 -51.79 2.66
CA ILE B 72 -34.33 -51.73 1.26
C ILE B 72 -32.96 -52.38 1.13
N PRO B 73 -32.78 -53.32 0.18
CA PRO B 73 -31.47 -53.93 -0.04
C PRO B 73 -30.42 -52.93 -0.52
N LEU B 74 -29.18 -53.15 -0.11
CA LEU B 74 -28.04 -52.34 -0.55
C LEU B 74 -27.29 -53.07 -1.67
N ILE B 75 -26.74 -52.29 -2.60
CA ILE B 75 -26.11 -52.76 -3.83
C ILE B 75 -24.64 -52.30 -3.81
N ILE B 83 -25.05 -57.43 -1.05
CA ILE B 83 -25.86 -58.30 -1.96
C ILE B 83 -25.19 -58.37 -3.34
N SER B 84 -24.91 -59.60 -3.80
CA SER B 84 -24.20 -59.84 -5.04
C SER B 84 -24.93 -59.24 -6.23
N PRO B 85 -24.26 -58.91 -7.35
CA PRO B 85 -24.97 -58.48 -8.55
C PRO B 85 -26.07 -59.46 -8.96
N GLU B 86 -25.76 -60.75 -8.79
CA GLU B 86 -26.65 -61.84 -9.17
C GLU B 86 -27.94 -61.76 -8.34
N LYS B 87 -27.79 -61.64 -7.02
CA LYS B 87 -28.93 -61.47 -6.13
C LYS B 87 -29.78 -60.27 -6.52
N VAL B 88 -29.17 -59.17 -7.02
CA VAL B 88 -29.94 -57.94 -7.26
C VAL B 88 -30.82 -58.21 -8.49
N LEU B 89 -30.36 -59.09 -9.39
CA LEU B 89 -31.15 -59.44 -10.56
C LEU B 89 -32.42 -60.19 -10.13
N THR B 90 -32.40 -60.85 -8.96
CA THR B 90 -33.58 -61.54 -8.45
C THR B 90 -34.65 -60.52 -8.06
N LEU B 91 -34.24 -59.29 -7.76
CA LEU B 91 -35.22 -58.25 -7.32
C LEU B 91 -36.02 -57.75 -8.54
N ASN B 92 -35.89 -58.44 -9.68
CA ASN B 92 -36.65 -58.09 -10.92
C ASN B 92 -36.77 -56.56 -11.05
N PRO B 93 -35.67 -55.87 -11.35
CA PRO B 93 -35.69 -54.41 -11.55
C PRO B 93 -36.41 -54.05 -12.84
N ASP B 94 -37.33 -53.09 -12.78
CA ASP B 94 -37.99 -52.62 -14.02
C ASP B 94 -37.10 -51.57 -14.68
N ILE B 95 -36.28 -50.88 -13.89
CA ILE B 95 -35.39 -49.82 -14.42
C ILE B 95 -34.21 -49.60 -13.47
N ALA B 96 -33.05 -49.29 -14.03
CA ALA B 96 -31.91 -48.93 -13.21
C ALA B 96 -31.38 -47.56 -13.64
N ILE B 97 -31.24 -46.66 -12.65
CA ILE B 97 -30.68 -45.33 -12.84
C ILE B 97 -29.27 -45.28 -12.26
N PHE B 98 -28.34 -44.71 -13.04
CA PHE B 98 -26.95 -44.56 -12.64
C PHE B 98 -26.47 -43.13 -12.90
N GLY B 99 -25.40 -42.75 -12.21
CA GLY B 99 -24.69 -41.51 -12.49
C GLY B 99 -23.78 -41.69 -13.70
N LEU B 100 -23.44 -40.60 -14.36
CA LEU B 100 -22.46 -40.59 -15.43
C LEU B 100 -21.16 -41.19 -14.92
N SER B 101 -20.79 -40.84 -13.68
CA SER B 101 -19.73 -41.54 -12.95
C SER B 101 -20.17 -42.99 -12.64
N LYS B 107 -16.73 -49.19 -10.53
CA LYS B 107 -17.54 -49.93 -9.52
C LYS B 107 -18.72 -50.57 -10.25
N ASN B 108 -19.38 -49.81 -11.14
CA ASN B 108 -20.72 -50.15 -11.62
C ASN B 108 -20.67 -50.72 -13.04
N SER B 109 -19.49 -51.14 -13.54
CA SER B 109 -19.43 -51.56 -14.93
C SER B 109 -19.97 -53.00 -15.06
N GLU B 110 -19.70 -53.82 -14.04
CA GLU B 110 -20.15 -55.20 -14.03
C GLU B 110 -21.67 -55.23 -13.86
N LEU B 111 -22.16 -54.53 -12.82
CA LEU B 111 -23.59 -54.52 -12.53
C LEU B 111 -24.36 -54.04 -13.76
N VAL B 112 -23.81 -53.09 -14.52
CA VAL B 112 -24.52 -52.54 -15.65
C VAL B 112 -24.59 -53.58 -16.76
N LYS B 113 -23.51 -54.35 -16.96
CA LYS B 113 -23.44 -55.32 -18.05
C LYS B 113 -24.48 -56.42 -17.81
N GLN B 114 -24.54 -56.93 -16.57
CA GLN B 114 -25.48 -57.97 -16.17
C GLN B 114 -26.92 -57.51 -16.37
N LEU B 115 -27.26 -56.32 -15.85
CA LEU B 115 -28.59 -55.78 -15.99
C LEU B 115 -29.02 -55.73 -17.46
N GLU B 116 -28.10 -55.37 -18.35
CA GLU B 116 -28.44 -55.21 -19.76
C GLU B 116 -28.66 -56.57 -20.39
N LYS B 117 -27.92 -57.59 -19.94
CA LYS B 117 -28.11 -58.94 -20.48
C LYS B 117 -29.33 -59.60 -19.83
N ALA B 118 -29.87 -58.97 -18.78
CA ALA B 118 -31.14 -59.37 -18.19
C ALA B 118 -32.32 -58.62 -18.82
N GLY B 119 -32.07 -57.86 -19.88
CA GLY B 119 -33.11 -57.09 -20.55
C GLY B 119 -33.67 -55.94 -19.71
N VAL B 120 -32.91 -55.49 -18.69
CA VAL B 120 -33.29 -54.35 -17.85
C VAL B 120 -32.80 -53.04 -18.51
N PRO B 121 -33.65 -51.99 -18.60
CA PRO B 121 -33.21 -50.71 -19.14
C PRO B 121 -32.43 -49.90 -18.12
N VAL B 122 -31.33 -49.30 -18.58
CA VAL B 122 -30.42 -48.55 -17.74
C VAL B 122 -30.42 -47.10 -18.21
N VAL B 123 -30.58 -46.15 -17.28
CA VAL B 123 -30.54 -44.73 -17.59
C VAL B 123 -29.38 -44.08 -16.83
N PHE B 124 -28.52 -43.37 -17.58
CA PHE B 124 -27.49 -42.54 -17.01
C PHE B 124 -27.95 -41.08 -16.95
N VAL B 125 -27.97 -40.52 -15.73
CA VAL B 125 -28.27 -39.11 -15.49
C VAL B 125 -27.03 -38.45 -14.89
N ASP B 126 -27.04 -37.11 -14.78
CA ASP B 126 -25.91 -36.38 -14.23
C ASP B 126 -26.35 -35.11 -13.50
N PHE B 127 -25.95 -35.02 -12.21
CA PHE B 127 -26.01 -33.76 -11.47
C PHE B 127 -24.62 -33.36 -10.94
N ARG B 128 -23.54 -34.00 -11.42
CA ARG B 128 -22.23 -33.95 -10.76
C ARG B 128 -21.15 -33.28 -11.63
N THR B 129 -20.96 -33.76 -12.86
CA THR B 129 -19.87 -33.33 -13.70
C THR B 129 -20.23 -31.99 -14.33
N SER B 130 -21.44 -31.93 -14.91
CA SER B 130 -21.94 -30.73 -15.58
C SER B 130 -23.35 -30.34 -15.12
N PRO B 131 -23.55 -29.86 -13.88
CA PRO B 131 -24.89 -29.57 -13.38
C PRO B 131 -25.69 -28.57 -14.24
N LEU B 132 -25.01 -27.57 -14.80
CA LEU B 132 -25.70 -26.54 -15.55
C LEU B 132 -26.32 -27.16 -16.78
N LYS B 133 -25.52 -27.88 -17.56
CA LYS B 133 -25.99 -28.54 -18.77
C LYS B 133 -27.08 -29.57 -18.44
N ASN B 134 -26.89 -30.36 -17.36
CA ASN B 134 -27.55 -31.64 -17.25
C ASN B 134 -28.59 -31.74 -16.14
N THR B 135 -28.68 -30.79 -15.20
CA THR B 135 -29.54 -31.02 -14.05
C THR B 135 -30.98 -31.21 -14.54
N LEU B 136 -31.42 -30.35 -15.43
CA LEU B 136 -32.81 -30.32 -15.81
C LEU B 136 -33.09 -31.40 -16.84
N PRO B 137 -32.30 -31.52 -17.93
CA PRO B 137 -32.40 -32.70 -18.78
C PRO B 137 -32.47 -34.00 -18.00
N SER B 138 -31.65 -34.13 -16.94
CA SER B 138 -31.69 -35.30 -16.10
C SER B 138 -33.10 -35.46 -15.51
N MET B 139 -33.70 -34.38 -14.99
CA MET B 139 -35.03 -34.47 -14.41
C MET B 139 -36.09 -34.75 -15.47
N ARG B 140 -35.94 -34.17 -16.67
CA ARG B 140 -36.88 -34.34 -17.77
C ARG B 140 -36.92 -35.83 -18.13
N VAL B 141 -35.73 -36.45 -18.15
CA VAL B 141 -35.59 -37.85 -18.52
C VAL B 141 -36.21 -38.72 -17.44
N LEU B 142 -35.80 -38.54 -16.19
CA LEU B 142 -36.41 -39.30 -15.11
C LEU B 142 -37.93 -39.13 -15.11
N GLY B 143 -38.43 -37.97 -15.56
CA GLY B 143 -39.86 -37.74 -15.63
C GLY B 143 -40.53 -38.77 -16.52
N LYS B 144 -39.95 -38.96 -17.70
CA LYS B 144 -40.53 -39.84 -18.70
C LYS B 144 -40.34 -41.30 -18.29
N VAL B 145 -39.11 -41.70 -17.99
CA VAL B 145 -38.80 -43.10 -17.80
C VAL B 145 -39.39 -43.63 -16.49
N LEU B 146 -39.82 -42.76 -15.57
CA LEU B 146 -40.40 -43.25 -14.32
C LEU B 146 -41.90 -42.89 -14.21
N HIS B 147 -42.49 -42.43 -15.32
CA HIS B 147 -43.92 -42.15 -15.42
C HIS B 147 -44.32 -41.12 -14.35
N ARG B 148 -43.59 -40.01 -14.32
CA ARG B 148 -43.82 -38.96 -13.30
C ARG B 148 -43.52 -37.60 -13.95
N GLU B 149 -43.93 -37.41 -15.19
CA GLU B 149 -43.55 -36.18 -15.92
C GLU B 149 -44.16 -34.92 -15.28
N GLN B 150 -45.32 -35.05 -14.66
CA GLN B 150 -45.98 -33.88 -14.06
C GLN B 150 -45.10 -33.33 -12.95
N GLN B 151 -44.67 -34.19 -12.04
CA GLN B 151 -43.88 -33.73 -10.89
C GLN B 151 -42.51 -33.24 -11.39
N ALA B 152 -42.09 -33.75 -12.53
CA ALA B 152 -40.79 -33.35 -13.10
C ALA B 152 -40.92 -31.97 -13.73
N ASN B 153 -41.90 -31.81 -14.60
CA ASN B 153 -42.09 -30.52 -15.31
C ASN B 153 -42.43 -29.43 -14.28
N ASP B 154 -43.03 -29.81 -13.17
CA ASP B 154 -43.36 -28.84 -12.10
C ASP B 154 -42.06 -28.39 -11.42
N TYR B 155 -41.24 -29.34 -10.98
CA TYR B 155 -39.92 -29.00 -10.39
C TYR B 155 -39.14 -28.22 -11.39
N ILE B 156 -39.18 -28.63 -12.64
CA ILE B 156 -38.35 -27.92 -13.58
C ILE B 156 -38.74 -26.44 -13.63
N LYS B 157 -40.04 -26.13 -13.74
CA LYS B 157 -40.49 -24.74 -13.78
C LYS B 157 -40.12 -24.06 -12.46
N PHE B 158 -40.31 -24.75 -11.34
CA PHE B 158 -39.94 -24.21 -10.04
C PHE B 158 -38.43 -23.94 -9.94
N TYR B 159 -37.61 -24.84 -10.50
CA TYR B 159 -36.15 -24.66 -10.51
C TYR B 159 -35.80 -23.47 -11.41
N GLU B 160 -36.36 -23.42 -12.61
CA GLU B 160 -36.05 -22.36 -13.55
C GLU B 160 -36.35 -20.99 -12.96
N ASP B 161 -37.51 -20.86 -12.31
CA ASP B 161 -37.95 -19.58 -11.76
C ASP B 161 -37.00 -19.15 -10.63
N ASN B 162 -36.57 -20.11 -9.82
CA ASN B 162 -35.72 -19.82 -8.68
C ASN B 162 -34.29 -19.53 -9.14
N VAL B 163 -33.90 -20.02 -10.32
CA VAL B 163 -32.59 -19.73 -10.89
C VAL B 163 -32.63 -18.42 -11.66
N ARG B 164 -33.74 -18.09 -12.29
CA ARG B 164 -33.88 -16.85 -13.05
C ARG B 164 -33.76 -15.65 -12.10
N LYS B 165 -34.23 -15.80 -10.86
CA LYS B 165 -34.13 -14.73 -9.87
C LYS B 165 -32.68 -14.28 -9.75
N VAL B 166 -31.76 -15.21 -10.05
CA VAL B 166 -30.35 -14.98 -9.94
C VAL B 166 -29.75 -14.58 -11.27
N THR B 167 -29.98 -15.38 -12.31
CA THR B 167 -29.35 -15.14 -13.59
C THR B 167 -29.81 -13.82 -14.20
N GLU B 168 -31.03 -13.37 -13.91
CA GLU B 168 -31.51 -12.13 -14.52
C GLU B 168 -30.63 -10.95 -14.07
N ILE B 169 -29.97 -11.05 -12.90
CA ILE B 169 -29.05 -10.01 -12.44
C ILE B 169 -27.61 -10.35 -12.84
N THR B 170 -27.14 -11.58 -12.54
CA THR B 170 -25.73 -11.94 -12.68
C THR B 170 -25.30 -12.12 -14.13
N SER B 171 -26.24 -12.44 -15.03
CA SER B 171 -25.90 -12.63 -16.44
C SER B 171 -25.31 -11.36 -17.06
N LYS B 172 -25.62 -10.18 -16.50
CA LYS B 172 -25.31 -8.91 -17.14
C LYS B 172 -24.02 -8.30 -16.56
N ILE B 173 -23.46 -8.95 -15.53
CA ILE B 173 -22.29 -8.43 -14.80
C ILE B 173 -21.01 -8.76 -15.56
N PRO B 174 -20.14 -7.78 -15.87
CA PRO B 174 -18.88 -8.06 -16.55
C PRO B 174 -17.84 -8.71 -15.65
N ALA B 175 -16.87 -9.38 -16.27
CA ALA B 175 -15.95 -10.25 -15.56
C ALA B 175 -15.15 -9.51 -14.50
N ASP B 176 -14.79 -8.25 -14.78
CA ASP B 176 -13.89 -7.50 -13.90
C ASP B 176 -14.65 -6.97 -12.69
N LYS B 177 -15.99 -7.06 -12.67
CA LYS B 177 -16.78 -6.62 -11.54
C LYS B 177 -17.09 -7.79 -10.60
N LYS B 178 -16.75 -9.02 -11.03
CA LYS B 178 -17.17 -10.22 -10.33
C LYS B 178 -16.17 -10.59 -9.23
N PRO B 179 -16.63 -11.03 -8.04
CA PRO B 179 -15.73 -11.47 -6.98
C PRO B 179 -15.02 -12.80 -7.25
N SER B 180 -13.77 -12.89 -6.84
CA SER B 180 -13.03 -14.13 -6.96
C SER B 180 -13.43 -15.04 -5.81
N VAL B 181 -13.57 -16.35 -6.12
CA VAL B 181 -14.09 -17.34 -5.19
C VAL B 181 -13.22 -18.58 -5.27
N PHE B 182 -12.94 -19.16 -4.10
CA PHE B 182 -12.41 -20.51 -4.04
C PHE B 182 -13.38 -21.39 -3.25
N ILE B 183 -13.72 -22.57 -3.78
CA ILE B 183 -14.55 -23.48 -3.00
C ILE B 183 -13.73 -24.71 -2.65
N GLU B 184 -13.62 -24.98 -1.36
CA GLU B 184 -12.91 -26.13 -0.84
C GLU B 184 -13.93 -27.20 -0.50
N LEU B 185 -14.02 -28.22 -1.37
CA LEU B 185 -14.97 -29.29 -1.19
C LEU B 185 -14.50 -30.21 -0.07
N ARG B 186 -15.43 -30.59 0.81
CA ARG B 186 -15.13 -31.49 1.91
C ARG B 186 -13.94 -30.97 2.70
N ALA B 187 -13.90 -29.65 2.91
CA ALA B 187 -12.79 -29.04 3.63
C ALA B 187 -12.56 -29.81 4.92
N GLY B 188 -11.30 -30.13 5.22
CA GLY B 188 -10.92 -30.68 6.52
C GLY B 188 -10.15 -31.98 6.41
N GLU B 192 -4.42 -34.20 2.82
CA GLU B 192 -4.06 -33.28 1.71
C GLU B 192 -4.49 -31.85 2.07
N CYS B 193 -4.86 -31.18 0.97
CA CYS B 193 -5.51 -29.87 1.15
C CYS B 193 -5.87 -29.17 -0.14
N CYS B 194 -7.15 -29.11 -0.45
CA CYS B 194 -7.76 -28.12 -1.31
C CYS B 194 -8.32 -28.88 -2.51
N GLY B 195 -9.12 -29.89 -2.18
CA GLY B 195 -10.08 -30.41 -3.13
C GLY B 195 -11.05 -29.30 -3.51
N THR B 196 -11.33 -29.15 -4.80
CA THR B 196 -12.17 -28.05 -5.26
C THR B 196 -12.86 -28.48 -6.54
N ALA B 197 -13.52 -27.52 -7.19
CA ALA B 197 -14.21 -27.82 -8.45
C ALA B 197 -13.74 -26.81 -9.48
N GLY B 198 -13.61 -27.28 -10.70
CA GLY B 198 -13.00 -26.52 -11.78
C GLY B 198 -14.05 -26.19 -12.82
N LYS B 199 -13.92 -26.72 -14.02
CA LYS B 199 -14.88 -26.47 -15.09
C LYS B 199 -16.01 -27.48 -14.98
N GLY B 200 -16.85 -27.30 -13.94
CA GLY B 200 -17.97 -28.20 -13.69
C GLY B 200 -18.26 -28.31 -12.20
N ASN B 201 -19.13 -29.25 -11.83
CA ASN B 201 -19.57 -29.43 -10.46
C ASN B 201 -19.96 -28.06 -9.91
N MET B 202 -19.54 -27.74 -8.69
CA MET B 202 -20.00 -26.52 -8.04
C MET B 202 -19.44 -25.28 -8.71
N GLY B 203 -18.47 -25.44 -9.60
CA GLY B 203 -18.00 -24.31 -10.37
C GLY B 203 -19.10 -23.75 -11.27
N ASP B 204 -19.98 -24.63 -11.74
CA ASP B 204 -21.11 -24.19 -12.53
C ASP B 204 -21.99 -23.24 -11.69
N PHE B 205 -22.07 -23.51 -10.37
CA PHE B 205 -22.90 -22.70 -9.50
C PHE B 205 -22.24 -21.34 -9.34
N ILE B 206 -20.94 -21.34 -9.03
CA ILE B 206 -20.15 -20.12 -8.96
C ILE B 206 -20.38 -19.32 -10.26
N ASP B 207 -20.26 -19.99 -11.41
CA ASP B 207 -20.45 -19.30 -12.68
C ASP B 207 -21.81 -18.62 -12.72
N GLN B 208 -22.88 -19.37 -12.42
CA GLN B 208 -24.22 -18.82 -12.57
C GLN B 208 -24.52 -17.72 -11.55
N ALA B 209 -23.96 -17.84 -10.33
CA ALA B 209 -24.19 -16.85 -9.28
C ALA B 209 -23.35 -15.60 -9.51
N GLY B 210 -22.66 -15.51 -10.66
CA GLY B 210 -21.88 -14.33 -11.00
C GLY B 210 -20.51 -14.26 -10.31
N GLY B 211 -19.99 -15.41 -9.87
CA GLY B 211 -18.66 -15.49 -9.28
C GLY B 211 -17.59 -15.76 -10.33
N ASN B 212 -16.32 -15.58 -9.91
CA ASN B 212 -15.14 -15.93 -10.69
C ASN B 212 -14.38 -16.99 -9.89
N ASN B 213 -14.54 -18.25 -10.31
CA ASN B 213 -13.97 -19.41 -9.65
C ASN B 213 -12.48 -19.46 -9.94
N MET B 214 -11.65 -19.31 -8.91
CA MET B 214 -10.21 -19.19 -9.11
C MET B 214 -9.64 -20.49 -9.68
N ALA B 215 -10.34 -21.62 -9.49
CA ALA B 215 -9.83 -22.93 -9.85
C ALA B 215 -10.29 -23.35 -11.24
N LYS B 216 -11.16 -22.55 -11.87
CA LYS B 216 -11.71 -22.89 -13.18
C LYS B 216 -10.58 -23.14 -14.17
N ASN B 217 -9.49 -22.37 -14.13
CA ASN B 217 -8.44 -22.46 -15.13
C ASN B 217 -7.24 -23.23 -14.60
N LEU B 218 -7.32 -23.75 -13.37
CA LEU B 218 -6.24 -24.53 -12.80
C LEU B 218 -6.44 -26.00 -13.07
N LEU B 219 -7.69 -26.40 -13.41
CA LEU B 219 -8.08 -27.80 -13.49
C LEU B 219 -8.68 -28.07 -14.88
N PRO B 220 -8.37 -29.24 -15.50
CA PRO B 220 -9.04 -29.65 -16.73
C PRO B 220 -10.46 -30.19 -16.51
N GLY B 221 -10.68 -30.77 -15.33
CA GLY B 221 -11.88 -31.53 -15.05
C GLY B 221 -12.81 -30.78 -14.10
N ALA B 222 -13.95 -31.42 -13.81
CA ALA B 222 -14.99 -30.87 -12.96
C ALA B 222 -14.51 -30.82 -11.52
N LEU B 223 -13.79 -31.86 -11.12
CA LEU B 223 -13.26 -31.95 -9.78
C LEU B 223 -11.75 -32.04 -9.87
N GLY B 224 -11.10 -31.85 -8.73
CA GLY B 224 -9.66 -31.87 -8.68
C GLY B 224 -9.18 -31.30 -7.34
N THR B 225 -7.86 -31.16 -7.22
CA THR B 225 -7.26 -30.57 -6.03
C THR B 225 -6.27 -29.49 -6.48
N VAL B 226 -6.06 -28.54 -5.56
CA VAL B 226 -5.17 -27.38 -5.78
C VAL B 226 -4.34 -27.22 -4.50
N ASN B 227 -3.13 -26.71 -4.60
CA ASN B 227 -2.25 -26.60 -3.40
C ASN B 227 -2.70 -25.40 -2.56
N LEU B 228 -2.54 -25.49 -1.24
CA LEU B 228 -2.91 -24.38 -0.34
C LEU B 228 -2.17 -23.11 -0.78
N GLU B 229 -0.94 -23.25 -1.24
CA GLU B 229 -0.13 -22.06 -1.60
C GLU B 229 -0.77 -21.30 -2.78
N LYS B 230 -1.42 -22.01 -3.70
CA LYS B 230 -2.10 -21.34 -4.84
C LYS B 230 -3.32 -20.55 -4.30
N VAL B 231 -4.03 -21.10 -3.34
CA VAL B 231 -5.16 -20.36 -2.73
C VAL B 231 -4.59 -19.14 -1.99
N LEU B 232 -3.55 -19.35 -1.19
CA LEU B 232 -3.00 -18.22 -0.44
C LEU B 232 -2.55 -17.11 -1.37
N SER B 233 -1.92 -17.46 -2.48
CA SER B 233 -1.32 -16.47 -3.35
C SER B 233 -2.39 -15.75 -4.17
N THR B 234 -3.39 -16.47 -4.65
CA THR B 234 -4.51 -15.84 -5.35
C THR B 234 -5.28 -14.93 -4.38
N ASN B 235 -5.41 -15.40 -3.14
CA ASN B 235 -6.02 -14.68 -2.03
C ASN B 235 -7.41 -14.20 -2.42
N PRO B 236 -8.37 -15.15 -2.68
CA PRO B 236 -9.66 -14.81 -3.27
C PRO B 236 -10.55 -13.96 -2.36
N ASP B 237 -11.45 -13.22 -2.99
CA ASP B 237 -12.37 -12.35 -2.26
C ASP B 237 -13.26 -13.17 -1.31
N ILE B 238 -13.68 -14.36 -1.80
CA ILE B 238 -14.67 -15.19 -1.11
C ILE B 238 -14.15 -16.62 -0.95
N TYR B 239 -14.32 -17.17 0.26
CA TYR B 239 -13.97 -18.56 0.54
C TYR B 239 -15.23 -19.34 0.91
N ILE B 240 -15.40 -20.53 0.32
CA ILE B 240 -16.50 -21.41 0.62
C ILE B 240 -15.96 -22.79 0.95
N ALA B 241 -16.41 -23.36 2.06
CA ALA B 241 -16.11 -24.74 2.41
C ALA B 241 -17.39 -25.53 2.30
N SER B 242 -17.31 -26.75 1.76
CA SER B 242 -18.47 -27.64 1.74
C SER B 242 -18.25 -28.74 2.75
N GLY B 243 -19.37 -29.24 3.30
CA GLY B 243 -19.37 -30.32 4.28
C GLY B 243 -20.78 -30.86 4.45
N GLY B 244 -20.88 -32.10 4.96
CA GLY B 244 -22.17 -32.71 5.27
C GLY B 244 -22.08 -33.62 6.49
N LYS B 245 -21.12 -33.29 7.36
CA LYS B 245 -20.74 -34.15 8.45
C LYS B 245 -21.79 -34.03 9.56
N ALA B 246 -22.17 -35.17 10.16
CA ALA B 246 -23.07 -35.15 11.31
C ALA B 246 -22.34 -34.48 12.46
N PRO B 247 -23.05 -33.87 13.44
CA PRO B 247 -22.40 -33.35 14.64
C PRO B 247 -21.68 -34.43 15.47
N ASP B 248 -22.35 -35.57 15.70
CA ASP B 248 -21.77 -36.70 16.42
C ASP B 248 -20.93 -37.53 15.45
N ASN B 249 -19.68 -37.12 15.29
CA ASN B 249 -18.75 -37.66 14.31
C ASN B 249 -17.45 -36.87 14.43
N ASN B 250 -16.49 -37.41 15.19
CA ASN B 250 -15.30 -36.69 15.58
C ASN B 250 -14.34 -36.49 14.39
N ALA B 251 -14.72 -36.96 13.19
CA ALA B 251 -13.97 -36.69 11.97
C ALA B 251 -13.86 -35.18 11.75
N PRO B 252 -12.83 -34.68 11.04
CA PRO B 252 -12.74 -33.26 10.71
C PRO B 252 -13.69 -32.86 9.57
N GLY B 253 -14.12 -31.60 9.56
CA GLY B 253 -14.86 -31.06 8.42
C GLY B 253 -16.06 -30.23 8.88
N VAL B 254 -16.66 -29.55 7.89
CA VAL B 254 -17.78 -28.69 8.17
C VAL B 254 -19.02 -29.56 8.36
N SER B 255 -19.80 -29.19 9.38
CA SER B 255 -20.95 -29.95 9.81
C SER B 255 -22.21 -29.22 9.36
N LEU B 256 -22.92 -29.83 8.40
CA LEU B 256 -24.14 -29.25 7.84
C LEU B 256 -25.09 -30.39 7.52
N GLY B 257 -26.39 -30.08 7.40
CA GLY B 257 -27.41 -31.06 7.07
C GLY B 257 -28.61 -30.98 8.01
N ALA B 258 -29.52 -31.95 7.86
CA ALA B 258 -30.86 -31.92 8.44
C ALA B 258 -30.86 -32.01 9.97
N GLN B 259 -29.76 -32.44 10.59
CA GLN B 259 -29.70 -32.53 12.05
C GLN B 259 -28.65 -31.57 12.64
N VAL B 260 -28.26 -30.52 11.89
CA VAL B 260 -27.28 -29.58 12.37
C VAL B 260 -27.96 -28.25 12.69
N THR B 261 -27.65 -27.68 13.86
CA THR B 261 -28.16 -26.38 14.28
C THR B 261 -27.20 -25.30 13.80
N LYS B 262 -27.72 -24.07 13.70
CA LYS B 262 -26.95 -22.87 13.39
C LYS B 262 -25.65 -22.85 14.20
N GLU B 263 -25.73 -23.18 15.50
CA GLU B 263 -24.63 -22.99 16.42
C GLU B 263 -23.58 -24.08 16.18
N GLN B 264 -24.04 -25.30 15.87
CA GLN B 264 -23.15 -26.39 15.53
C GLN B 264 -22.40 -26.09 14.23
N ALA B 265 -23.11 -25.46 13.27
CA ALA B 265 -22.58 -25.16 11.95
C ALA B 265 -21.46 -24.11 12.01
N GLN B 266 -21.74 -22.97 12.66
CA GLN B 266 -20.76 -21.91 12.85
C GLN B 266 -19.52 -22.43 13.59
N SER B 267 -19.75 -23.23 14.63
CA SER B 267 -18.66 -23.77 15.43
C SER B 267 -17.74 -24.64 14.59
N SER B 268 -18.34 -25.50 13.75
CA SER B 268 -17.57 -26.43 12.91
C SER B 268 -16.91 -25.67 11.77
N LEU B 269 -17.61 -24.67 11.21
CA LEU B 269 -17.06 -23.81 10.16
C LEU B 269 -15.82 -23.11 10.70
N GLN B 270 -15.91 -22.57 11.91
CA GLN B 270 -14.81 -21.83 12.50
C GLN B 270 -13.57 -22.73 12.67
N THR B 271 -13.79 -24.00 13.01
CA THR B 271 -12.70 -24.94 13.15
C THR B 271 -11.97 -25.07 11.83
N ILE B 272 -12.75 -25.11 10.74
CA ILE B 272 -12.19 -25.22 9.40
C ILE B 272 -11.41 -23.96 9.04
N LEU B 273 -11.93 -22.80 9.43
CA LEU B 273 -11.32 -21.51 9.09
C LEU B 273 -10.05 -21.24 9.90
N ASP B 274 -9.83 -21.99 10.98
CA ASP B 274 -8.71 -21.79 11.88
C ASP B 274 -7.54 -22.72 11.59
N ARG B 275 -7.56 -23.45 10.47
CA ARG B 275 -6.45 -24.32 10.10
C ARG B 275 -5.26 -23.45 9.67
N LYS B 276 -4.04 -23.97 9.88
CA LYS B 276 -2.84 -23.28 9.42
C LYS B 276 -3.08 -22.81 7.99
N GLY B 277 -2.61 -21.60 7.67
CA GLY B 277 -2.63 -21.10 6.31
C GLY B 277 -3.98 -20.51 5.92
N ILE B 278 -5.05 -21.30 6.10
CA ILE B 278 -6.39 -20.90 5.71
C ILE B 278 -6.80 -19.64 6.48
N ASN B 279 -6.33 -19.54 7.73
CA ASN B 279 -6.74 -18.46 8.62
C ASN B 279 -6.07 -17.13 8.29
N THR B 280 -5.07 -17.15 7.39
CA THR B 280 -4.41 -15.91 6.98
C THR B 280 -5.11 -15.34 5.74
N LEU B 281 -6.02 -16.10 5.13
CA LEU B 281 -6.69 -15.62 3.94
C LEU B 281 -7.43 -14.32 4.24
N SER B 282 -7.30 -13.36 3.32
CA SER B 282 -8.06 -12.12 3.43
C SER B 282 -9.54 -12.43 3.60
N ALA B 283 -10.07 -13.33 2.76
CA ALA B 283 -11.50 -13.61 2.77
C ALA B 283 -11.92 -14.10 4.15
N VAL B 284 -11.02 -14.83 4.81
CA VAL B 284 -11.34 -15.32 6.14
C VAL B 284 -11.30 -14.15 7.13
N LYS B 285 -10.29 -13.29 7.02
CA LYS B 285 -10.10 -12.18 7.95
C LYS B 285 -11.24 -11.16 7.81
N ASN B 286 -11.71 -10.91 6.57
CA ASN B 286 -12.81 -10.01 6.29
C ASN B 286 -14.20 -10.64 6.49
N GLY B 287 -14.25 -11.92 6.88
CA GLY B 287 -15.50 -12.65 7.09
C GLY B 287 -16.31 -12.92 5.81
N ARG B 288 -15.70 -12.87 4.61
CA ARG B 288 -16.39 -13.35 3.44
C ARG B 288 -16.07 -14.83 3.26
N SER B 289 -16.51 -15.63 4.25
CA SER B 289 -16.22 -17.04 4.30
C SER B 289 -17.47 -17.78 4.76
N TYR B 290 -17.80 -18.88 4.07
CA TYR B 290 -19.13 -19.47 4.10
C TYR B 290 -19.02 -20.98 4.12
N GLY B 291 -20.14 -21.63 4.46
CA GLY B 291 -20.28 -23.07 4.40
C GLY B 291 -21.50 -23.46 3.57
N ILE B 292 -21.35 -24.49 2.73
CA ILE B 292 -22.44 -25.01 1.92
C ILE B 292 -22.47 -26.52 2.10
N TRP B 293 -23.68 -27.08 2.09
CA TRP B 293 -23.86 -28.51 2.25
C TRP B 293 -23.26 -29.22 1.05
N HIS B 294 -22.40 -30.23 1.31
CA HIS B 294 -21.60 -30.85 0.27
C HIS B 294 -22.47 -31.54 -0.77
N ASN B 295 -23.57 -32.15 -0.33
CA ASN B 295 -24.36 -33.02 -1.18
C ASN B 295 -25.05 -32.24 -2.30
N PHE B 296 -25.07 -30.91 -2.26
CA PHE B 296 -25.58 -30.11 -3.37
C PHE B 296 -24.69 -30.29 -4.60
N TYR B 297 -23.52 -30.92 -4.38
CA TYR B 297 -22.58 -31.17 -5.47
C TYR B 297 -23.09 -32.29 -6.39
N ASN B 298 -24.18 -32.96 -6.03
CA ASN B 298 -24.76 -34.04 -6.82
C ASN B 298 -26.25 -34.21 -6.48
N SER B 299 -27.06 -33.18 -6.77
CA SER B 299 -28.45 -33.17 -6.38
C SER B 299 -29.18 -32.07 -7.12
N PRO B 300 -30.43 -32.32 -7.58
CA PRO B 300 -31.19 -31.30 -8.30
C PRO B 300 -31.80 -30.26 -7.38
N TYR B 301 -31.61 -30.46 -6.07
CA TYR B 301 -31.87 -29.41 -5.10
C TYR B 301 -30.80 -28.30 -5.20
N ASN B 302 -29.87 -28.39 -6.17
CA ASN B 302 -28.70 -27.52 -6.20
C ASN B 302 -29.11 -26.06 -6.41
N VAL B 303 -30.35 -25.82 -6.82
CA VAL B 303 -30.83 -24.46 -6.96
C VAL B 303 -30.61 -23.68 -5.67
N LEU B 304 -30.69 -24.37 -4.52
CA LEU B 304 -30.49 -23.73 -3.23
C LEU B 304 -29.05 -23.23 -3.12
N ALA B 305 -28.08 -24.02 -3.58
CA ALA B 305 -26.70 -23.61 -3.56
C ALA B 305 -26.47 -22.42 -4.49
N ILE B 306 -27.06 -22.46 -5.68
CA ILE B 306 -26.86 -21.38 -6.62
C ILE B 306 -27.27 -20.06 -5.94
N GLN B 307 -28.44 -20.11 -5.27
CA GLN B 307 -29.03 -18.95 -4.64
C GLN B 307 -28.20 -18.52 -3.44
N SER B 308 -27.71 -19.48 -2.62
CA SER B 308 -26.81 -19.15 -1.54
C SER B 308 -25.56 -18.42 -2.06
N PHE B 309 -25.03 -18.88 -3.21
CA PHE B 309 -23.79 -18.34 -3.74
C PHE B 309 -24.04 -16.91 -4.21
N ALA B 310 -25.12 -16.70 -4.99
CA ALA B 310 -25.43 -15.36 -5.47
C ALA B 310 -25.51 -14.38 -4.31
N LYS B 311 -26.19 -14.80 -3.24
CA LYS B 311 -26.42 -13.96 -2.08
C LYS B 311 -25.12 -13.60 -1.36
N TRP B 312 -24.12 -14.48 -1.44
CA TRP B 312 -22.84 -14.22 -0.82
C TRP B 312 -22.01 -13.33 -1.74
N PHE B 313 -22.16 -13.53 -3.04
CA PHE B 313 -21.34 -12.83 -4.01
C PHE B 313 -21.75 -11.38 -4.08
N TYR B 314 -23.07 -11.11 -3.99
CA TYR B 314 -23.60 -9.76 -4.11
C TYR B 314 -24.64 -9.48 -3.03
N PRO B 315 -24.28 -9.30 -1.74
CA PRO B 315 -25.24 -9.35 -0.66
C PRO B 315 -26.42 -8.41 -0.79
N GLN B 316 -26.21 -7.21 -1.34
CA GLN B 316 -27.26 -6.20 -1.37
C GLN B 316 -28.23 -6.47 -2.52
N GLN B 317 -27.69 -6.81 -3.69
CA GLN B 317 -28.49 -7.09 -4.87
C GLN B 317 -29.44 -8.26 -4.59
N PHE B 318 -29.05 -9.17 -3.67
CA PHE B 318 -29.86 -10.31 -3.33
C PHE B 318 -30.26 -10.28 -1.86
N ALA B 319 -30.53 -9.07 -1.35
CA ALA B 319 -30.81 -8.89 0.07
C ALA B 319 -32.14 -9.56 0.45
N ASP B 320 -33.11 -9.54 -0.47
CA ASP B 320 -34.45 -10.04 -0.23
C ASP B 320 -34.60 -11.51 -0.64
N LEU B 321 -33.62 -12.05 -1.38
CA LEU B 321 -33.62 -13.47 -1.70
C LEU B 321 -33.31 -14.25 -0.43
N ASP B 322 -34.16 -15.22 -0.10
CA ASP B 322 -33.93 -16.11 1.04
C ASP B 322 -34.00 -17.56 0.58
N PRO B 323 -32.86 -18.27 0.53
CA PRO B 323 -32.86 -19.70 0.20
C PRO B 323 -33.77 -20.52 1.09
N ASN B 324 -33.85 -20.18 2.38
CA ASN B 324 -34.75 -20.87 3.32
C ASN B 324 -36.19 -20.87 2.81
N ASN B 325 -36.63 -19.75 2.25
CA ASN B 325 -37.91 -19.68 1.56
C ASN B 325 -37.96 -20.75 0.46
N THR B 326 -37.00 -20.69 -0.48
CA THR B 326 -37.00 -21.59 -1.62
C THR B 326 -37.03 -23.04 -1.13
N MET B 327 -36.25 -23.34 -0.09
CA MET B 327 -36.18 -24.69 0.44
C MET B 327 -37.55 -25.07 1.00
N ASN B 328 -38.17 -24.19 1.81
CA ASN B 328 -39.47 -24.48 2.40
C ASN B 328 -40.49 -24.74 1.30
N SER B 329 -40.46 -23.94 0.22
CA SER B 329 -41.37 -24.15 -0.90
C SER B 329 -41.12 -25.51 -1.55
N LEU B 330 -39.85 -25.90 -1.70
CA LEU B 330 -39.51 -27.14 -2.39
C LEU B 330 -40.02 -28.32 -1.59
N TYR B 331 -39.78 -28.35 -0.27
CA TYR B 331 -40.26 -29.43 0.58
C TYR B 331 -41.79 -29.47 0.57
N SER B 332 -42.43 -28.34 0.77
CA SER B 332 -43.87 -28.26 0.74
C SER B 332 -44.44 -28.92 -0.51
N GLN B 333 -43.88 -28.56 -1.66
CA GLN B 333 -44.52 -28.86 -2.94
C GLN B 333 -44.18 -30.27 -3.44
N PHE B 334 -43.05 -30.85 -3.03
CA PHE B 334 -42.53 -32.03 -3.69
C PHE B 334 -42.18 -33.17 -2.73
N LEU B 335 -41.86 -32.86 -1.47
CA LEU B 335 -41.34 -33.86 -0.56
C LEU B 335 -42.38 -34.24 0.48
N ALA B 336 -41.99 -35.22 1.30
CA ALA B 336 -42.87 -35.84 2.28
C ALA B 336 -42.28 -35.72 3.68
N ILE B 337 -41.24 -34.91 3.87
CA ILE B 337 -40.75 -34.65 5.22
C ILE B 337 -40.71 -33.14 5.43
N GLU B 338 -40.43 -32.74 6.68
CA GLU B 338 -40.31 -31.34 7.04
C GLU B 338 -38.82 -30.96 6.96
N PRO B 339 -38.48 -29.78 6.39
CA PRO B 339 -37.11 -29.30 6.43
C PRO B 339 -36.63 -29.08 7.86
N THR B 340 -35.40 -29.51 8.14
CA THR B 340 -34.76 -29.27 9.43
C THR B 340 -33.28 -29.00 9.17
N GLY B 341 -32.62 -28.43 10.17
CA GLY B 341 -31.16 -28.29 10.18
C GLY B 341 -30.68 -27.05 9.42
N THR B 342 -29.40 -27.10 9.05
CA THR B 342 -28.69 -25.99 8.45
C THR B 342 -27.94 -26.48 7.20
N TYR B 343 -28.29 -25.94 6.04
CA TYR B 343 -27.66 -26.29 4.78
C TYR B 343 -26.74 -25.20 4.23
N TRP B 344 -26.57 -24.09 4.96
CA TRP B 344 -25.61 -23.06 4.62
C TRP B 344 -25.37 -22.20 5.84
N VAL B 345 -24.21 -21.56 5.93
CA VAL B 345 -23.85 -20.82 7.13
C VAL B 345 -22.81 -19.74 6.82
N ASP B 346 -22.83 -18.67 7.61
CA ASP B 346 -21.91 -17.55 7.49
C ASP B 346 -21.02 -17.50 8.73
N SER B 347 -19.80 -16.96 8.58
CA SER B 347 -18.89 -16.72 9.69
C SER B 347 -19.63 -16.21 10.93
N ILE C 4 20.05 -37.06 2.16
CA ILE C 4 19.45 -35.72 1.83
C ILE C 4 18.11 -35.56 2.56
N THR C 5 17.85 -34.34 3.05
CA THR C 5 16.50 -33.90 3.39
C THR C 5 16.16 -32.74 2.46
N ASP C 6 15.08 -32.88 1.69
CA ASP C 6 14.73 -31.91 0.66
C ASP C 6 13.88 -30.79 1.27
N MET C 7 13.49 -29.83 0.43
CA MET C 7 12.86 -28.61 0.89
C MET C 7 11.39 -28.85 1.24
N ALA C 8 10.88 -30.07 0.98
CA ALA C 8 9.56 -30.47 1.44
C ALA C 8 9.68 -31.39 2.65
N GLY C 9 10.89 -31.48 3.23
CA GLY C 9 11.09 -32.24 4.45
C GLY C 9 11.22 -33.74 4.22
N ARG C 10 11.14 -34.17 2.95
CA ARG C 10 11.22 -35.58 2.58
C ARG C 10 12.66 -36.05 2.64
N SER C 11 12.86 -37.30 3.10
CA SER C 11 14.15 -37.98 3.02
C SER C 11 14.26 -38.70 1.69
N VAL C 12 15.43 -38.62 1.04
CA VAL C 12 15.63 -39.18 -0.29
C VAL C 12 17.05 -39.74 -0.42
N VAL C 13 17.20 -40.71 -1.33
CA VAL C 13 18.42 -41.50 -1.43
C VAL C 13 19.23 -41.07 -2.66
N ILE C 14 20.50 -40.74 -2.43
CA ILE C 14 21.41 -40.34 -3.49
C ILE C 14 21.55 -41.50 -4.47
N PRO C 15 21.09 -41.35 -5.74
CA PRO C 15 21.28 -42.40 -6.73
C PRO C 15 22.73 -42.86 -6.82
N ALA C 16 22.93 -44.05 -7.39
CA ALA C 16 24.28 -44.56 -7.60
C ALA C 16 24.95 -43.76 -8.72
N LYS C 17 24.24 -43.66 -9.85
CA LYS C 17 24.70 -42.89 -11.00
C LYS C 17 23.63 -41.85 -11.33
N VAL C 18 24.05 -40.75 -11.97
CA VAL C 18 23.14 -39.75 -12.50
C VAL C 18 23.68 -39.28 -13.84
N GLU C 19 23.06 -39.72 -14.94
CA GLU C 19 23.42 -39.25 -16.28
C GLU C 19 22.19 -38.67 -16.97
N ARG C 20 21.03 -38.85 -16.34
CA ARG C 20 19.74 -38.46 -16.92
CA ARG C 20 19.74 -38.46 -16.92
C ARG C 20 18.92 -37.75 -15.85
N ILE C 21 18.81 -36.43 -15.99
CA ILE C 21 18.12 -35.59 -15.02
C ILE C 21 16.87 -35.02 -15.67
N LEU C 22 15.77 -35.09 -14.92
CA LEU C 22 14.53 -34.46 -15.34
C LEU C 22 14.33 -33.19 -14.53
N LEU C 23 14.10 -32.07 -15.23
CA LEU C 23 13.82 -30.78 -14.61
C LEU C 23 12.34 -30.46 -14.73
N GLY C 24 11.65 -30.57 -13.60
CA GLY C 24 10.21 -30.43 -13.53
C GLY C 24 9.77 -28.99 -13.71
N GLU C 25 10.68 -28.07 -13.39
CA GLU C 25 10.45 -26.63 -13.62
C GLU C 25 11.67 -26.20 -14.42
N GLY C 26 11.48 -25.53 -15.56
CA GLY C 26 12.62 -25.21 -16.44
C GLY C 26 13.64 -24.27 -15.83
N ARG C 27 13.24 -23.43 -14.90
CA ARG C 27 14.18 -22.41 -14.37
C ARG C 27 15.18 -23.06 -13.43
N LEU C 28 14.96 -24.32 -13.05
CA LEU C 28 15.93 -25.06 -12.20
C LEU C 28 17.23 -25.27 -12.99
N PHE C 29 17.23 -24.92 -14.28
CA PHE C 29 18.46 -24.98 -15.09
C PHE C 29 19.49 -24.07 -14.45
N TYR C 30 19.10 -22.86 -14.09
CA TYR C 30 20.03 -21.89 -13.47
C TYR C 30 20.83 -22.55 -12.34
N ALA C 31 20.14 -23.22 -11.44
CA ALA C 31 20.81 -23.93 -10.34
C ALA C 31 21.70 -25.04 -10.88
N VAL C 32 21.20 -25.76 -11.87
CA VAL C 32 21.93 -26.89 -12.41
C VAL C 32 23.13 -26.34 -13.17
N SER C 33 22.94 -25.22 -13.89
CA SER C 33 24.01 -24.62 -14.67
C SER C 33 25.25 -24.40 -13.80
N LEU C 34 25.05 -24.13 -12.51
CA LEU C 34 26.19 -23.81 -11.61
C LEU C 34 26.99 -25.07 -11.28
N LEU C 35 26.43 -26.23 -11.60
CA LEU C 35 27.09 -27.51 -11.27
C LEU C 35 27.59 -28.24 -12.52
N GLU C 36 27.22 -27.79 -13.72
CA GLU C 36 27.53 -28.59 -14.89
C GLU C 36 28.73 -28.04 -15.66
N GLY C 37 29.35 -26.97 -15.17
CA GLY C 37 30.57 -26.43 -15.79
C GLY C 37 30.47 -26.16 -17.27
N GLN C 38 31.36 -26.77 -18.06
CA GLN C 38 31.36 -26.45 -19.49
C GLN C 38 30.38 -27.31 -20.27
N LYS C 39 29.80 -28.32 -19.62
CA LYS C 39 28.87 -29.27 -20.23
C LYS C 39 27.47 -29.09 -19.64
N PRO C 40 26.78 -27.95 -19.92
CA PRO C 40 25.54 -27.60 -19.24
C PRO C 40 24.37 -28.56 -19.42
N PHE C 41 24.13 -28.98 -20.67
CA PHE C 41 22.93 -29.71 -21.05
C PHE C 41 23.18 -31.22 -21.11
N ASP C 42 24.37 -31.67 -20.71
CA ASP C 42 24.83 -33.00 -21.04
C ASP C 42 23.92 -34.05 -20.39
N ARG C 43 23.47 -33.80 -19.16
CA ARG C 43 22.75 -34.79 -18.37
C ARG C 43 21.25 -34.47 -18.26
N ILE C 44 20.72 -33.66 -19.18
CA ILE C 44 19.35 -33.20 -19.07
C ILE C 44 18.53 -33.87 -20.17
N VAL C 45 17.69 -34.84 -19.76
CA VAL C 45 16.95 -35.71 -20.67
C VAL C 45 15.59 -35.12 -21.01
N GLY C 46 15.09 -34.25 -20.13
CA GLY C 46 13.95 -33.42 -20.46
C GLY C 46 13.74 -32.36 -19.39
N TRP C 47 13.04 -31.30 -19.79
CA TRP C 47 12.74 -30.18 -18.91
C TRP C 47 11.39 -29.57 -19.25
N GLN C 48 10.74 -29.01 -18.23
CA GLN C 48 9.61 -28.12 -18.44
C GLN C 48 10.09 -26.89 -19.21
N GLY C 49 9.20 -26.30 -20.02
CA GLY C 49 9.60 -25.35 -21.04
C GLY C 49 9.65 -23.90 -20.55
N ASP C 50 9.72 -23.68 -19.24
CA ASP C 50 9.78 -22.30 -18.67
C ASP C 50 11.07 -21.60 -19.14
N PHE C 51 12.24 -22.22 -18.92
CA PHE C 51 13.53 -21.64 -19.37
C PHE C 51 13.50 -21.35 -20.86
N ARG C 52 13.01 -22.27 -21.70
CA ARG C 52 13.07 -21.99 -23.12
C ARG C 52 12.02 -20.96 -23.55
N LYS C 53 10.85 -20.93 -22.92
CA LYS C 53 9.76 -20.08 -23.41
C LYS C 53 9.73 -18.72 -22.70
N LEU C 54 10.20 -18.66 -21.45
CA LEU C 54 10.11 -17.40 -20.63
C LEU C 54 11.46 -16.68 -20.55
N ASP C 55 12.58 -17.38 -20.69
CA ASP C 55 13.88 -16.72 -20.75
C ASP C 55 14.49 -16.92 -22.14
N THR C 56 13.81 -16.43 -23.17
CA THR C 56 14.22 -16.62 -24.55
C THR C 56 15.63 -16.07 -24.73
N GLN C 57 15.98 -15.04 -23.97
CA GLN C 57 17.25 -14.35 -24.14
C GLN C 57 18.43 -15.22 -23.69
N THR C 58 18.41 -15.69 -22.45
CA THR C 58 19.49 -16.53 -21.96
C THR C 58 19.55 -17.77 -22.83
N TYR C 59 18.38 -18.27 -23.23
CA TYR C 59 18.28 -19.48 -24.04
C TYR C 59 18.97 -19.27 -25.38
N ALA C 60 18.64 -18.16 -26.06
CA ALA C 60 19.18 -17.86 -27.38
C ALA C 60 20.70 -17.79 -27.35
N VAL C 61 21.25 -17.31 -26.22
CA VAL C 61 22.69 -17.22 -26.04
C VAL C 61 23.27 -18.62 -25.91
N TYR C 62 22.55 -19.49 -25.20
CA TYR C 62 22.99 -20.87 -25.02
C TYR C 62 22.86 -21.66 -26.32
N LYS C 63 21.85 -21.35 -27.16
CA LYS C 63 21.63 -22.06 -28.41
C LYS C 63 22.81 -21.87 -29.37
N ALA C 64 23.28 -20.61 -29.49
CA ALA C 64 24.32 -20.25 -30.43
C ALA C 64 25.63 -20.97 -30.12
N LYS C 65 25.84 -21.37 -28.86
CA LYS C 65 27.01 -22.14 -28.49
C LYS C 65 26.69 -23.63 -28.39
N PHE C 66 25.40 -23.98 -28.23
CA PHE C 66 24.99 -25.36 -28.04
C PHE C 66 23.67 -25.61 -28.78
N PRO C 67 23.69 -25.92 -30.10
CA PRO C 67 22.45 -25.99 -30.89
C PRO C 67 21.58 -27.19 -30.54
N GLN C 68 22.17 -28.14 -29.79
CA GLN C 68 21.50 -29.36 -29.39
C GLN C 68 20.29 -29.08 -28.50
N VAL C 69 20.31 -27.92 -27.83
CA VAL C 69 19.40 -27.60 -26.74
C VAL C 69 17.95 -27.65 -27.24
N ASP C 70 17.72 -27.31 -28.52
CA ASP C 70 16.39 -27.34 -29.12
C ASP C 70 15.81 -28.76 -29.19
N ASN C 71 16.62 -29.80 -28.98
CA ASN C 71 16.17 -31.18 -29.10
C ASN C 71 15.93 -31.80 -27.72
N ILE C 72 16.16 -31.04 -26.64
CA ILE C 72 15.80 -31.55 -25.34
C ILE C 72 14.27 -31.63 -25.32
N PRO C 73 13.68 -32.77 -24.91
CA PRO C 73 12.22 -32.86 -24.83
C PRO C 73 11.63 -31.92 -23.77
N LEU C 74 10.44 -31.41 -24.08
CA LEU C 74 9.72 -30.54 -23.13
C LEU C 74 8.75 -31.39 -22.31
N ILE C 75 8.56 -31.07 -21.04
CA ILE C 75 7.76 -31.95 -20.15
C ILE C 75 6.55 -31.18 -19.59
N SER C 82 5.24 -30.88 -23.78
CA SER C 82 4.91 -31.35 -25.16
C SER C 82 5.07 -32.87 -25.28
N ILE C 83 5.27 -33.59 -24.17
CA ILE C 83 5.33 -35.08 -24.19
C ILE C 83 4.52 -35.57 -22.98
N SER C 84 3.67 -36.59 -23.15
CA SER C 84 2.85 -37.14 -22.08
C SER C 84 3.71 -37.55 -20.88
N PRO C 85 3.14 -37.60 -19.65
CA PRO C 85 3.87 -38.16 -18.52
C PRO C 85 4.44 -39.54 -18.81
N GLU C 86 3.66 -40.33 -19.55
CA GLU C 86 4.01 -41.70 -19.90
C GLU C 86 5.29 -41.71 -20.74
N LYS C 87 5.30 -40.88 -21.80
CA LYS C 87 6.47 -40.73 -22.65
C LYS C 87 7.71 -40.35 -21.82
N VAL C 88 7.56 -39.51 -20.78
CA VAL C 88 8.72 -38.97 -20.08
C VAL C 88 9.33 -40.13 -19.29
N LEU C 89 8.50 -41.09 -18.88
CA LEU C 89 9.00 -42.26 -18.16
C LEU C 89 9.89 -43.10 -19.07
N THR C 90 9.69 -43.01 -20.39
CA THR C 90 10.51 -43.76 -21.34
C THR C 90 11.93 -43.20 -21.35
N LEU C 91 12.08 -41.90 -20.97
CA LEU C 91 13.38 -41.25 -20.99
C LEU C 91 14.27 -41.83 -19.89
N ASN C 92 13.68 -42.65 -19.01
CA ASN C 92 14.43 -43.40 -18.01
C ASN C 92 15.29 -42.42 -17.20
N PRO C 93 14.68 -41.47 -16.47
CA PRO C 93 15.43 -40.53 -15.66
C PRO C 93 16.02 -41.21 -14.42
N ASP C 94 17.24 -40.78 -14.06
CA ASP C 94 17.87 -41.23 -12.83
C ASP C 94 17.29 -40.47 -11.64
N ILE C 95 16.82 -39.24 -11.91
CA ILE C 95 16.35 -38.32 -10.87
C ILE C 95 15.49 -37.23 -11.50
N ALA C 96 14.51 -36.77 -10.71
CA ALA C 96 13.69 -35.65 -11.11
C ALA C 96 13.71 -34.60 -10.00
N ILE C 97 14.04 -33.35 -10.42
CA ILE C 97 14.03 -32.19 -9.53
C ILE C 97 12.79 -31.34 -9.82
N PHE C 98 12.09 -30.93 -8.77
CA PHE C 98 10.94 -30.05 -8.85
C PHE C 98 11.07 -28.88 -7.90
N GLY C 99 10.30 -27.82 -8.16
CA GLY C 99 10.08 -26.74 -7.22
C GLY C 99 9.09 -27.18 -6.14
N LEU C 100 9.16 -26.54 -4.97
CA LEU C 100 8.18 -26.73 -3.91
C LEU C 100 6.78 -26.49 -4.47
N SER C 101 6.65 -25.46 -5.33
CA SER C 101 5.49 -25.23 -6.16
C SER C 101 5.32 -26.40 -7.13
N GLY C 102 4.80 -27.52 -6.61
CA GLY C 102 4.77 -28.80 -7.30
C GLY C 102 5.05 -29.99 -6.38
N HIS C 103 5.05 -29.77 -5.05
CA HIS C 103 5.20 -30.81 -4.04
C HIS C 103 3.96 -31.69 -4.10
N GLY C 104 2.94 -31.28 -3.33
CA GLY C 104 1.70 -32.04 -3.22
C GLY C 104 0.85 -31.90 -4.47
N PRO C 105 -0.45 -31.52 -4.30
CA PRO C 105 -1.43 -31.50 -5.41
C PRO C 105 -1.20 -30.31 -6.34
N GLY C 106 -0.11 -30.36 -7.09
CA GLY C 106 0.11 -29.28 -8.04
C GLY C 106 -0.26 -29.67 -9.46
N LYS C 107 0.26 -28.88 -10.41
CA LYS C 107 0.04 -29.03 -11.85
C LYS C 107 0.76 -30.30 -12.34
N ASN C 108 1.95 -30.56 -11.80
CA ASN C 108 2.72 -31.77 -12.06
C ASN C 108 2.57 -32.74 -10.89
N SER C 109 1.34 -32.86 -10.39
CA SER C 109 0.99 -33.85 -9.38
C SER C 109 0.94 -35.22 -10.03
N GLU C 110 0.48 -35.29 -11.29
CA GLU C 110 0.37 -36.57 -11.99
C GLU C 110 1.77 -37.08 -12.30
N LEU C 111 2.58 -36.24 -12.94
CA LEU C 111 3.92 -36.62 -13.34
C LEU C 111 4.72 -37.09 -12.11
N VAL C 112 4.49 -36.47 -10.95
CA VAL C 112 5.26 -36.81 -9.77
C VAL C 112 4.85 -38.19 -9.28
N LYS C 113 3.55 -38.50 -9.34
CA LYS C 113 3.02 -39.76 -8.81
C LYS C 113 3.58 -40.92 -9.64
N GLN C 114 3.54 -40.77 -10.98
CA GLN C 114 4.03 -41.77 -11.91
C GLN C 114 5.53 -42.03 -11.69
N LEU C 115 6.34 -40.97 -11.62
CA LEU C 115 7.77 -41.10 -11.40
C LEU C 115 8.06 -41.92 -10.15
N GLU C 116 7.27 -41.71 -9.09
CA GLU C 116 7.52 -42.37 -7.82
C GLU C 116 7.14 -43.86 -7.93
N LYS C 117 6.10 -44.16 -8.72
CA LYS C 117 5.68 -45.54 -8.93
C LYS C 117 6.63 -46.25 -9.91
N ALA C 118 7.44 -45.45 -10.62
CA ALA C 118 8.49 -45.96 -11.49
C ALA C 118 9.81 -46.13 -10.75
N GLY C 119 9.81 -45.91 -9.42
CA GLY C 119 11.02 -46.02 -8.61
C GLY C 119 12.08 -44.95 -8.96
N VAL C 120 11.64 -43.82 -9.52
CA VAL C 120 12.50 -42.66 -9.77
C VAL C 120 12.53 -41.78 -8.52
N PRO C 121 13.71 -41.31 -8.07
CA PRO C 121 13.77 -40.39 -6.95
C PRO C 121 13.41 -38.95 -7.35
N VAL C 122 12.58 -38.32 -6.52
CA VAL C 122 12.06 -36.99 -6.79
C VAL C 122 12.57 -36.08 -5.68
N VAL C 123 13.18 -34.95 -6.07
CA VAL C 123 13.73 -33.99 -5.10
C VAL C 123 13.03 -32.66 -5.29
N PHE C 124 12.49 -32.13 -4.19
CA PHE C 124 11.91 -30.81 -4.16
C PHE C 124 12.92 -29.82 -3.58
N VAL C 125 13.26 -28.80 -4.39
CA VAL C 125 14.09 -27.68 -3.97
C VAL C 125 13.26 -26.41 -4.03
N ASP C 126 13.79 -25.29 -3.51
CA ASP C 126 13.04 -24.03 -3.48
C ASP C 126 13.97 -22.82 -3.56
N PHE C 127 13.75 -21.99 -4.59
CA PHE C 127 14.32 -20.65 -4.64
C PHE C 127 13.22 -19.58 -4.79
N ARG C 128 11.94 -19.95 -4.51
CA ARG C 128 10.81 -19.14 -4.94
C ARG C 128 9.96 -18.67 -3.76
N THR C 129 9.51 -19.58 -2.89
CA THR C 129 8.58 -19.16 -1.87
C THR C 129 9.36 -18.60 -0.69
N SER C 130 10.46 -19.25 -0.31
CA SER C 130 11.30 -18.80 0.79
C SER C 130 12.80 -18.78 0.43
N PRO C 131 13.25 -17.87 -0.45
CA PRO C 131 14.65 -17.89 -0.89
C PRO C 131 15.68 -17.79 0.23
N LEU C 132 15.38 -17.01 1.28
CA LEU C 132 16.34 -16.77 2.35
C LEU C 132 16.61 -18.10 3.06
N LYS C 133 15.54 -18.77 3.49
CA LYS C 133 15.68 -20.05 4.18
C LYS C 133 16.33 -21.09 3.27
N ASN C 134 15.94 -21.14 1.98
CA ASN C 134 16.08 -22.35 1.20
C ASN C 134 17.12 -22.28 0.07
N THR C 135 17.61 -21.10 -0.30
CA THR C 135 18.44 -21.04 -1.51
C THR C 135 19.66 -21.94 -1.35
N LEU C 136 20.39 -21.77 -0.26
CA LEU C 136 21.68 -22.50 -0.11
C LEU C 136 21.43 -23.95 0.28
N PRO C 137 20.50 -24.27 1.22
CA PRO C 137 20.11 -25.67 1.46
C PRO C 137 19.76 -26.36 0.15
N SER C 138 19.00 -25.69 -0.71
CA SER C 138 18.62 -26.27 -2.03
C SER C 138 19.89 -26.61 -2.82
N MET C 139 20.81 -25.66 -2.92
CA MET C 139 22.08 -25.89 -3.64
C MET C 139 22.84 -27.08 -3.01
N ARG C 140 22.85 -27.15 -1.67
CA ARG C 140 23.60 -28.23 -0.99
C ARG C 140 23.04 -29.57 -1.43
N VAL C 141 21.71 -29.69 -1.46
CA VAL C 141 21.07 -30.99 -1.83
C VAL C 141 21.43 -31.32 -3.28
N LEU C 142 21.21 -30.38 -4.20
CA LEU C 142 21.46 -30.66 -5.62
C LEU C 142 22.93 -31.09 -5.84
N GLY C 143 23.87 -30.54 -5.08
CA GLY C 143 25.27 -30.96 -5.21
C GLY C 143 25.43 -32.43 -4.91
N LYS C 144 24.80 -32.90 -3.84
CA LYS C 144 24.91 -34.32 -3.44
C LYS C 144 24.12 -35.22 -4.39
N VAL C 145 22.84 -34.91 -4.60
CA VAL C 145 22.02 -35.82 -5.36
C VAL C 145 22.40 -35.81 -6.84
N LEU C 146 23.19 -34.84 -7.30
CA LEU C 146 23.61 -34.83 -8.70
C LEU C 146 25.12 -35.04 -8.85
N HIS C 147 25.78 -35.46 -7.76
CA HIS C 147 27.21 -35.82 -7.77
C HIS C 147 28.04 -34.64 -8.24
N ARG C 148 27.80 -33.45 -7.68
CA ARG C 148 28.55 -32.24 -8.08
C ARG C 148 28.82 -31.36 -6.86
N GLU C 149 29.04 -31.96 -5.69
CA GLU C 149 29.26 -31.21 -4.43
C GLU C 149 30.38 -30.15 -4.55
N GLN C 150 31.41 -30.43 -5.33
CA GLN C 150 32.54 -29.47 -5.45
C GLN C 150 32.03 -28.16 -6.03
N GLN C 151 31.27 -28.23 -7.13
CA GLN C 151 30.78 -27.00 -7.80
C GLN C 151 29.77 -26.31 -6.89
N ALA C 152 29.07 -27.08 -6.06
CA ALA C 152 28.02 -26.51 -5.20
C ALA C 152 28.64 -25.82 -4.00
N ASN C 153 29.50 -26.54 -3.28
CA ASN C 153 30.16 -25.97 -2.08
C ASN C 153 30.92 -24.71 -2.51
N ASP C 154 31.43 -24.70 -3.75
CA ASP C 154 32.11 -23.51 -4.31
C ASP C 154 31.09 -22.39 -4.53
N TYR C 155 29.98 -22.67 -5.20
CA TYR C 155 28.92 -21.63 -5.33
C TYR C 155 28.46 -21.17 -3.95
N ILE C 156 28.25 -22.09 -3.01
CA ILE C 156 27.70 -21.68 -1.70
C ILE C 156 28.66 -20.68 -1.01
N LYS C 157 29.96 -20.98 -0.99
CA LYS C 157 30.92 -20.09 -0.35
C LYS C 157 30.89 -18.74 -1.07
N PHE C 158 30.87 -18.77 -2.41
CA PHE C 158 30.79 -17.56 -3.20
C PHE C 158 29.52 -16.77 -2.91
N TYR C 159 28.38 -17.47 -2.75
CA TYR C 159 27.12 -16.82 -2.46
C TYR C 159 27.18 -16.20 -1.06
N GLU C 160 27.61 -17.01 -0.07
CA GLU C 160 27.63 -16.55 1.31
C GLU C 160 28.46 -15.28 1.44
N ASP C 161 29.64 -15.25 0.81
CA ASP C 161 30.55 -14.13 0.94
C ASP C 161 29.92 -12.87 0.35
N ASN C 162 29.25 -13.04 -0.80
CA ASN C 162 28.68 -11.93 -1.51
C ASN C 162 27.42 -11.41 -0.79
N VAL C 163 26.76 -12.28 -0.02
CA VAL C 163 25.58 -11.89 0.74
C VAL C 163 25.96 -11.28 2.08
N ARG C 164 27.05 -11.77 2.67
CA ARG C 164 27.49 -11.27 3.97
C ARG C 164 27.90 -9.81 3.85
N LYS C 165 28.46 -9.43 2.68
CA LYS C 165 28.83 -8.05 2.42
C LYS C 165 27.65 -7.11 2.72
N VAL C 166 26.44 -7.66 2.58
CA VAL C 166 25.22 -6.90 2.75
C VAL C 166 24.66 -7.10 4.16
N THR C 167 24.46 -8.36 4.55
CA THR C 167 23.76 -8.64 5.80
C THR C 167 24.56 -8.15 7.01
N GLU C 168 25.90 -8.13 6.91
CA GLU C 168 26.72 -7.69 8.03
C GLU C 168 26.37 -6.24 8.42
N ILE C 169 25.91 -5.44 7.43
CA ILE C 169 25.57 -4.05 7.65
C ILE C 169 24.08 -3.91 7.94
N THR C 170 23.23 -4.49 7.09
CA THR C 170 21.78 -4.28 7.16
C THR C 170 21.14 -4.97 8.37
N SER C 171 21.75 -6.05 8.87
CA SER C 171 21.18 -6.77 10.01
C SER C 171 21.08 -5.89 11.26
N LYS C 172 21.90 -4.84 11.36
CA LYS C 172 22.04 -4.06 12.59
C LYS C 172 21.22 -2.78 12.52
N ILE C 173 20.55 -2.53 11.39
CA ILE C 173 19.80 -1.30 11.15
C ILE C 173 18.41 -1.43 11.80
N PRO C 174 17.99 -0.46 12.63
CA PRO C 174 16.64 -0.50 13.22
C PRO C 174 15.53 -0.19 12.22
N ALA C 175 14.32 -0.64 12.56
CA ALA C 175 13.22 -0.62 11.61
C ALA C 175 12.86 0.79 11.18
N ASP C 176 13.02 1.77 12.08
CA ASP C 176 12.60 3.15 11.80
C ASP C 176 13.61 3.87 10.90
N LYS C 177 14.79 3.26 10.67
CA LYS C 177 15.78 3.86 9.80
C LYS C 177 15.69 3.27 8.39
N LYS C 178 14.83 2.26 8.20
CA LYS C 178 14.80 1.48 6.96
C LYS C 178 13.84 2.09 5.95
N PRO C 179 14.19 2.16 4.65
CA PRO C 179 13.28 2.69 3.65
C PRO C 179 12.13 1.77 3.29
N SER C 180 10.96 2.32 3.02
CA SER C 180 9.82 1.54 2.59
C SER C 180 9.96 1.27 1.10
N VAL C 181 9.62 0.04 0.68
CA VAL C 181 9.83 -0.47 -0.66
C VAL C 181 8.56 -1.18 -1.13
N PHE C 182 8.20 -0.95 -2.39
CA PHE C 182 7.22 -1.77 -3.07
C PHE C 182 7.89 -2.37 -4.30
N ILE C 183 7.75 -3.69 -4.48
CA ILE C 183 8.25 -4.30 -5.69
C ILE C 183 7.07 -4.81 -6.50
N GLU C 184 7.00 -4.32 -7.74
CA GLU C 184 5.96 -4.75 -8.69
C GLU C 184 6.60 -5.80 -9.59
N LEU C 185 6.22 -7.04 -9.37
CA LEU C 185 6.75 -8.14 -10.17
C LEU C 185 6.05 -8.16 -11.51
N ARG C 186 6.83 -8.36 -12.57
CA ARG C 186 6.32 -8.43 -13.93
C ARG C 186 5.45 -7.19 -14.21
N ALA C 187 5.91 -6.04 -13.75
CA ALA C 187 5.18 -4.80 -13.98
C ALA C 187 4.83 -4.71 -15.45
N GLY C 188 3.56 -4.36 -15.76
CA GLY C 188 3.13 -4.11 -17.13
C GLY C 188 2.01 -5.05 -17.58
N GLU C 192 -4.02 -7.97 -14.33
CA GLU C 192 -4.31 -6.87 -13.38
C GLU C 192 -3.00 -6.33 -12.82
N CYS C 193 -3.07 -5.22 -12.07
CA CYS C 193 -1.82 -4.55 -11.64
C CYS C 193 -1.44 -4.74 -10.18
N CYS C 194 -0.14 -4.68 -9.93
CA CYS C 194 0.44 -4.67 -8.55
C CYS C 194 0.64 -6.11 -8.10
N GLY C 195 1.19 -6.91 -8.99
CA GLY C 195 1.65 -8.23 -8.57
C GLY C 195 2.92 -7.96 -7.80
N THR C 196 3.08 -8.59 -6.65
CA THR C 196 4.19 -8.22 -5.78
C THR C 196 4.53 -9.45 -4.97
N ALA C 197 5.36 -9.28 -3.96
CA ALA C 197 5.75 -10.36 -3.09
C ALA C 197 5.47 -9.93 -1.67
N GLY C 198 5.12 -10.90 -0.84
CA GLY C 198 4.71 -10.66 0.52
C GLY C 198 5.77 -11.22 1.44
N LYS C 199 5.37 -12.17 2.29
CA LYS C 199 6.28 -12.82 3.22
C LYS C 199 7.01 -13.95 2.48
N GLY C 200 7.93 -13.57 1.59
CA GLY C 200 8.64 -14.53 0.78
C GLY C 200 9.02 -13.97 -0.59
N ASN C 201 9.52 -14.84 -1.46
CA ASN C 201 9.98 -14.45 -2.77
C ASN C 201 10.88 -13.23 -2.62
N MET C 202 10.71 -12.22 -3.46
CA MET C 202 11.63 -11.11 -3.51
C MET C 202 11.50 -10.26 -2.25
N GLY C 203 10.47 -10.49 -1.45
CA GLY C 203 10.36 -9.82 -0.16
C GLY C 203 11.52 -10.22 0.74
N ASP C 204 11.98 -11.46 0.61
CA ASP C 204 13.14 -11.92 1.36
C ASP C 204 14.34 -11.07 0.97
N PHE C 205 14.44 -10.64 -0.30
CA PHE C 205 15.57 -9.85 -0.75
C PHE C 205 15.48 -8.48 -0.11
N ILE C 206 14.30 -7.86 -0.21
CA ILE C 206 14.03 -6.59 0.43
C ILE C 206 14.41 -6.69 1.91
N ASP C 207 13.98 -7.76 2.59
CA ASP C 207 14.28 -7.92 4.00
C ASP C 207 15.78 -7.92 4.21
N GLN C 208 16.51 -8.74 3.45
CA GLN C 208 17.95 -8.90 3.66
C GLN C 208 18.71 -7.63 3.30
N ALA C 209 18.27 -6.87 2.30
CA ALA C 209 18.96 -5.66 1.87
C ALA C 209 18.60 -4.48 2.80
N GLY C 210 17.87 -4.75 3.89
CA GLY C 210 17.58 -3.72 4.88
C GLY C 210 16.41 -2.81 4.49
N GLY C 211 15.55 -3.29 3.58
CA GLY C 211 14.34 -2.60 3.21
C GLY C 211 13.15 -2.98 4.10
N ASN C 212 12.06 -2.22 3.95
CA ASN C 212 10.78 -2.49 4.59
C ASN C 212 9.74 -2.67 3.49
N ASN C 213 9.42 -3.93 3.17
CA ASN C 213 8.49 -4.30 2.13
C ASN C 213 7.06 -3.93 2.52
N MET C 214 6.45 -2.99 1.80
CA MET C 214 5.14 -2.48 2.19
C MET C 214 4.07 -3.58 2.08
N ALA C 215 4.32 -4.62 1.29
CA ALA C 215 3.33 -5.65 0.98
C ALA C 215 3.44 -6.85 1.92
N LYS C 216 4.47 -6.86 2.77
CA LYS C 216 4.74 -7.99 3.63
C LYS C 216 3.52 -8.40 4.45
N ASN C 217 2.75 -7.44 4.97
CA ASN C 217 1.64 -7.75 5.87
C ASN C 217 0.31 -7.60 5.14
N LEU C 218 0.33 -7.34 3.83
CA LEU C 218 -0.90 -7.20 3.06
C LEU C 218 -1.28 -8.54 2.44
N LEU C 219 -0.30 -9.48 2.36
CA LEU C 219 -0.48 -10.70 1.62
C LEU C 219 -0.23 -11.92 2.50
N PRO C 220 -1.10 -12.95 2.40
CA PRO C 220 -0.90 -14.22 3.10
C PRO C 220 0.14 -15.12 2.45
N GLY C 221 0.34 -14.98 1.13
CA GLY C 221 1.34 -15.77 0.43
C GLY C 221 2.68 -15.06 0.19
N ALA C 222 3.63 -15.82 -0.37
CA ALA C 222 4.91 -15.30 -0.84
C ALA C 222 4.69 -14.41 -2.07
N LEU C 223 3.74 -14.80 -2.92
CA LEU C 223 3.38 -13.98 -4.05
C LEU C 223 1.93 -13.58 -3.90
N GLY C 224 1.54 -12.59 -4.69
CA GLY C 224 0.17 -12.10 -4.59
C GLY C 224 0.04 -10.80 -5.39
N THR C 225 -1.15 -10.23 -5.33
CA THR C 225 -1.45 -8.99 -6.01
C THR C 225 -2.12 -8.05 -5.01
N VAL C 226 -1.90 -6.76 -5.27
CA VAL C 226 -2.40 -5.71 -4.37
C VAL C 226 -3.00 -4.66 -5.31
N ASN C 227 -3.94 -3.89 -4.83
CA ASN C 227 -4.66 -2.92 -5.64
C ASN C 227 -3.74 -1.71 -5.83
N LEU C 228 -3.80 -1.07 -7.00
CA LEU C 228 -2.91 0.08 -7.27
C LEU C 228 -3.15 1.16 -6.21
N GLU C 229 -4.39 1.37 -5.81
CA GLU C 229 -4.71 2.42 -4.83
C GLU C 229 -3.96 2.17 -3.50
N LYS C 230 -3.72 0.92 -3.14
CA LYS C 230 -3.00 0.61 -1.89
C LYS C 230 -1.53 1.02 -2.06
N VAL C 231 -1.01 0.90 -3.28
CA VAL C 231 0.37 1.29 -3.52
C VAL C 231 0.49 2.81 -3.41
N LEU C 232 -0.42 3.51 -4.12
CA LEU C 232 -0.40 4.95 -4.20
C LEU C 232 -0.53 5.57 -2.82
N SER C 233 -1.44 4.99 -2.03
CA SER C 233 -1.75 5.55 -0.70
C SER C 233 -0.56 5.37 0.24
N THR C 234 0.02 4.19 0.27
CA THR C 234 1.16 3.95 1.14
C THR C 234 2.33 4.86 0.73
N ASN C 235 2.47 5.03 -0.60
CA ASN C 235 3.44 5.94 -1.19
C ASN C 235 4.85 5.64 -0.67
N PRO C 236 5.41 4.45 -1.02
CA PRO C 236 6.70 4.01 -0.50
C PRO C 236 7.89 4.84 -0.96
N ASP C 237 8.95 4.82 -0.16
CA ASP C 237 10.16 5.58 -0.45
C ASP C 237 10.80 5.10 -1.75
N ILE C 238 10.74 3.78 -2.01
CA ILE C 238 11.44 3.15 -3.12
C ILE C 238 10.49 2.28 -3.93
N TYR C 239 10.55 2.37 -5.27
CA TYR C 239 9.74 1.56 -6.17
C TYR C 239 10.66 0.70 -7.06
N ILE C 240 10.35 -0.60 -7.17
CA ILE C 240 11.10 -1.52 -7.99
C ILE C 240 10.14 -2.26 -8.90
N ALA C 241 10.45 -2.32 -10.18
CA ALA C 241 9.70 -3.11 -11.13
C ALA C 241 10.58 -4.25 -11.59
N SER C 242 10.02 -5.45 -11.75
CA SER C 242 10.77 -6.56 -12.29
C SER C 242 10.26 -6.87 -13.69
N GLY C 243 11.18 -7.37 -14.52
CA GLY C 243 10.85 -7.74 -15.90
C GLY C 243 11.94 -8.60 -16.50
N GLY C 244 11.59 -9.35 -17.56
CA GLY C 244 12.55 -10.12 -18.33
C GLY C 244 12.20 -10.13 -19.82
N LYS C 245 11.51 -9.08 -20.27
CA LYS C 245 10.96 -9.01 -21.61
C LYS C 245 12.07 -8.72 -22.62
N ALA C 246 12.05 -9.43 -23.75
CA ALA C 246 12.99 -9.21 -24.83
C ALA C 246 12.80 -7.80 -25.39
N PRO C 247 13.87 -7.16 -25.92
CA PRO C 247 13.77 -5.77 -26.35
C PRO C 247 12.84 -5.56 -27.54
N ASP C 248 13.00 -6.39 -28.59
CA ASP C 248 12.24 -6.26 -29.82
C ASP C 248 10.92 -7.00 -29.65
N ASN C 249 9.94 -6.30 -29.05
CA ASN C 249 8.71 -6.91 -28.54
C ASN C 249 7.89 -5.78 -27.93
N ASN C 250 6.92 -5.25 -28.70
CA ASN C 250 6.21 -4.05 -28.32
C ASN C 250 5.21 -4.32 -27.18
N ALA C 251 5.16 -5.56 -26.68
CA ALA C 251 4.37 -5.89 -25.50
C ALA C 251 4.83 -5.03 -24.31
N PRO C 252 3.95 -4.72 -23.34
CA PRO C 252 4.34 -3.87 -22.21
C PRO C 252 5.13 -4.64 -21.16
N GLY C 253 5.99 -3.93 -20.42
CA GLY C 253 6.77 -4.56 -19.35
C GLY C 253 8.22 -4.11 -19.38
N VAL C 254 8.94 -4.36 -18.28
CA VAL C 254 10.31 -3.91 -18.17
C VAL C 254 11.16 -4.91 -18.94
N SER C 255 12.10 -4.37 -19.72
CA SER C 255 12.90 -5.16 -20.62
C SER C 255 14.31 -5.30 -20.02
N LEU C 256 14.65 -6.51 -19.59
CA LEU C 256 15.93 -6.80 -18.98
C LEU C 256 16.34 -8.20 -19.40
N GLY C 257 17.64 -8.48 -19.31
CA GLY C 257 18.17 -9.78 -19.65
C GLY C 257 19.38 -9.68 -20.58
N ALA C 258 19.84 -10.85 -21.05
CA ALA C 258 21.15 -10.99 -21.67
C ALA C 258 21.26 -10.29 -23.02
N GLN C 259 20.13 -9.92 -23.64
CA GLN C 259 20.16 -9.23 -24.91
C GLN C 259 19.61 -7.81 -24.81
N VAL C 260 19.59 -7.22 -23.61
CA VAL C 260 19.09 -5.86 -23.42
C VAL C 260 20.26 -4.91 -23.12
N THR C 261 20.28 -3.76 -23.79
CA THR C 261 21.27 -2.72 -23.53
C THR C 261 20.74 -1.78 -22.45
N LYS C 262 21.67 -1.07 -21.79
CA LYS C 262 21.35 -0.05 -20.80
C LYS C 262 20.25 0.87 -21.34
N GLU C 263 20.36 1.27 -22.61
CA GLU C 263 19.48 2.29 -23.18
C GLU C 263 18.09 1.71 -23.43
N GLN C 264 18.04 0.45 -23.83
CA GLN C 264 16.78 -0.26 -24.01
C GLN C 264 16.07 -0.43 -22.66
N ALA C 265 16.85 -0.69 -21.60
CA ALA C 265 16.34 -0.94 -20.26
C ALA C 265 15.70 0.31 -19.66
N GLN C 266 16.43 1.43 -19.67
CA GLN C 266 15.93 2.72 -19.19
C GLN C 266 14.66 3.12 -19.95
N SER C 267 14.68 2.96 -21.27
CA SER C 267 13.56 3.32 -22.12
C SER C 267 12.31 2.54 -21.72
N SER C 268 12.46 1.22 -21.50
CA SER C 268 11.34 0.35 -21.16
C SER C 268 10.90 0.60 -19.72
N LEU C 269 11.86 0.83 -18.81
CA LEU C 269 11.57 1.17 -17.42
C LEU C 269 10.74 2.44 -17.38
N GLN C 270 11.12 3.45 -18.16
CA GLN C 270 10.43 4.74 -18.15
C GLN C 270 8.99 4.55 -18.60
N THR C 271 8.76 3.66 -19.57
CA THR C 271 7.41 3.39 -20.05
C THR C 271 6.58 2.85 -18.88
N ILE C 272 7.18 1.99 -18.07
CA ILE C 272 6.51 1.41 -16.91
C ILE C 272 6.21 2.49 -15.89
N LEU C 273 7.15 3.42 -15.68
CA LEU C 273 7.03 4.47 -14.67
C LEU C 273 6.02 5.53 -15.08
N ASP C 274 5.62 5.56 -16.36
CA ASP C 274 4.73 6.60 -16.90
C ASP C 274 3.29 6.11 -16.98
N ARG C 275 2.97 5.05 -16.27
CA ARG C 275 1.61 4.50 -16.36
C ARG C 275 0.69 5.29 -15.43
N LYS C 276 -0.59 5.39 -15.79
CA LYS C 276 -1.56 6.02 -14.92
C LYS C 276 -1.25 5.63 -13.48
N GLY C 277 -1.30 6.59 -12.55
CA GLY C 277 -1.20 6.29 -11.12
C GLY C 277 0.25 6.13 -10.66
N ILE C 278 0.99 5.24 -11.34
CA ILE C 278 2.34 4.91 -10.95
C ILE C 278 3.23 6.14 -11.02
N ASN C 279 2.94 7.02 -11.98
CA ASN C 279 3.79 8.19 -12.24
C ASN C 279 3.57 9.29 -11.21
N THR C 280 2.56 9.15 -10.33
CA THR C 280 2.33 10.13 -9.28
C THR C 280 3.10 9.72 -8.03
N LEU C 281 3.64 8.51 -7.99
CA LEU C 281 4.34 8.04 -6.81
C LEU C 281 5.51 8.97 -6.48
N SER C 282 5.64 9.31 -5.20
CA SER C 282 6.77 10.10 -4.75
C SER C 282 8.07 9.45 -5.19
N ALA C 283 8.17 8.12 -4.98
CA ALA C 283 9.41 7.42 -5.28
C ALA C 283 9.75 7.58 -6.75
N VAL C 284 8.73 7.65 -7.60
CA VAL C 284 8.98 7.84 -9.02
C VAL C 284 9.45 9.28 -9.27
N LYS C 285 8.78 10.24 -8.63
CA LYS C 285 9.08 11.65 -8.83
C LYS C 285 10.49 11.99 -8.29
N ASN C 286 10.90 11.37 -7.18
CA ASN C 286 12.24 11.55 -6.60
C ASN C 286 13.31 10.70 -7.26
N GLY C 287 12.95 9.88 -8.26
CA GLY C 287 13.89 9.00 -8.94
C GLY C 287 14.42 7.83 -8.09
N ARG C 288 13.74 7.46 -7.00
CA ARG C 288 14.11 6.25 -6.29
C ARG C 288 13.29 5.10 -6.88
N SER C 289 13.52 4.84 -8.16
CA SER C 289 12.76 3.86 -8.91
C SER C 289 13.70 3.06 -9.80
N TYR C 290 13.53 1.73 -9.77
CA TYR C 290 14.56 0.82 -10.25
C TYR C 290 13.92 -0.35 -11.00
N GLY C 291 14.76 -1.09 -11.73
CA GLY C 291 14.34 -2.29 -12.42
C GLY C 291 15.26 -3.46 -12.06
N ILE C 292 14.66 -4.64 -11.86
CA ILE C 292 15.41 -5.84 -11.57
C ILE C 292 14.91 -6.95 -12.48
N TRP C 293 15.80 -7.82 -12.92
CA TRP C 293 15.45 -8.93 -13.79
C TRP C 293 14.53 -9.89 -13.03
N HIS C 294 13.38 -10.26 -13.59
CA HIS C 294 12.38 -11.06 -12.84
C HIS C 294 12.86 -12.47 -12.51
N ASN C 295 13.72 -13.03 -13.36
CA ASN C 295 14.12 -14.45 -13.16
C ASN C 295 14.93 -14.61 -11.87
N PHE C 296 15.32 -13.52 -11.22
CA PHE C 296 15.96 -13.64 -9.91
C PHE C 296 14.95 -14.09 -8.86
N TYR C 297 13.67 -14.13 -9.19
CA TYR C 297 12.59 -14.53 -8.25
C TYR C 297 12.56 -16.05 -8.05
N ASN C 298 13.27 -16.78 -8.91
CA ASN C 298 13.38 -18.26 -8.81
C ASN C 298 14.76 -18.68 -9.32
N SER C 299 15.82 -18.30 -8.61
CA SER C 299 17.15 -18.59 -9.10
C SER C 299 18.18 -18.35 -8.00
N PRO C 300 19.17 -19.24 -7.86
CA PRO C 300 20.21 -19.04 -6.85
C PRO C 300 21.25 -17.99 -7.25
N TYR C 301 21.08 -17.44 -8.46
CA TYR C 301 21.77 -16.22 -8.85
C TYR C 301 21.22 -15.01 -8.09
N ASN C 302 20.26 -15.22 -7.16
CA ASN C 302 19.51 -14.12 -6.58
C ASN C 302 20.41 -13.21 -5.75
N VAL C 303 21.62 -13.67 -5.44
CA VAL C 303 22.57 -12.84 -4.71
C VAL C 303 22.76 -11.51 -5.41
N LEU C 304 22.66 -11.51 -6.74
CA LEU C 304 22.84 -10.30 -7.53
C LEU C 304 21.73 -9.30 -7.21
N ALA C 305 20.49 -9.81 -7.06
CA ALA C 305 19.37 -8.95 -6.72
C ALA C 305 19.54 -8.39 -5.30
N ILE C 306 19.95 -9.25 -4.37
CA ILE C 306 20.11 -8.80 -3.01
C ILE C 306 21.05 -7.61 -2.98
N GLN C 307 22.16 -7.75 -3.72
CA GLN C 307 23.20 -6.73 -3.76
C GLN C 307 22.69 -5.46 -4.46
N SER C 308 21.96 -5.63 -5.57
CA SER C 308 21.35 -4.48 -6.21
C SER C 308 20.42 -3.73 -5.24
N PHE C 309 19.65 -4.48 -4.44
CA PHE C 309 18.67 -3.88 -3.55
C PHE C 309 19.37 -3.09 -2.45
N ALA C 310 20.37 -3.72 -1.81
CA ALA C 310 21.11 -3.06 -0.76
C ALA C 310 21.67 -1.73 -1.26
N LYS C 311 22.22 -1.75 -2.46
CA LYS C 311 22.88 -0.58 -3.04
C LYS C 311 21.88 0.54 -3.32
N TRP C 312 20.62 0.18 -3.61
CA TRP C 312 19.58 1.16 -3.85
C TRP C 312 19.09 1.70 -2.51
N PHE C 313 19.01 0.82 -1.51
CA PHE C 313 18.41 1.17 -0.26
C PHE C 313 19.33 2.09 0.52
N TYR C 314 20.65 1.84 0.45
CA TYR C 314 21.63 2.62 1.20
C TYR C 314 22.83 2.98 0.33
N PRO C 315 22.71 3.92 -0.62
CA PRO C 315 23.72 4.11 -1.66
C PRO C 315 25.14 4.30 -1.15
N GLN C 316 25.33 4.99 -0.03
CA GLN C 316 26.66 5.35 0.44
C GLN C 316 27.34 4.16 1.12
N GLN C 317 26.59 3.49 2.00
CA GLN C 317 27.09 2.36 2.76
C GLN C 317 27.54 1.26 1.80
N PHE C 318 26.96 1.21 0.59
CA PHE C 318 27.28 0.19 -0.39
C PHE C 318 27.81 0.83 -1.67
N ALA C 319 28.60 1.91 -1.50
CA ALA C 319 29.11 2.67 -2.62
C ALA C 319 30.11 1.84 -3.42
N ASP C 320 30.89 1.02 -2.71
CA ASP C 320 31.97 0.22 -3.30
C ASP C 320 31.52 -1.16 -3.75
N LEU C 321 30.31 -1.57 -3.34
CA LEU C 321 29.75 -2.83 -3.80
C LEU C 321 29.36 -2.70 -5.27
N ASP C 322 29.82 -3.65 -6.10
CA ASP C 322 29.46 -3.68 -7.53
C ASP C 322 28.86 -5.03 -7.93
N PRO C 323 27.54 -5.09 -8.15
CA PRO C 323 26.91 -6.31 -8.66
C PRO C 323 27.50 -6.84 -9.95
N ASN C 324 27.86 -5.93 -10.87
CA ASN C 324 28.47 -6.32 -12.15
C ASN C 324 29.72 -7.16 -11.92
N ASN C 325 30.52 -6.76 -10.93
CA ASN C 325 31.66 -7.55 -10.50
C ASN C 325 31.20 -8.95 -10.13
N THR C 326 30.26 -9.04 -9.17
CA THR C 326 29.78 -10.31 -8.65
C THR C 326 29.28 -11.18 -9.80
N MET C 327 28.54 -10.57 -10.73
CA MET C 327 27.99 -11.33 -11.85
C MET C 327 29.14 -11.86 -12.70
N ASN C 328 30.12 -10.99 -13.03
CA ASN C 328 31.23 -11.41 -13.87
C ASN C 328 31.99 -12.55 -13.18
N SER C 329 32.19 -12.46 -11.86
CA SER C 329 32.84 -13.54 -11.12
C SER C 329 32.04 -14.84 -11.22
N LEU C 330 30.70 -14.75 -11.11
CA LEU C 330 29.85 -15.93 -11.13
C LEU C 330 29.96 -16.64 -12.49
N TYR C 331 29.86 -15.89 -13.59
CA TYR C 331 29.95 -16.48 -14.92
C TYR C 331 31.34 -17.07 -15.14
N SER C 332 32.38 -16.31 -14.82
CA SER C 332 33.75 -16.78 -14.97
C SER C 332 33.92 -18.14 -14.30
N GLN C 333 33.44 -18.25 -13.06
CA GLN C 333 33.84 -19.35 -12.20
C GLN C 333 32.96 -20.59 -12.42
N PHE C 334 31.73 -20.43 -12.93
CA PHE C 334 30.77 -21.52 -12.88
C PHE C 334 30.09 -21.82 -14.22
N LEU C 335 29.99 -20.82 -15.10
CA LEU C 335 29.16 -20.95 -16.28
C LEU C 335 30.01 -21.13 -17.55
N ALA C 336 29.29 -21.33 -18.65
CA ALA C 336 29.89 -21.72 -19.92
C ALA C 336 29.55 -20.72 -21.02
N ILE C 337 28.95 -19.58 -20.65
CA ILE C 337 28.69 -18.53 -21.61
C ILE C 337 29.26 -17.23 -21.05
N GLU C 338 29.22 -16.18 -21.88
CA GLU C 338 29.74 -14.88 -21.48
C GLU C 338 28.56 -14.03 -21.01
N PRO C 339 28.70 -13.26 -19.90
CA PRO C 339 27.66 -12.32 -19.51
C PRO C 339 27.48 -11.24 -20.56
N THR C 340 26.22 -10.93 -20.84
CA THR C 340 25.86 -9.83 -21.72
C THR C 340 24.58 -9.23 -21.15
N GLY C 341 24.25 -8.02 -21.62
CA GLY C 341 22.96 -7.41 -21.37
C GLY C 341 22.91 -6.65 -20.04
N THR C 342 21.68 -6.40 -19.59
CA THR C 342 21.40 -5.58 -18.44
C THR C 342 20.42 -6.32 -17.52
N TYR C 343 20.85 -6.58 -16.28
CA TYR C 343 20.02 -7.26 -15.30
C TYR C 343 19.51 -6.33 -14.19
N TRP C 344 19.84 -5.04 -14.24
CA TRP C 344 19.28 -4.06 -13.32
C TRP C 344 19.48 -2.68 -13.91
N VAL C 345 18.63 -1.72 -13.51
CA VAL C 345 18.69 -0.40 -14.10
C VAL C 345 18.10 0.65 -13.16
N ASP C 346 18.59 1.89 -13.31
CA ASP C 346 18.12 3.05 -12.55
C ASP C 346 17.42 4.03 -13.49
N SER C 347 16.49 4.84 -12.95
CA SER C 347 15.76 5.87 -13.69
C SER C 347 16.63 6.53 -14.77
N ILE D 4 35.66 39.64 27.52
CA ILE D 4 35.47 38.87 26.25
C ILE D 4 36.77 38.90 25.43
N THR D 5 36.98 37.81 24.69
CA THR D 5 38.10 37.64 23.78
C THR D 5 37.53 37.43 22.38
N ASP D 6 37.93 38.27 21.41
CA ASP D 6 37.38 38.21 20.07
C ASP D 6 38.17 37.19 19.23
N MET D 7 37.78 37.03 17.97
CA MET D 7 38.29 35.96 17.14
C MET D 7 39.71 36.27 16.64
N ALA D 8 40.20 37.50 16.90
CA ALA D 8 41.60 37.84 16.66
C ALA D 8 42.40 37.80 17.95
N GLY D 9 41.81 37.27 19.03
CA GLY D 9 42.53 37.08 20.28
C GLY D 9 42.61 38.37 21.12
N ARG D 10 42.01 39.45 20.61
CA ARG D 10 42.04 40.74 21.28
C ARG D 10 41.03 40.76 22.41
N SER D 11 41.41 41.43 23.51
CA SER D 11 40.51 41.66 24.64
C SER D 11 39.68 42.93 24.41
N VAL D 12 38.38 42.87 24.67
CA VAL D 12 37.44 43.91 24.28
C VAL D 12 36.28 43.95 25.29
N VAL D 13 35.69 45.14 25.43
CA VAL D 13 34.82 45.45 26.57
C VAL D 13 33.45 45.90 26.04
N ILE D 14 32.40 45.39 26.69
CA ILE D 14 31.03 45.71 26.33
C ILE D 14 30.81 47.21 26.45
N PRO D 15 30.53 47.94 25.34
CA PRO D 15 30.20 49.35 25.42
C PRO D 15 29.07 49.62 26.41
N ALA D 16 28.93 50.88 26.80
CA ALA D 16 27.85 51.30 27.70
C ALA D 16 26.53 51.23 26.95
N LYS D 17 26.47 51.88 25.79
CA LYS D 17 25.28 51.87 24.94
C LYS D 17 25.70 51.43 23.54
N VAL D 18 24.76 50.88 22.76
CA VAL D 18 24.99 50.54 21.37
C VAL D 18 23.69 50.81 20.60
N GLU D 19 23.63 51.92 19.85
CA GLU D 19 22.50 52.24 19.00
C GLU D 19 22.97 52.47 17.56
N ARG D 20 24.29 52.49 17.37
CA ARG D 20 24.90 52.79 16.08
CA ARG D 20 24.91 52.78 16.09
C ARG D 20 26.02 51.77 15.83
N ILE D 21 25.75 50.81 14.93
CA ILE D 21 26.67 49.71 14.63
C ILE D 21 27.20 49.89 13.22
N LEU D 22 28.51 49.72 13.08
CA LEU D 22 29.14 49.72 11.77
C LEU D 22 29.50 48.28 11.41
N LEU D 23 29.07 47.86 10.21
CA LEU D 23 29.37 46.54 9.68
C LEU D 23 30.45 46.66 8.60
N GLY D 24 31.67 46.23 8.97
CA GLY D 24 32.85 46.38 8.13
C GLY D 24 32.81 45.46 6.92
N GLU D 25 32.08 44.36 7.07
CA GLU D 25 31.83 43.43 5.94
C GLU D 25 30.31 43.29 5.90
N GLY D 26 29.69 43.55 4.76
CA GLY D 26 28.22 43.57 4.69
C GLY D 26 27.52 42.29 5.10
N ARG D 27 28.10 41.14 4.81
CA ARG D 27 27.42 39.85 5.08
C ARG D 27 27.44 39.56 6.59
N LEU D 28 28.01 40.45 7.38
CA LEU D 28 27.96 40.27 8.85
C LEU D 28 26.53 40.64 9.28
N PHE D 29 25.72 41.12 8.35
CA PHE D 29 24.30 41.40 8.65
C PHE D 29 23.63 40.09 9.04
N TYR D 30 23.93 39.00 8.34
CA TYR D 30 23.32 37.68 8.62
C TYR D 30 23.40 37.37 10.12
N ALA D 31 24.57 37.59 10.71
CA ALA D 31 24.77 37.28 12.14
C ALA D 31 24.00 38.29 12.99
N VAL D 32 24.01 39.53 12.55
CA VAL D 32 23.36 40.58 13.32
C VAL D 32 21.85 40.37 13.22
N SER D 33 21.37 39.95 12.05
CA SER D 33 19.95 39.71 11.87
C SER D 33 19.40 38.77 12.94
N LEU D 34 20.25 37.87 13.43
CA LEU D 34 19.76 36.86 14.40
C LEU D 34 19.64 37.45 15.80
N LEU D 35 19.99 38.71 15.96
CA LEU D 35 19.95 39.36 17.29
C LEU D 35 19.00 40.56 17.26
N GLU D 36 18.54 40.97 16.07
CA GLU D 36 17.80 42.22 16.02
C GLU D 36 16.29 42.00 15.93
N GLY D 37 15.86 40.75 15.92
CA GLY D 37 14.42 40.47 15.93
C GLY D 37 13.64 41.15 14.83
N GLN D 38 12.58 41.85 15.20
CA GLN D 38 11.69 42.42 14.20
C GLN D 38 12.19 43.78 13.70
N LYS D 39 13.24 44.31 14.36
CA LYS D 39 13.84 45.60 14.03
C LYS D 39 15.26 45.40 13.49
N PRO D 40 15.42 44.79 12.28
CA PRO D 40 16.73 44.38 11.78
C PRO D 40 17.76 45.50 11.56
N PHE D 41 17.32 46.60 10.92
CA PHE D 41 18.21 47.64 10.45
C PHE D 41 18.28 48.83 11.42
N ASP D 42 17.63 48.71 12.57
CA ASP D 42 17.37 49.88 13.41
C ASP D 42 18.68 50.47 13.93
N ARG D 43 19.67 49.62 14.23
CA ARG D 43 20.92 50.07 14.84
C ARG D 43 22.10 50.08 13.86
N ILE D 44 21.84 50.10 12.55
CA ILE D 44 22.92 49.93 11.58
C ILE D 44 23.12 51.24 10.83
N VAL D 45 24.22 51.93 11.15
CA VAL D 45 24.48 53.31 10.70
C VAL D 45 25.28 53.31 9.40
N GLY D 46 25.98 52.21 9.14
CA GLY D 46 26.58 51.98 7.84
C GLY D 46 27.10 50.56 7.72
N TRP D 47 27.27 50.11 6.47
CA TRP D 47 27.77 48.78 6.17
C TRP D 47 28.53 48.77 4.86
N GLN D 48 29.50 47.84 4.77
CA GLN D 48 30.14 47.55 3.50
C GLN D 48 29.09 46.94 2.58
N GLY D 49 29.25 47.15 1.28
CA GLY D 49 28.17 46.88 0.33
C GLY D 49 28.14 45.45 -0.21
N ASP D 50 28.78 44.53 0.51
CA ASP D 50 28.80 43.08 0.13
C ASP D 50 27.39 42.50 0.19
N PHE D 51 26.63 42.85 1.22
CA PHE D 51 25.25 42.32 1.37
C PHE D 51 24.40 42.87 0.27
N ARG D 52 24.47 44.18 0.06
CA ARG D 52 23.56 44.78 -0.90
C ARG D 52 23.94 44.41 -2.33
N LYS D 53 25.24 44.27 -2.64
CA LYS D 53 25.66 44.11 -4.04
C LYS D 53 25.82 42.64 -4.42
N LEU D 54 26.13 41.78 -3.45
CA LEU D 54 26.39 40.34 -3.76
C LEU D 54 25.21 39.43 -3.37
N ASP D 55 24.38 39.83 -2.42
CA ASP D 55 23.17 39.08 -2.09
C ASP D 55 21.94 39.92 -2.44
N THR D 56 21.81 40.24 -3.73
CA THR D 56 20.74 41.12 -4.20
C THR D 56 19.39 40.52 -3.81
N GLN D 57 19.33 39.19 -3.75
CA GLN D 57 18.07 38.49 -3.53
C GLN D 57 17.56 38.68 -2.12
N THR D 58 18.38 38.34 -1.12
CA THR D 58 17.96 38.50 0.27
C THR D 58 17.67 39.97 0.50
N TYR D 59 18.49 40.84 -0.11
CA TYR D 59 18.36 42.27 0.06
C TYR D 59 17.01 42.75 -0.46
N ALA D 60 16.66 42.33 -1.68
CA ALA D 60 15.43 42.77 -2.33
C ALA D 60 14.21 42.35 -1.51
N VAL D 61 14.30 41.20 -0.83
CA VAL D 61 13.23 40.71 0.03
C VAL D 61 13.12 41.62 1.26
N TYR D 62 14.28 42.05 1.79
CA TYR D 62 14.28 42.93 2.94
C TYR D 62 13.79 44.34 2.57
N LYS D 63 14.09 44.79 1.33
CA LYS D 63 13.69 46.12 0.87
C LYS D 63 12.17 46.26 0.84
N ALA D 64 11.48 45.24 0.32
CA ALA D 64 10.05 45.30 0.11
C ALA D 64 9.31 45.42 1.44
N LYS D 65 9.91 44.96 2.54
CA LYS D 65 9.29 45.15 3.85
C LYS D 65 9.92 46.33 4.59
N PHE D 66 11.13 46.75 4.19
CA PHE D 66 11.85 47.81 4.85
C PHE D 66 12.56 48.69 3.83
N PRO D 67 11.89 49.70 3.20
CA PRO D 67 12.49 50.43 2.10
C PRO D 67 13.60 51.39 2.55
N GLN D 68 13.71 51.58 3.87
CA GLN D 68 14.71 52.44 4.48
C GLN D 68 16.14 51.97 4.18
N VAL D 69 16.27 50.66 3.91
CA VAL D 69 17.55 49.98 3.85
C VAL D 69 18.44 50.60 2.78
N ASP D 70 17.84 51.12 1.69
CA ASP D 70 18.60 51.75 0.62
C ASP D 70 19.33 53.04 1.06
N ASN D 71 18.97 53.58 2.23
CA ASN D 71 19.54 54.83 2.70
C ASN D 71 20.63 54.58 3.75
N ILE D 72 20.88 53.32 4.09
CA ILE D 72 22.02 53.03 4.94
C ILE D 72 23.26 53.37 4.12
N PRO D 73 24.23 54.15 4.67
CA PRO D 73 25.46 54.45 3.96
C PRO D 73 26.32 53.22 3.67
N LEU D 74 26.98 53.20 2.51
CA LEU D 74 27.93 52.14 2.18
C LEU D 74 29.36 52.59 2.48
N ILE D 75 30.17 51.71 3.07
CA ILE D 75 31.52 52.03 3.51
C ILE D 75 32.44 50.95 2.92
N ILE D 83 31.54 56.10 0.59
CA ILE D 83 31.91 57.22 1.51
C ILE D 83 33.30 56.98 2.13
N SER D 84 34.08 58.06 2.21
CA SER D 84 35.44 58.04 2.72
C SER D 84 35.49 57.51 4.15
N PRO D 85 36.63 56.96 4.60
CA PRO D 85 36.78 56.59 6.00
C PRO D 85 36.44 57.75 6.95
N GLU D 86 36.82 58.96 6.53
CA GLU D 86 36.64 60.17 7.31
C GLU D 86 35.14 60.42 7.51
N LYS D 87 34.38 60.37 6.42
CA LYS D 87 32.93 60.52 6.46
C LYS D 87 32.31 59.50 7.43
N VAL D 88 32.84 58.26 7.48
CA VAL D 88 32.17 57.21 8.25
C VAL D 88 32.36 57.54 9.73
N LEU D 89 33.47 58.21 10.06
CA LEU D 89 33.71 58.62 11.44
C LEU D 89 32.66 59.64 11.89
N THR D 90 32.07 60.39 10.94
CA THR D 90 31.04 61.37 11.27
C THR D 90 29.76 60.64 11.70
N LEU D 91 29.58 59.38 11.27
CA LEU D 91 28.39 58.62 11.60
C LEU D 91 28.39 58.24 13.08
N ASN D 92 29.51 58.51 13.76
CA ASN D 92 29.61 58.39 15.20
C ASN D 92 29.16 56.99 15.63
N PRO D 93 29.86 55.92 15.18
CA PRO D 93 29.49 54.57 15.56
C PRO D 93 29.83 54.26 17.01
N ASP D 94 28.98 53.49 17.68
CA ASP D 94 29.26 53.00 19.02
C ASP D 94 30.21 51.82 18.96
N ILE D 95 30.17 51.08 17.84
CA ILE D 95 30.92 49.84 17.69
C ILE D 95 31.06 49.49 16.20
N ALA D 96 32.19 48.87 15.87
CA ALA D 96 32.41 48.35 14.52
C ALA D 96 32.77 46.88 14.60
N ILE D 97 32.04 46.07 13.81
CA ILE D 97 32.28 44.64 13.67
C ILE D 97 32.94 44.39 12.32
N PHE D 98 34.02 43.59 12.37
CA PHE D 98 34.74 43.18 11.17
C PHE D 98 34.92 41.66 11.16
N GLY D 99 35.19 41.15 9.94
CA GLY D 99 35.62 39.77 9.76
C GLY D 99 37.10 39.66 10.09
N LEU D 100 37.55 38.44 10.40
CA LEU D 100 38.96 38.16 10.58
C LEU D 100 39.73 38.59 9.35
N SER D 101 39.14 38.32 8.17
CA SER D 101 39.56 38.89 6.90
C SER D 101 39.39 40.41 6.94
N GLY D 102 40.34 41.09 7.62
CA GLY D 102 40.27 42.51 7.96
C GLY D 102 40.79 42.83 9.36
N HIS D 103 41.47 41.88 10.02
CA HIS D 103 42.12 42.11 11.30
C HIS D 103 43.27 43.10 11.10
N GLY D 104 44.46 42.56 10.81
CA GLY D 104 45.69 43.32 10.87
C GLY D 104 45.83 44.21 9.64
N PRO D 105 46.88 44.01 8.80
CA PRO D 105 46.96 44.68 7.51
C PRO D 105 45.95 44.19 6.47
N GLY D 106 44.65 44.38 6.73
CA GLY D 106 43.62 44.02 5.77
C GLY D 106 43.39 45.15 4.76
N LYS D 107 42.33 44.99 3.94
CA LYS D 107 41.86 46.00 2.99
C LYS D 107 41.28 47.20 3.76
N ASN D 108 40.60 46.90 4.88
CA ASN D 108 40.09 47.91 5.80
C ASN D 108 41.02 48.03 7.02
N SER D 109 42.32 48.02 6.75
CA SER D 109 43.32 48.33 7.75
C SER D 109 43.29 49.83 8.08
N GLU D 110 43.02 50.67 7.05
CA GLU D 110 42.95 52.11 7.21
C GLU D 110 41.75 52.47 8.11
N LEU D 111 40.57 52.02 7.67
CA LEU D 111 39.33 52.34 8.35
C LEU D 111 39.40 51.88 9.81
N VAL D 112 40.09 50.77 10.07
CA VAL D 112 40.15 50.22 11.41
C VAL D 112 41.02 51.14 12.28
N LYS D 113 42.12 51.66 11.72
CA LYS D 113 43.08 52.48 12.47
C LYS D 113 42.39 53.78 12.90
N GLN D 114 41.68 54.41 11.96
CA GLN D 114 40.96 55.65 12.22
C GLN D 114 39.91 55.47 13.32
N LEU D 115 39.07 54.44 13.17
CA LEU D 115 38.04 54.14 14.17
C LEU D 115 38.64 54.02 15.56
N GLU D 116 39.81 53.39 15.68
CA GLU D 116 40.41 53.14 16.99
C GLU D 116 40.93 54.45 17.57
N LYS D 117 41.41 55.36 16.70
CA LYS D 117 41.92 56.63 17.20
C LYS D 117 40.74 57.58 17.44
N ALA D 118 39.55 57.21 16.99
CA ALA D 118 38.31 57.90 17.32
C ALA D 118 37.67 57.35 18.60
N GLY D 119 38.36 56.45 19.30
CA GLY D 119 37.82 55.84 20.52
C GLY D 119 36.62 54.92 20.27
N VAL D 120 36.48 54.41 19.03
CA VAL D 120 35.44 53.45 18.68
C VAL D 120 35.96 52.03 18.95
N PRO D 121 35.18 51.14 19.60
CA PRO D 121 35.62 49.76 19.78
C PRO D 121 35.39 48.91 18.54
N VAL D 122 36.40 48.10 18.20
CA VAL D 122 36.34 47.26 17.00
C VAL D 122 36.37 45.79 17.42
N VAL D 123 35.43 44.99 16.90
CA VAL D 123 35.34 43.57 17.24
C VAL D 123 35.52 42.74 15.98
N PHE D 124 36.46 41.77 16.07
CA PHE D 124 36.67 40.83 14.99
C PHE D 124 35.96 39.51 15.32
N VAL D 125 35.06 39.10 14.42
CA VAL D 125 34.39 37.80 14.46
C VAL D 125 34.78 37.01 13.21
N ASP D 126 34.40 35.72 13.15
CA ASP D 126 34.75 34.86 12.02
C ASP D 126 33.70 33.77 11.79
N PHE D 127 33.14 33.74 10.57
CA PHE D 127 32.38 32.61 10.07
C PHE D 127 32.96 32.06 8.77
N ARG D 128 34.21 32.42 8.42
CA ARG D 128 34.75 32.25 7.08
C ARG D 128 35.97 31.33 7.05
N THR D 129 37.00 31.64 7.86
CA THR D 129 38.23 30.89 7.73
C THR D 129 38.12 29.61 8.55
N SER D 130 37.59 29.70 9.78
CA SER D 130 37.38 28.53 10.63
C SER D 130 35.97 28.45 11.22
N PRO D 131 34.93 28.17 10.41
CA PRO D 131 33.56 28.16 10.92
C PRO D 131 33.33 27.23 12.12
N LEU D 132 33.97 26.05 12.12
CA LEU D 132 33.74 25.07 13.16
C LEU D 132 34.20 25.63 14.50
N LYS D 133 35.45 26.11 14.55
CA LYS D 133 36.00 26.67 15.77
C LYS D 133 35.21 27.92 16.19
N ASN D 134 34.82 28.78 15.24
CA ASN D 134 34.54 30.17 15.54
C ASN D 134 33.08 30.59 15.39
N THR D 135 32.21 29.78 14.75
CA THR D 135 30.88 30.30 14.45
C THR D 135 30.18 30.68 15.75
N LEU D 136 30.26 29.82 16.77
CA LEU D 136 29.46 30.02 17.96
C LEU D 136 30.16 31.03 18.87
N PRO D 137 31.45 30.88 19.19
CA PRO D 137 32.18 31.97 19.85
C PRO D 137 31.90 33.34 19.24
N SER D 138 31.85 33.40 17.90
CA SER D 138 31.52 34.65 17.22
C SER D 138 30.15 35.14 17.67
N MET D 139 29.15 34.25 17.72
CA MET D 139 27.80 34.66 18.13
C MET D 139 27.78 35.04 19.62
N ARG D 140 28.52 34.31 20.45
CA ARG D 140 28.58 34.58 21.88
C ARG D 140 29.12 35.99 22.12
N VAL D 141 30.14 36.36 21.34
CA VAL D 141 30.78 37.66 21.47
C VAL D 141 29.82 38.76 21.00
N LEU D 142 29.29 38.64 19.78
CA LEU D 142 28.32 39.61 19.33
C LEU D 142 27.16 39.74 20.32
N GLY D 143 26.82 38.65 21.03
CA GLY D 143 25.74 38.69 22.01
C GLY D 143 26.02 39.73 23.09
N LYS D 144 27.25 39.67 23.62
CA LYS D 144 27.65 40.53 24.71
C LYS D 144 27.81 41.97 24.22
N VAL D 145 28.64 42.17 23.19
CA VAL D 145 29.06 43.50 22.80
C VAL D 145 27.90 44.26 22.13
N LEU D 146 26.80 43.60 21.74
CA LEU D 146 25.69 44.32 21.14
C LEU D 146 24.44 44.27 22.01
N HIS D 147 24.60 43.84 23.27
CA HIS D 147 23.53 43.83 24.26
C HIS D 147 22.35 42.99 23.77
N ARG D 148 22.66 41.76 23.34
CA ARG D 148 21.62 40.85 22.83
C ARG D 148 22.06 39.43 23.23
N GLU D 149 22.53 39.26 24.46
CA GLU D 149 23.07 37.94 24.88
C GLU D 149 22.00 36.85 24.76
N GLN D 150 20.74 37.19 24.98
CA GLN D 150 19.66 36.17 24.96
C GLN D 150 19.41 35.67 23.54
N GLN D 151 19.22 36.59 22.61
CA GLN D 151 18.92 36.20 21.20
C GLN D 151 20.08 35.37 20.66
N ALA D 152 21.28 35.61 21.17
CA ALA D 152 22.48 34.86 20.74
C ALA D 152 22.51 33.49 21.40
N ASN D 153 22.31 33.46 22.72
CA ASN D 153 22.38 32.19 23.46
C ASN D 153 21.26 31.28 22.95
N ASP D 154 20.15 31.86 22.53
CA ASP D 154 19.03 31.06 21.95
C ASP D 154 19.47 30.47 20.61
N TYR D 155 20.12 31.27 19.77
CA TYR D 155 20.58 30.79 18.45
C TYR D 155 21.60 29.73 18.67
N ILE D 156 22.45 29.99 19.63
CA ILE D 156 23.52 29.01 19.86
C ILE D 156 22.93 27.63 20.17
N LYS D 157 21.97 27.56 21.10
CA LYS D 157 21.34 26.29 21.48
C LYS D 157 20.64 25.70 20.26
N PHE D 158 19.93 26.55 19.49
CA PHE D 158 19.26 26.10 18.27
C PHE D 158 20.26 25.56 17.25
N TYR D 159 21.43 26.21 17.12
CA TYR D 159 22.46 25.77 16.20
C TYR D 159 23.04 24.44 16.67
N GLU D 160 23.40 24.38 17.96
CA GLU D 160 24.02 23.18 18.50
C GLU D 160 23.14 21.95 18.27
N ASP D 161 21.83 22.10 18.54
CA ASP D 161 20.89 21.00 18.45
C ASP D 161 20.77 20.54 17.00
N ASN D 162 20.76 21.50 16.08
CA ASN D 162 20.58 21.17 14.67
C ASN D 162 21.87 20.59 14.09
N VAL D 163 23.01 20.87 14.70
CA VAL D 163 24.27 20.28 14.28
C VAL D 163 24.47 18.90 14.90
N ARG D 164 23.99 18.70 16.13
CA ARG D 164 24.10 17.41 16.80
C ARG D 164 23.31 16.35 16.02
N LYS D 165 22.22 16.73 15.38
CA LYS D 165 21.43 15.81 14.57
C LYS D 165 22.32 15.14 13.53
N VAL D 166 23.40 15.82 13.16
CA VAL D 166 24.33 15.31 12.17
C VAL D 166 25.52 14.66 12.85
N THR D 167 26.18 15.37 13.77
CA THR D 167 27.43 14.88 14.34
C THR D 167 27.20 13.61 15.16
N GLU D 168 26.01 13.42 15.74
CA GLU D 168 25.76 12.23 16.55
C GLU D 168 25.90 10.98 15.68
N ILE D 169 25.65 11.09 14.38
CA ILE D 169 25.78 9.96 13.46
C ILE D 169 27.17 9.97 12.81
N THR D 170 27.59 11.10 12.23
CA THR D 170 28.81 11.18 11.42
C THR D 170 30.08 11.06 12.26
N SER D 171 30.04 11.44 13.54
CA SER D 171 31.23 11.39 14.38
C SER D 171 31.77 9.97 14.53
N LYS D 172 30.91 8.95 14.37
CA LYS D 172 31.24 7.57 14.69
C LYS D 172 31.63 6.80 13.43
N ILE D 173 31.56 7.45 12.25
CA ILE D 173 31.82 6.81 10.97
C ILE D 173 33.34 6.77 10.73
N PRO D 174 33.91 5.59 10.39
CA PRO D 174 35.32 5.50 10.07
C PRO D 174 35.71 6.15 8.74
N ALA D 175 36.98 6.51 8.62
CA ALA D 175 37.44 7.30 7.48
C ALA D 175 37.25 6.53 6.18
N ASP D 176 37.36 5.21 6.22
CA ASP D 176 37.29 4.39 5.00
C ASP D 176 35.84 4.21 4.53
N LYS D 177 34.86 4.62 5.33
CA LYS D 177 33.46 4.55 4.93
C LYS D 177 32.99 5.88 4.36
N LYS D 178 33.83 6.92 4.45
CA LYS D 178 33.42 8.29 4.18
C LYS D 178 33.61 8.63 2.70
N PRO D 179 32.64 9.33 2.07
CA PRO D 179 32.77 9.68 0.66
C PRO D 179 33.75 10.82 0.40
N SER D 180 34.50 10.73 -0.70
CA SER D 180 35.36 11.82 -1.10
C SER D 180 34.50 12.89 -1.78
N VAL D 181 34.81 14.15 -1.48
CA VAL D 181 34.03 15.30 -1.89
C VAL D 181 34.99 16.36 -2.45
N PHE D 182 34.57 16.98 -3.55
CA PHE D 182 35.17 18.22 -3.98
C PHE D 182 34.10 19.29 -4.02
N ILE D 183 34.37 20.44 -3.40
CA ILE D 183 33.43 21.54 -3.51
C ILE D 183 34.08 22.65 -4.34
N GLU D 184 33.40 22.99 -5.43
CA GLU D 184 33.83 24.09 -6.30
C GLU D 184 33.04 25.33 -5.90
N LEU D 185 33.70 26.25 -5.22
CA LEU D 185 33.08 27.48 -4.77
C LEU D 185 32.93 28.42 -5.95
N ARG D 186 31.76 29.05 -6.06
CA ARG D 186 31.49 30.01 -7.12
C ARG D 186 31.79 29.36 -8.47
N ALA D 187 31.40 28.09 -8.62
CA ALA D 187 31.58 27.39 -9.87
C ALA D 187 31.03 28.26 -10.99
N GLY D 188 31.80 28.40 -12.09
CA GLY D 188 31.28 29.05 -13.30
C GLY D 188 32.18 30.17 -13.77
N GLU D 192 38.77 31.75 -13.39
CA GLU D 192 39.74 30.64 -13.33
C GLU D 192 38.98 29.32 -13.19
N CYS D 193 39.57 28.34 -12.50
CA CYS D 193 38.76 27.12 -12.26
C CYS D 193 39.23 26.27 -11.08
N CYS D 194 38.24 25.78 -10.35
CA CYS D 194 38.46 24.83 -9.24
C CYS D 194 38.87 25.62 -8.00
N GLY D 195 38.13 26.70 -7.74
CA GLY D 195 38.28 27.41 -6.46
C GLY D 195 37.56 26.52 -5.47
N THR D 196 38.07 26.40 -4.26
CA THR D 196 37.54 25.40 -3.37
C THR D 196 37.94 25.79 -1.95
N ALA D 197 37.76 24.89 -1.00
CA ALA D 197 38.10 25.15 0.38
C ALA D 197 38.99 24.04 0.86
N GLY D 198 39.89 24.37 1.78
CA GLY D 198 40.90 23.47 2.24
C GLY D 198 40.63 23.14 3.71
N LYS D 199 41.61 23.44 4.57
CA LYS D 199 41.45 23.25 6.01
C LYS D 199 40.73 24.47 6.58
N GLY D 200 39.44 24.57 6.27
CA GLY D 200 38.59 25.65 6.75
C GLY D 200 37.44 25.93 5.78
N ASN D 201 36.76 27.03 6.01
CA ASN D 201 35.60 27.42 5.24
C ASN D 201 34.68 26.20 5.11
N MET D 202 34.18 25.94 3.91
CA MET D 202 33.16 24.93 3.73
C MET D 202 33.77 23.53 3.93
N GLY D 203 35.09 23.43 4.01
CA GLY D 203 35.71 22.17 4.34
C GLY D 203 35.32 21.71 5.74
N ASP D 204 35.11 22.66 6.64
CA ASP D 204 34.70 22.34 7.97
C ASP D 204 33.32 21.67 7.92
N PHE D 205 32.48 22.10 6.95
CA PHE D 205 31.14 21.54 6.84
C PHE D 205 31.27 20.10 6.34
N ILE D 206 32.05 19.91 5.27
CA ILE D 206 32.37 18.59 4.76
C ILE D 206 32.86 17.71 5.91
N ASP D 207 33.78 18.21 6.72
CA ASP D 207 34.32 17.44 7.83
C ASP D 207 33.18 17.01 8.75
N GLN D 208 32.34 17.96 9.17
CA GLN D 208 31.31 17.65 10.16
C GLN D 208 30.23 16.72 9.60
N ALA D 209 29.92 16.85 8.30
CA ALA D 209 28.88 16.04 7.68
C ALA D 209 29.42 14.66 7.34
N GLY D 210 30.64 14.33 7.80
CA GLY D 210 31.18 12.99 7.61
C GLY D 210 31.77 12.77 6.20
N GLY D 211 32.13 13.85 5.52
CA GLY D 211 32.79 13.76 4.21
C GLY D 211 34.32 13.73 4.33
N ASN D 212 34.98 13.44 3.20
CA ASN D 212 36.42 13.52 3.05
C ASN D 212 36.71 14.52 1.94
N ASN D 213 37.10 15.73 2.34
CA ASN D 213 37.36 16.83 1.42
C ASN D 213 38.68 16.58 0.68
N MET D 214 38.62 16.39 -0.64
CA MET D 214 39.80 15.99 -1.40
C MET D 214 40.85 17.10 -1.37
N ALA D 215 40.42 18.36 -1.12
CA ALA D 215 41.28 19.53 -1.23
C ALA D 215 41.90 19.89 0.12
N LYS D 216 41.49 19.21 1.19
CA LYS D 216 41.93 19.54 2.52
C LYS D 216 43.46 19.57 2.61
N ASN D 217 44.14 18.63 1.96
CA ASN D 217 45.59 18.51 2.08
C ASN D 217 46.31 19.09 0.87
N LEU D 218 45.57 19.71 -0.07
CA LEU D 218 46.17 20.32 -1.23
C LEU D 218 46.43 21.79 -0.94
N LEU D 219 45.75 22.36 0.07
CA LEU D 219 45.74 23.81 0.28
C LEU D 219 46.19 24.16 1.69
N PRO D 220 47.06 25.18 1.84
CA PRO D 220 47.50 25.66 3.14
C PRO D 220 46.48 26.56 3.84
N GLY D 221 45.64 27.24 3.05
CA GLY D 221 44.62 28.13 3.58
C GLY D 221 43.24 27.48 3.61
N ALA D 222 42.29 28.23 4.18
CA ALA D 222 40.88 27.88 4.22
C ALA D 222 40.28 27.93 2.82
N LEU D 223 40.71 28.92 2.04
CA LEU D 223 40.28 29.03 0.67
C LEU D 223 41.49 28.89 -0.24
N GLY D 224 41.23 28.60 -1.51
CA GLY D 224 42.31 28.38 -2.44
C GLY D 224 41.75 27.86 -3.76
N THR D 225 42.65 27.59 -4.71
CA THR D 225 42.27 27.06 -6.01
C THR D 225 43.13 25.82 -6.29
N VAL D 226 42.53 24.93 -7.09
CA VAL D 226 43.16 23.65 -7.47
C VAL D 226 42.93 23.52 -8.97
N ASN D 227 43.82 22.85 -9.67
CA ASN D 227 43.77 22.71 -11.13
CA ASN D 227 43.76 22.72 -11.12
C ASN D 227 42.65 21.72 -11.45
N LEU D 228 41.90 21.94 -12.53
CA LEU D 228 40.79 21.03 -12.93
C LEU D 228 41.33 19.61 -13.09
N GLU D 229 42.52 19.50 -13.66
CA GLU D 229 43.07 18.17 -13.91
C GLU D 229 43.23 17.41 -12.60
N LYS D 230 43.48 18.11 -11.49
CA LYS D 230 43.64 17.46 -10.21
C LYS D 230 42.29 16.91 -9.72
N VAL D 231 41.22 17.62 -10.06
CA VAL D 231 39.89 17.19 -9.66
C VAL D 231 39.53 15.95 -10.49
N LEU D 232 39.75 16.02 -11.81
CA LEU D 232 39.38 14.94 -12.71
C LEU D 232 40.11 13.65 -12.34
N SER D 233 41.38 13.77 -11.96
CA SER D 233 42.20 12.60 -11.72
C SER D 233 41.85 11.96 -10.39
N THR D 234 41.58 12.77 -9.35
CA THR D 234 41.15 12.22 -8.07
C THR D 234 39.77 11.56 -8.24
N ASN D 235 38.93 12.20 -9.07
CA ASN D 235 37.62 11.70 -9.45
C ASN D 235 36.78 11.40 -8.20
N PRO D 236 36.42 12.44 -7.40
CA PRO D 236 35.75 12.26 -6.11
C PRO D 236 34.33 11.69 -6.21
N ASP D 237 33.90 11.01 -5.15
CA ASP D 237 32.61 10.36 -5.10
C ASP D 237 31.48 11.38 -5.25
N ILE D 238 31.67 12.58 -4.66
CA ILE D 238 30.64 13.60 -4.58
C ILE D 238 31.18 14.95 -5.08
N TYR D 239 30.38 15.65 -5.88
CA TYR D 239 30.71 16.97 -6.41
C TYR D 239 29.68 17.98 -5.90
N ILE D 240 30.16 19.12 -5.38
CA ILE D 240 29.30 20.20 -4.94
C ILE D 240 29.75 21.50 -5.58
N ALA D 241 28.79 22.24 -6.15
CA ALA D 241 29.09 23.57 -6.67
C ALA D 241 28.35 24.58 -5.82
N SER D 242 28.98 25.71 -5.51
CA SER D 242 28.30 26.77 -4.77
C SER D 242 28.03 27.93 -5.71
N GLY D 243 26.94 28.64 -5.44
CA GLY D 243 26.51 29.80 -6.21
C GLY D 243 25.46 30.60 -5.46
N GLY D 244 25.26 31.86 -5.85
CA GLY D 244 24.21 32.71 -5.30
C GLY D 244 23.66 33.68 -6.35
N LYS D 245 23.74 33.25 -7.61
CA LYS D 245 23.42 34.10 -8.75
C LYS D 245 21.90 34.23 -8.88
N ALA D 246 21.44 35.45 -9.16
CA ALA D 246 20.03 35.70 -9.41
C ALA D 246 19.60 34.96 -10.67
N PRO D 247 18.31 34.55 -10.78
CA PRO D 247 17.88 33.72 -11.90
C PRO D 247 17.93 34.42 -13.25
N ASP D 248 17.41 35.65 -13.31
CA ASP D 248 17.43 36.46 -14.53
C ASP D 248 18.78 37.17 -14.63
N ASN D 249 19.76 36.44 -15.18
CA ASN D 249 21.15 36.84 -15.24
C ASN D 249 21.91 35.70 -15.92
N ASN D 250 22.10 35.77 -17.24
CA ASN D 250 22.61 34.59 -17.94
C ASN D 250 24.13 34.50 -17.78
N ALA D 251 24.73 35.32 -16.90
CA ALA D 251 26.12 35.13 -16.47
C ALA D 251 26.28 33.74 -15.86
N PRO D 252 27.49 33.13 -15.91
CA PRO D 252 27.65 31.74 -15.51
C PRO D 252 27.69 31.57 -14.00
N GLY D 253 27.26 30.39 -13.54
CA GLY D 253 27.26 30.08 -12.11
C GLY D 253 25.98 29.38 -11.70
N VAL D 254 26.02 28.80 -10.51
CA VAL D 254 24.82 28.16 -9.99
C VAL D 254 23.92 29.25 -9.45
N SER D 255 22.63 29.13 -9.72
CA SER D 255 21.63 30.11 -9.33
C SER D 255 20.85 29.59 -8.12
N LEU D 256 21.06 30.23 -6.96
CA LEU D 256 20.42 29.86 -5.71
C LEU D 256 20.15 31.12 -4.91
N GLY D 257 19.21 31.03 -3.96
CA GLY D 257 18.87 32.14 -3.08
C GLY D 257 17.37 32.36 -2.99
N ALA D 258 16.99 33.47 -2.33
CA ALA D 258 15.61 33.71 -1.90
C ALA D 258 14.63 33.93 -3.05
N GLN D 259 15.12 34.20 -4.26
CA GLN D 259 14.24 34.42 -5.40
C GLN D 259 14.43 33.35 -6.48
N VAL D 260 14.99 32.18 -6.11
CA VAL D 260 15.22 31.12 -7.09
C VAL D 260 14.24 29.97 -6.82
N THR D 261 13.61 29.47 -7.89
CA THR D 261 12.74 28.32 -7.81
C THR D 261 13.56 27.05 -8.04
N LYS D 262 13.02 25.91 -7.56
CA LYS D 262 13.59 24.60 -7.79
C LYS D 262 14.00 24.43 -9.25
N GLU D 263 13.16 24.88 -10.19
CA GLU D 263 13.32 24.60 -11.60
C GLU D 263 14.43 25.47 -12.17
N GLN D 264 14.54 26.70 -11.67
CA GLN D 264 15.62 27.60 -12.05
C GLN D 264 16.97 27.05 -11.56
N ALA D 265 16.96 26.47 -10.35
CA ALA D 265 18.15 25.95 -9.70
C ALA D 265 18.72 24.74 -10.43
N GLN D 266 17.87 23.73 -10.68
CA GLN D 266 18.26 22.54 -11.45
C GLN D 266 18.81 22.91 -12.83
N SER D 267 18.12 23.83 -13.50
CA SER D 267 18.51 24.25 -14.84
C SER D 267 19.92 24.86 -14.82
N SER D 268 20.18 25.72 -13.82
CA SER D 268 21.46 26.41 -13.73
C SER D 268 22.54 25.44 -13.27
N LEU D 269 22.20 24.54 -12.34
CA LEU D 269 23.12 23.50 -11.88
C LEU D 269 23.57 22.65 -13.05
N GLN D 270 22.61 22.25 -13.89
CA GLN D 270 22.91 21.36 -15.00
C GLN D 270 23.91 22.04 -15.96
N THR D 271 23.76 23.36 -16.14
CA THR D 271 24.66 24.10 -17.01
C THR D 271 26.07 24.00 -16.45
N ILE D 272 26.20 24.09 -15.12
CA ILE D 272 27.49 23.99 -14.46
C ILE D 272 28.07 22.60 -14.64
N LEU D 273 27.23 21.56 -14.55
CA LEU D 273 27.68 20.19 -14.61
C LEU D 273 28.08 19.77 -16.03
N ASP D 274 27.70 20.56 -17.04
CA ASP D 274 27.91 20.24 -18.44
C ASP D 274 29.14 20.94 -19.02
N ARG D 275 29.98 21.47 -18.13
CA ARG D 275 31.18 22.19 -18.63
C ARG D 275 32.25 21.17 -19.03
N LYS D 276 33.10 21.52 -20.02
CA LYS D 276 34.21 20.64 -20.39
C LYS D 276 34.85 20.10 -19.12
N GLY D 277 35.19 18.80 -19.14
CA GLY D 277 35.96 18.19 -18.06
C GLY D 277 35.07 17.78 -16.88
N ILE D 278 34.29 18.73 -16.38
CA ILE D 278 33.46 18.51 -15.21
C ILE D 278 32.44 17.42 -15.49
N ASN D 279 31.97 17.35 -16.74
CA ASN D 279 30.91 16.43 -17.11
C ASN D 279 31.41 14.99 -17.25
N THR D 280 32.73 14.77 -17.20
CA THR D 280 33.27 13.42 -17.27
C THR D 280 33.41 12.84 -15.86
N LEU D 281 33.24 13.67 -14.82
CA LEU D 281 33.41 13.20 -13.45
C LEU D 281 32.45 12.04 -13.17
N SER D 282 32.97 11.00 -12.52
CA SER D 282 32.13 9.92 -12.03
C SER D 282 30.95 10.48 -11.25
N ALA D 283 31.23 11.39 -10.31
CA ALA D 283 30.21 11.91 -9.43
C ALA D 283 29.11 12.56 -10.24
N VAL D 284 29.47 13.17 -11.36
CA VAL D 284 28.47 13.79 -12.21
C VAL D 284 27.66 12.70 -12.92
N LYS D 285 28.36 11.67 -13.43
CA LYS D 285 27.72 10.59 -14.17
C LYS D 285 26.78 9.77 -13.27
N ASN D 286 27.16 9.56 -12.00
CA ASN D 286 26.36 8.86 -11.01
C ASN D 286 25.28 9.73 -10.35
N GLY D 287 25.22 11.02 -10.72
CA GLY D 287 24.28 11.96 -10.12
C GLY D 287 24.54 12.28 -8.63
N ARG D 288 25.75 12.06 -8.13
CA ARG D 288 26.10 12.53 -6.79
C ARG D 288 26.69 13.93 -6.93
N SER D 289 25.86 14.85 -7.43
CA SER D 289 26.29 16.20 -7.74
C SER D 289 25.20 17.19 -7.29
N TYR D 290 25.62 18.27 -6.61
CA TYR D 290 24.73 19.08 -5.81
C TYR D 290 25.10 20.54 -5.93
N GLY D 291 24.18 21.41 -5.47
CA GLY D 291 24.39 22.84 -5.43
C GLY D 291 24.08 23.37 -4.03
N ILE D 292 24.95 24.27 -3.53
CA ILE D 292 24.75 24.89 -2.23
C ILE D 292 24.90 26.39 -2.39
N TRP D 293 24.12 27.15 -1.63
CA TRP D 293 24.14 28.60 -1.69
C TRP D 293 25.49 29.07 -1.18
N HIS D 294 26.16 29.92 -1.97
CA HIS D 294 27.55 30.28 -1.73
C HIS D 294 27.72 30.98 -0.38
N ASN D 295 26.76 31.85 -0.05
CA ASN D 295 26.90 32.74 1.13
C ASN D 295 26.93 31.98 2.45
N PHE D 296 26.59 30.70 2.47
CA PHE D 296 26.77 29.93 3.68
C PHE D 296 28.25 29.83 4.02
N TYR D 297 29.14 30.31 3.15
CA TYR D 297 30.61 30.29 3.36
C TYR D 297 31.02 31.37 4.34
N ASN D 298 30.15 32.33 4.61
CA ASN D 298 30.41 33.36 5.64
C ASN D 298 29.09 33.70 6.32
N SER D 299 28.53 32.78 7.11
CA SER D 299 27.25 33.05 7.72
C SER D 299 26.97 32.03 8.81
N PRO D 300 26.42 32.45 9.98
CA PRO D 300 26.12 31.51 11.05
C PRO D 300 24.85 30.70 10.78
N TYR D 301 24.19 31.00 9.65
CA TYR D 301 23.15 30.15 9.11
C TYR D 301 23.75 28.87 8.53
N ASN D 302 25.08 28.68 8.65
CA ASN D 302 25.78 27.63 7.93
C ASN D 302 25.31 26.25 8.38
N VAL D 303 24.61 26.17 9.51
CA VAL D 303 24.07 24.91 9.97
C VAL D 303 23.23 24.26 8.87
N LEU D 304 22.58 25.08 8.03
CA LEU D 304 21.76 24.56 6.95
C LEU D 304 22.62 23.83 5.92
N ALA D 305 23.79 24.37 5.63
CA ALA D 305 24.71 23.73 4.71
C ALA D 305 25.21 22.43 5.30
N ILE D 306 25.57 22.43 6.58
CA ILE D 306 26.08 21.23 7.20
C ILE D 306 25.05 20.12 7.01
N GLN D 307 23.78 20.46 7.26
CA GLN D 307 22.69 19.51 7.20
C GLN D 307 22.46 19.04 5.77
N SER D 308 22.50 19.97 4.81
CA SER D 308 22.42 19.57 3.40
C SER D 308 23.56 18.62 3.03
N PHE D 309 24.78 18.85 3.54
CA PHE D 309 25.94 18.04 3.21
C PHE D 309 25.78 16.63 3.76
N ALA D 310 25.39 16.52 5.04
CA ALA D 310 25.18 15.22 5.66
C ALA D 310 24.20 14.39 4.83
N LYS D 311 23.11 15.05 4.43
CA LYS D 311 22.03 14.40 3.70
C LYS D 311 22.51 13.91 2.33
N TRP D 312 23.50 14.59 1.75
CA TRP D 312 24.04 14.19 0.46
C TRP D 312 25.03 13.08 0.64
N PHE D 313 25.78 13.15 1.73
CA PHE D 313 26.87 12.22 1.95
C PHE D 313 26.30 10.85 2.29
N TYR D 314 25.20 10.82 3.06
CA TYR D 314 24.58 9.57 3.49
C TYR D 314 23.07 9.62 3.32
N PRO D 315 22.52 9.55 2.10
CA PRO D 315 21.12 9.89 1.87
C PRO D 315 20.10 9.19 2.76
N GLN D 316 20.33 7.91 3.03
CA GLN D 316 19.33 7.10 3.71
C GLN D 316 19.38 7.33 5.21
N GLN D 317 20.60 7.38 5.77
CA GLN D 317 20.83 7.63 7.19
C GLN D 317 20.22 8.98 7.59
N PHE D 318 20.12 9.92 6.64
CA PHE D 318 19.56 11.23 6.92
C PHE D 318 18.32 11.48 6.06
N ALA D 319 17.52 10.42 5.86
CA ALA D 319 16.34 10.51 5.01
C ALA D 319 15.30 11.42 5.67
N ASP D 320 15.23 11.39 7.01
CA ASP D 320 14.22 12.12 7.76
C ASP D 320 14.70 13.51 8.19
N LEU D 321 15.99 13.81 8.05
CA LEU D 321 16.48 15.15 8.29
C LEU D 321 15.98 16.08 7.17
N ASP D 322 15.36 17.22 7.54
CA ASP D 322 14.92 18.20 6.56
C ASP D 322 15.49 19.59 6.85
N PRO D 323 16.46 20.05 6.04
CA PRO D 323 16.97 21.42 6.15
C PRO D 323 15.90 22.49 6.02
N ASN D 324 14.91 22.27 5.14
CA ASN D 324 13.81 23.21 4.98
C ASN D 324 13.09 23.47 6.31
N ASN D 325 12.90 22.40 7.09
CA ASN D 325 12.38 22.52 8.43
C ASN D 325 13.27 23.45 9.24
N THR D 326 14.57 23.13 9.31
CA THR D 326 15.51 23.89 10.12
C THR D 326 15.47 25.35 9.71
N MET D 327 15.41 25.61 8.40
CA MET D 327 15.41 26.96 7.89
C MET D 327 14.12 27.65 8.35
N ASN D 328 12.97 26.98 8.20
CA ASN D 328 11.70 27.57 8.60
C ASN D 328 11.73 27.89 10.09
N SER D 329 12.29 26.99 10.92
CA SER D 329 12.42 27.26 12.34
C SER D 329 13.28 28.49 12.61
N LEU D 330 14.38 28.62 11.85
CA LEU D 330 15.33 29.71 12.08
C LEU D 330 14.66 31.05 11.79
N TYR D 331 13.98 31.15 10.64
CA TYR D 331 13.28 32.37 10.28
C TYR D 331 12.18 32.68 11.28
N SER D 332 11.35 31.70 11.60
CA SER D 332 10.29 31.89 12.58
C SER D 332 10.83 32.51 13.86
N GLN D 333 11.92 31.95 14.37
CA GLN D 333 12.32 32.20 15.75
C GLN D 333 13.18 33.46 15.86
N PHE D 334 13.86 33.88 14.78
CA PHE D 334 14.90 34.89 14.90
C PHE D 334 14.73 36.04 13.90
N LEU D 335 14.10 35.80 12.75
CA LEU D 335 14.10 36.78 11.67
C LEU D 335 12.75 37.46 11.52
N ALA D 336 12.72 38.42 10.60
CA ALA D 336 11.61 39.29 10.38
C ALA D 336 11.15 39.24 8.92
N ILE D 337 11.63 38.27 8.15
CA ILE D 337 11.09 38.07 6.80
C ILE D 337 10.66 36.61 6.68
N GLU D 338 9.99 36.30 5.56
CA GLU D 338 9.54 34.94 5.31
C GLU D 338 10.56 34.25 4.42
N PRO D 339 10.93 32.97 4.71
CA PRO D 339 11.80 32.21 3.82
C PRO D 339 11.18 32.02 2.45
N THR D 340 11.99 32.18 1.41
CA THR D 340 11.56 31.90 0.05
C THR D 340 12.77 31.33 -0.68
N GLY D 341 12.51 30.74 -1.86
CA GLY D 341 13.53 30.37 -2.81
C GLY D 341 14.13 28.99 -2.53
N THR D 342 15.32 28.78 -3.09
CA THR D 342 16.02 27.51 -3.06
C THR D 342 17.47 27.77 -2.64
N TYR D 343 17.88 27.19 -1.52
CA TYR D 343 19.24 27.34 -1.03
C TYR D 343 20.07 26.05 -1.20
N TRP D 344 19.50 25.00 -1.80
CA TRP D 344 20.22 23.79 -2.12
C TRP D 344 19.46 23.01 -3.18
N VAL D 345 20.18 22.21 -3.97
CA VAL D 345 19.52 21.50 -5.06
C VAL D 345 20.29 20.23 -5.45
N ASP D 346 19.55 19.26 -6.02
CA ASP D 346 20.11 17.99 -6.49
C ASP D 346 19.97 17.90 -8.00
N SER D 347 20.83 17.07 -8.63
CA SER D 347 20.79 16.79 -10.06
C SER D 347 19.35 16.71 -10.60
#